data_7RGA
#
_entry.id   7RGA
#
_cell.length_a   173.200
_cell.length_b   143.969
_cell.length_c   181.814
_cell.angle_alpha   90.00
_cell.angle_beta   94.34
_cell.angle_gamma   90.00
#
_symmetry.space_group_name_H-M   'I 1 2 1'
#
loop_
_entity.id
_entity.type
_entity.pdbx_description
1 polymer 'nano CLostridial Antibody Mimetic Protein 3 VHH'
2 non-polymer METHOTREXATE
3 non-polymer 'SODIUM ION'
4 water water
#
_entity_poly.entity_id   1
_entity_poly.type   'polypeptide(L)'
_entity_poly.pdbx_seq_one_letter_code
;DHHHHHHSNPSLIRSESWHVYDGNEANLLDGDDNTGVWYKRSNGEASLAGEFIGLDLGKEIKLDGIRFVIGKNGGGSSDK
WNKFKLEYSLDNESWTTIKEYDKTGAPAGKDVIEESFETPISAKYIRLTNLEPRHVQLTFSEFAIVSDGGSGSGASGSGS
GSGSGASGGSSGGSGGSGGGGSQVQLVESGGGLVQAGGSLRLSCAASRRSSRSWAMAWFRQAPGKEREFVAKISGDGRLT
TYGDSVKGRFTISRDNAEYLVYLQMDSLKPEDTAVYYCAADDNYVTASWRSGPDYWGQGTQVTVSS
;
_entity_poly.pdbx_strand_id   A,B,C,D,E,F,G
#
loop_
_chem_comp.id
_chem_comp.type
_chem_comp.name
_chem_comp.formula
MTX non-polymer METHOTREXATE 'C20 H22 N8 O5'
NA non-polymer 'SODIUM ION' 'Na 1'
#
# COMPACT_ATOMS: atom_id res chain seq x y z
N ASN A 9 39.53 4.58 -7.52
CA ASN A 9 39.56 6.04 -7.87
C ASN A 9 38.36 6.94 -7.55
N PRO A 10 37.14 6.53 -7.98
CA PRO A 10 35.99 7.46 -8.01
C PRO A 10 35.41 7.74 -6.62
N SER A 11 35.00 8.98 -6.38
CA SER A 11 34.50 9.34 -5.07
C SER A 11 32.98 9.63 -5.13
N LEU A 12 32.28 9.52 -4.02
CA LEU A 12 30.85 9.85 -3.98
C LEU A 12 30.57 11.37 -3.87
N ILE A 13 29.59 11.89 -4.61
CA ILE A 13 28.99 13.21 -4.42
C ILE A 13 27.51 12.97 -4.14
N ARG A 14 26.94 13.70 -3.18
CA ARG A 14 25.52 13.64 -2.97
C ARG A 14 24.99 14.92 -2.33
N SER A 15 23.70 14.93 -2.01
CA SER A 15 23.11 16.18 -1.67
C SER A 15 23.66 16.67 -0.34
N GLU A 16 23.85 17.95 -0.26
CA GLU A 16 24.42 18.50 0.92
C GLU A 16 23.57 18.53 2.14
N SER A 17 22.32 18.11 2.09
CA SER A 17 21.47 18.28 3.30
C SER A 17 21.12 16.94 3.88
N TRP A 18 21.69 15.90 3.30
CA TRP A 18 21.54 14.57 3.81
C TRP A 18 22.57 14.38 4.88
N HIS A 19 22.33 13.51 5.85
CA HIS A 19 23.40 13.01 6.75
C HIS A 19 23.20 11.53 7.12
N VAL A 20 24.21 10.86 7.66
CA VAL A 20 24.14 9.41 7.74
C VAL A 20 23.55 8.98 9.00
N TYR A 21 22.54 8.15 8.95
CA TYR A 21 21.95 7.66 10.17
C TYR A 21 22.54 6.31 10.48
N ASP A 22 22.92 5.55 9.45
CA ASP A 22 23.39 4.20 9.70
C ASP A 22 24.32 3.66 8.63
N GLY A 23 25.30 2.82 8.99
CA GLY A 23 26.34 2.41 8.01
C GLY A 23 27.19 3.61 7.54
N ASN A 24 27.88 3.53 6.43
CA ASN A 24 28.59 4.75 6.00
C ASN A 24 29.08 4.75 4.56
N GLU A 25 29.43 5.94 4.07
CA GLU A 25 29.47 6.14 2.66
C GLU A 25 30.41 5.23 1.93
N ALA A 26 31.35 4.59 2.61
CA ALA A 26 32.22 3.64 1.95
C ALA A 26 31.46 2.38 1.52
N ASN A 27 30.33 2.12 2.16
CA ASN A 27 29.57 0.95 1.81
C ASN A 27 29.04 1.07 0.37
N LEU A 28 28.91 2.32 -0.02
CA LEU A 28 28.38 2.63 -1.29
C LEU A 28 29.54 2.69 -2.24
N LEU A 29 30.55 1.83 -2.14
CA LEU A 29 31.72 1.96 -3.04
C LEU A 29 32.58 0.76 -2.86
N ASP A 30 32.15 -0.06 -1.90
CA ASP A 30 32.85 -1.24 -1.47
C ASP A 30 32.67 -2.42 -2.43
N GLY A 31 31.97 -2.20 -3.52
CA GLY A 31 31.67 -3.31 -4.43
C GLY A 31 30.68 -4.36 -3.92
N ASP A 32 30.01 -4.13 -2.79
CA ASP A 32 29.18 -5.16 -2.23
C ASP A 32 27.70 -4.73 -1.96
N ASP A 33 26.77 -5.45 -2.58
CA ASP A 33 25.34 -5.09 -2.56
C ASP A 33 24.59 -5.11 -1.21
N ASN A 34 25.26 -5.48 -0.11
CA ASN A 34 24.48 -5.62 1.14
C ASN A 34 25.09 -4.89 2.28
N THR A 35 25.74 -3.82 1.91
CA THR A 35 26.34 -2.91 2.83
C THR A 35 25.70 -1.62 2.32
N GLY A 36 25.06 -0.86 3.21
CA GLY A 36 24.29 0.26 2.73
C GLY A 36 24.62 1.56 3.40
N VAL A 37 23.79 2.59 3.17
CA VAL A 37 23.78 3.77 4.02
C VAL A 37 22.33 4.08 4.15
N TRP A 38 21.90 4.57 5.28
CA TRP A 38 20.56 5.07 5.40
C TRP A 38 20.67 6.56 5.71
N TYR A 39 20.05 7.44 4.93
CA TYR A 39 20.25 8.87 5.15
C TYR A 39 19.10 9.43 5.89
N LYS A 40 19.33 10.53 6.60
CA LYS A 40 18.26 11.39 7.06
C LYS A 40 18.49 12.71 6.40
N ARG A 41 17.57 13.64 6.54
CA ARG A 41 17.68 14.92 5.90
C ARG A 41 17.50 16.00 6.92
N SER A 42 18.21 17.10 6.78
CA SER A 42 18.09 18.19 7.72
C SER A 42 17.13 19.18 7.12
N ASN A 43 16.34 19.81 7.96
CA ASN A 43 15.33 20.79 7.59
C ASN A 43 14.29 20.28 6.63
N GLY A 44 13.42 19.42 7.14
CA GLY A 44 12.36 18.82 6.38
C GLY A 44 12.71 17.44 5.95
N GLU A 45 11.81 16.52 6.23
CA GLU A 45 11.95 15.14 5.84
C GLU A 45 11.88 14.94 4.36
N ALA A 46 11.15 15.77 3.62
CA ALA A 46 10.91 15.41 2.22
C ALA A 46 12.11 15.68 1.35
N SER A 47 12.32 14.81 0.37
CA SER A 47 13.47 14.96 -0.49
C SER A 47 13.08 15.77 -1.69
N LEU A 48 13.52 17.04 -1.73
CA LEU A 48 13.09 17.94 -2.78
C LEU A 48 13.63 17.47 -4.10
N ALA A 49 13.15 18.05 -5.19
CA ALA A 49 13.60 17.66 -6.51
C ALA A 49 14.87 18.43 -6.75
N GLY A 50 15.84 17.84 -7.45
CA GLY A 50 17.12 18.54 -7.67
C GLY A 50 18.18 17.88 -6.82
N GLU A 51 17.69 17.14 -5.81
CA GLU A 51 18.48 16.38 -4.90
C GLU A 51 19.09 15.24 -5.63
N PHE A 52 20.32 14.90 -5.30
CA PHE A 52 21.07 13.97 -6.10
C PHE A 52 22.05 13.12 -5.34
N ILE A 53 22.45 11.99 -5.90
CA ILE A 53 23.56 11.22 -5.38
C ILE A 53 24.21 10.49 -6.54
N GLY A 54 25.53 10.38 -6.54
CA GLY A 54 26.27 9.80 -7.68
C GLY A 54 27.78 9.84 -7.53
N LEU A 55 28.55 9.90 -8.62
CA LEU A 55 30.02 9.77 -8.56
C LEU A 55 30.69 10.97 -9.17
N ASP A 56 31.75 11.40 -8.51
CA ASP A 56 32.76 12.25 -9.10
C ASP A 56 33.87 11.33 -9.52
N LEU A 57 34.05 11.21 -10.82
CA LEU A 57 34.92 10.19 -11.39
C LEU A 57 36.44 10.48 -11.33
N GLY A 58 36.82 11.74 -11.20
CA GLY A 58 38.21 12.09 -11.08
C GLY A 58 38.65 12.90 -12.28
N LYS A 59 38.27 12.47 -13.49
CA LYS A 59 38.71 13.07 -14.76
C LYS A 59 37.72 12.73 -15.91
N GLU A 60 37.78 13.44 -17.04
CA GLU A 60 36.97 13.14 -18.25
C GLU A 60 37.22 11.66 -18.57
N ILE A 61 36.20 10.83 -18.77
CA ILE A 61 36.47 9.39 -19.09
C ILE A 61 35.33 8.65 -19.86
N LYS A 62 35.74 7.68 -20.71
CA LYS A 62 34.86 6.88 -21.57
C LYS A 62 34.04 5.86 -20.78
N LEU A 63 32.74 6.09 -20.60
CA LEU A 63 31.93 5.16 -19.80
C LEU A 63 31.20 4.13 -20.60
N ASP A 64 31.30 2.88 -20.21
CA ASP A 64 30.59 1.84 -20.95
C ASP A 64 29.26 1.44 -20.32
N GLY A 65 28.87 2.12 -19.25
CA GLY A 65 27.71 1.68 -18.47
C GLY A 65 27.87 2.07 -16.99
N ILE A 66 26.83 1.82 -16.18
CA ILE A 66 26.80 2.12 -14.76
C ILE A 66 25.92 1.05 -14.17
N ARG A 67 26.12 0.80 -12.89
CA ARG A 67 25.34 -0.14 -12.14
C ARG A 67 25.26 0.54 -10.81
N PHE A 68 24.10 1.15 -10.53
CA PHE A 68 23.86 1.80 -9.24
C PHE A 68 22.84 0.98 -8.54
N VAL A 69 23.06 0.62 -7.28
CA VAL A 69 22.00 -0.07 -6.51
C VAL A 69 21.39 0.90 -5.52
N ILE A 70 20.12 1.23 -5.70
CA ILE A 70 19.46 2.21 -4.84
C ILE A 70 18.55 1.45 -3.94
N GLY A 71 18.29 1.98 -2.75
CA GLY A 71 17.49 1.30 -1.76
C GLY A 71 18.40 0.38 -0.98
N LYS A 72 18.05 0.04 0.23
CA LYS A 72 18.88 -0.87 0.98
C LYS A 72 18.03 -1.98 1.48
N ASN A 73 18.65 -3.14 1.58
CA ASN A 73 18.02 -4.36 2.04
C ASN A 73 17.09 -4.22 3.22
N GLY A 74 15.94 -4.86 3.13
CA GLY A 74 15.00 -4.81 4.21
C GLY A 74 13.63 -4.58 3.67
N GLY A 75 12.61 -4.92 4.44
CA GLY A 75 11.25 -4.77 4.01
C GLY A 75 10.64 -3.93 5.11
N GLY A 76 11.08 -2.69 5.19
CA GLY A 76 10.61 -1.77 6.17
C GLY A 76 9.91 -0.71 5.42
N SER A 77 10.23 0.54 5.65
CA SER A 77 9.57 1.62 4.95
C SER A 77 10.03 1.82 3.55
N SER A 78 9.38 2.68 2.79
CA SER A 78 9.82 2.82 1.40
C SER A 78 11.13 3.57 1.42
N ASP A 79 12.11 3.11 0.65
CA ASP A 79 13.45 3.70 0.65
C ASP A 79 13.94 4.31 -0.67
N LYS A 80 13.08 4.40 -1.67
CA LYS A 80 13.47 4.93 -2.97
C LYS A 80 12.66 6.15 -3.46
N TRP A 81 13.35 7.04 -4.16
CA TRP A 81 12.71 8.02 -5.01
C TRP A 81 11.64 7.46 -5.97
N ASN A 82 10.73 8.34 -6.44
CA ASN A 82 9.72 7.85 -7.36
C ASN A 82 10.05 8.11 -8.82
N LYS A 83 10.46 9.35 -9.07
CA LYS A 83 10.70 9.82 -10.37
C LYS A 83 12.04 10.46 -10.29
N PHE A 84 12.99 9.95 -11.04
CA PHE A 84 14.36 10.53 -11.03
C PHE A 84 15.01 10.35 -12.37
N LYS A 85 16.11 11.09 -12.56
CA LYS A 85 16.87 10.99 -13.81
C LYS A 85 18.30 10.62 -13.58
N LEU A 86 18.87 9.91 -14.54
CA LEU A 86 20.32 9.64 -14.57
C LEU A 86 20.95 10.64 -15.54
N GLU A 87 21.86 11.47 -15.07
CA GLU A 87 22.46 12.48 -15.92
C GLU A 87 23.97 12.44 -15.74
N TYR A 88 24.70 13.01 -16.70
CA TYR A 88 26.15 13.13 -16.57
C TYR A 88 26.65 14.52 -16.93
N SER A 89 27.90 14.79 -16.60
CA SER A 89 28.43 16.11 -16.79
C SER A 89 29.94 16.11 -16.84
N LEU A 90 30.50 17.14 -17.47
CA LEU A 90 31.95 17.23 -17.65
C LEU A 90 32.55 18.19 -16.64
N ASP A 91 31.74 19.17 -16.26
CA ASP A 91 32.25 20.32 -15.55
C ASP A 91 31.53 20.48 -14.21
N ASN A 92 30.49 19.66 -14.04
CA ASN A 92 29.62 19.72 -12.89
C ASN A 92 28.78 21.02 -12.76
N GLU A 93 28.64 21.76 -13.87
CA GLU A 93 27.62 22.82 -13.97
C GLU A 93 26.46 22.33 -14.87
N SER A 94 26.80 21.67 -15.98
CA SER A 94 25.77 21.29 -16.97
C SER A 94 25.56 19.84 -17.07
N TRP A 95 24.31 19.46 -17.02
CA TRP A 95 24.03 18.07 -16.92
C TRP A 95 23.23 17.61 -18.08
N THR A 96 23.33 16.33 -18.41
CA THR A 96 22.60 15.79 -19.54
C THR A 96 21.87 14.49 -19.24
N THR A 97 20.57 14.48 -19.45
CA THR A 97 19.89 13.26 -19.12
C THR A 97 20.23 12.04 -19.98
N ILE A 98 20.72 10.99 -19.35
CA ILE A 98 20.67 9.73 -19.99
C ILE A 98 19.27 9.14 -19.85
N LYS A 99 18.72 8.92 -18.68
CA LYS A 99 17.45 8.26 -18.70
C LYS A 99 16.61 8.82 -17.67
N GLU A 100 15.34 8.52 -17.80
CA GLU A 100 14.40 8.88 -16.76
C GLU A 100 13.63 7.63 -16.25
N TYR A 101 13.36 7.57 -14.94
CA TYR A 101 12.72 6.36 -14.37
C TYR A 101 11.50 6.81 -13.66
N ASP A 102 10.49 5.97 -13.64
CA ASP A 102 9.36 6.24 -12.78
C ASP A 102 9.33 4.96 -12.00
N LYS A 103 9.70 4.99 -10.72
CA LYS A 103 9.62 3.76 -10.00
C LYS A 103 8.47 3.71 -9.01
N THR A 104 7.47 4.57 -9.24
CA THR A 104 6.29 4.71 -8.37
C THR A 104 5.63 3.40 -8.09
N GLY A 105 5.65 3.04 -6.82
CA GLY A 105 4.93 1.88 -6.38
C GLY A 105 5.82 0.70 -6.15
N ALA A 106 7.12 0.89 -6.33
CA ALA A 106 8.08 -0.17 -6.13
C ALA A 106 8.08 -0.49 -4.67
N PRO A 107 8.12 -1.80 -4.35
CA PRO A 107 8.33 -2.23 -2.95
C PRO A 107 9.72 -1.76 -2.44
N ALA A 108 9.83 -1.55 -1.13
CA ALA A 108 11.08 -1.11 -0.52
C ALA A 108 12.17 -2.14 -0.75
N GLY A 109 13.45 -1.79 -0.76
CA GLY A 109 14.43 -2.83 -1.00
C GLY A 109 15.43 -2.45 -2.04
N LYS A 110 16.36 -3.33 -2.36
CA LYS A 110 17.37 -3.00 -3.37
C LYS A 110 16.74 -2.83 -4.73
N ASP A 111 17.18 -1.86 -5.53
CA ASP A 111 16.78 -1.84 -6.93
C ASP A 111 18.01 -1.64 -7.73
N VAL A 112 18.32 -2.59 -8.56
CA VAL A 112 19.54 -2.57 -9.33
C VAL A 112 19.25 -1.72 -10.55
N ILE A 113 20.04 -0.71 -10.78
CA ILE A 113 19.76 0.13 -11.93
C ILE A 113 20.95 -0.05 -12.86
N GLU A 114 20.79 -0.90 -13.89
CA GLU A 114 21.90 -1.26 -14.77
C GLU A 114 21.72 -0.74 -16.20
N GLU A 115 22.74 -0.05 -16.70
CA GLU A 115 22.67 0.50 -18.03
C GLU A 115 23.95 0.22 -18.85
N SER A 116 23.77 -0.10 -20.15
CA SER A 116 24.92 -0.17 -21.06
C SER A 116 24.95 1.03 -21.93
N PHE A 117 26.13 1.55 -22.21
CA PHE A 117 26.21 2.69 -23.08
C PHE A 117 26.78 2.20 -24.37
N GLU A 118 25.93 1.64 -25.22
CA GLU A 118 26.39 1.14 -26.51
C GLU A 118 27.34 2.17 -27.11
N THR A 119 27.10 3.43 -26.80
CA THR A 119 27.94 4.53 -27.28
C THR A 119 28.69 5.13 -26.10
N PRO A 120 29.97 4.76 -25.95
CA PRO A 120 30.84 5.22 -24.87
C PRO A 120 30.75 6.72 -24.59
N ILE A 121 29.89 7.09 -23.64
CA ILE A 121 29.73 8.49 -23.28
C ILE A 121 30.93 8.93 -22.46
N SER A 122 31.22 10.23 -22.45
CA SER A 122 32.36 10.73 -21.72
C SER A 122 32.05 11.83 -20.69
N ALA A 123 32.29 11.48 -19.43
CA ALA A 123 31.85 12.24 -18.28
C ALA A 123 32.90 12.30 -17.16
N LYS A 124 32.82 13.34 -16.33
CA LYS A 124 33.62 13.43 -15.14
C LYS A 124 32.71 13.13 -13.92
N TYR A 125 31.43 13.47 -14.05
CA TYR A 125 30.45 13.29 -13.00
C TYR A 125 29.28 12.55 -13.60
N ILE A 126 28.70 11.61 -12.89
CA ILE A 126 27.45 10.99 -13.32
C ILE A 126 26.58 10.62 -12.11
N ARG A 127 25.29 10.96 -12.07
CA ARG A 127 24.51 10.77 -10.85
C ARG A 127 23.04 10.50 -11.15
N LEU A 128 22.28 10.05 -10.15
CA LEU A 128 20.77 10.03 -10.16
C LEU A 128 20.29 11.33 -9.51
N THR A 129 19.43 12.07 -10.19
CA THR A 129 18.88 13.28 -9.63
C THR A 129 17.37 13.20 -9.54
N ASN A 130 16.80 13.79 -8.49
CA ASN A 130 15.38 13.61 -8.17
C ASN A 130 14.53 14.59 -8.93
N LEU A 131 13.36 14.10 -9.33
CA LEU A 131 12.39 14.88 -10.15
C LEU A 131 11.10 15.42 -9.45
N GLU A 132 10.42 14.61 -8.64
CA GLU A 132 9.35 15.17 -7.82
C GLU A 132 9.67 14.88 -6.33
N PRO A 133 9.17 15.72 -5.39
CA PRO A 133 9.38 15.58 -3.94
C PRO A 133 9.04 14.17 -3.44
N ARG A 134 9.90 13.63 -2.56
CA ARG A 134 9.66 12.33 -2.00
C ARG A 134 9.69 12.35 -0.49
N HIS A 135 8.56 11.95 0.10
CA HIS A 135 8.40 11.85 1.55
C HIS A 135 8.74 10.47 2.04
N VAL A 136 9.96 10.03 1.78
CA VAL A 136 10.45 8.86 2.46
C VAL A 136 11.85 9.14 2.97
N GLN A 137 12.52 8.16 3.57
CA GLN A 137 13.88 8.31 4.01
C GLN A 137 14.73 7.41 3.18
N LEU A 138 15.63 8.01 2.44
CA LEU A 138 16.35 7.31 1.38
C LEU A 138 17.44 6.42 1.87
N THR A 139 17.42 5.14 1.45
CA THR A 139 18.59 4.32 1.54
C THR A 139 19.22 4.01 0.19
N PHE A 140 20.46 3.54 0.19
CA PHE A 140 21.25 3.21 -1.02
C PHE A 140 22.25 2.06 -0.75
N SER A 141 22.66 1.32 -1.79
CA SER A 141 23.65 0.26 -1.59
C SER A 141 24.95 0.29 -2.39
N GLU A 142 24.95 0.60 -3.68
CA GLU A 142 26.20 0.51 -4.40
C GLU A 142 26.21 1.55 -5.50
N PHE A 143 27.37 2.02 -5.93
CA PHE A 143 27.49 2.89 -7.10
C PHE A 143 28.77 2.61 -7.86
N ALA A 144 28.66 1.90 -8.98
CA ALA A 144 29.80 1.52 -9.81
C ALA A 144 29.68 2.07 -11.24
N ILE A 145 30.80 2.02 -11.98
CA ILE A 145 30.81 2.24 -13.43
C ILE A 145 31.41 1.04 -14.18
N VAL A 146 31.19 0.98 -15.49
CA VAL A 146 31.96 0.08 -16.30
C VAL A 146 32.74 0.85 -17.36
N SER A 147 33.96 0.40 -17.63
CA SER A 147 34.92 1.11 -18.44
C SER A 147 35.97 0.14 -18.99
N ASP A 148 36.39 0.33 -20.24
CA ASP A 148 37.20 -0.70 -20.97
C ASP A 148 38.50 -0.16 -21.60
N SER A 182 16.75 -8.16 13.19
CA SER A 182 17.69 -7.11 13.57
C SER A 182 17.10 -6.15 14.60
N GLN A 183 16.35 -6.72 15.53
CA GLN A 183 15.76 -6.00 16.65
C GLN A 183 14.76 -4.85 16.51
N VAL A 184 14.53 -4.32 15.31
CA VAL A 184 13.60 -3.21 14.99
C VAL A 184 13.98 -1.82 15.50
N GLN A 185 14.14 -0.90 14.57
CA GLN A 185 14.53 0.44 14.91
C GLN A 185 13.66 1.48 14.25
N LEU A 186 13.11 2.40 15.02
CA LEU A 186 12.33 3.49 14.40
C LEU A 186 13.21 4.70 14.15
N VAL A 187 13.03 5.47 13.09
CA VAL A 187 13.93 6.61 12.81
C VAL A 187 13.26 7.88 12.38
N GLU A 188 13.48 8.95 13.10
CA GLU A 188 12.92 10.26 12.76
C GLU A 188 13.87 10.98 11.83
N SER A 189 13.34 11.75 10.89
CA SER A 189 14.13 12.50 9.95
C SER A 189 13.53 13.86 9.80
N GLY A 190 14.26 14.73 9.16
CA GLY A 190 13.86 16.11 9.08
C GLY A 190 14.42 16.78 10.32
N GLY A 191 13.94 17.95 10.63
CA GLY A 191 14.43 18.59 11.83
C GLY A 191 15.66 19.41 11.65
N GLY A 192 15.54 20.65 12.03
CA GLY A 192 16.62 21.56 11.92
C GLY A 192 16.17 22.84 12.53
N LEU A 193 16.66 23.92 11.99
CA LEU A 193 16.29 25.20 12.57
C LEU A 193 15.51 26.01 11.58
N VAL A 194 14.41 26.60 12.06
CA VAL A 194 13.51 27.34 11.20
C VAL A 194 13.06 28.53 12.01
N GLN A 195 12.77 29.68 11.39
CA GLN A 195 12.51 30.84 12.22
C GLN A 195 11.04 30.91 12.60
N ALA A 196 10.72 31.62 13.67
CA ALA A 196 9.35 31.66 14.26
C ALA A 196 8.31 31.94 13.22
N GLY A 197 7.22 31.20 13.29
CA GLY A 197 6.19 31.31 12.27
C GLY A 197 6.35 30.43 11.05
N GLY A 198 7.53 29.88 10.81
CA GLY A 198 7.68 28.95 9.68
C GLY A 198 7.11 27.56 9.89
N SER A 199 7.49 26.64 9.03
CA SER A 199 6.90 25.30 9.05
C SER A 199 8.02 24.33 8.92
N LEU A 200 7.85 23.19 9.53
CA LEU A 200 8.75 22.14 9.28
C LEU A 200 7.99 20.84 9.42
N ARG A 201 8.34 19.85 8.58
CA ARG A 201 7.72 18.53 8.64
C ARG A 201 8.67 17.34 8.90
N LEU A 202 8.28 16.40 9.76
CA LEU A 202 9.14 15.31 10.14
C LEU A 202 8.58 13.99 9.72
N SER A 203 9.41 12.97 9.53
CA SER A 203 8.87 11.63 9.26
C SER A 203 9.54 10.60 10.12
N CYS A 204 8.89 9.47 10.33
CA CYS A 204 9.50 8.40 11.09
C CYS A 204 9.38 7.15 10.28
N ALA A 205 10.50 6.59 9.89
CA ALA A 205 10.55 5.31 9.14
C ALA A 205 10.73 4.12 10.03
N ALA A 206 10.70 2.93 9.50
CA ALA A 206 10.98 1.76 10.30
C ALA A 206 11.79 0.76 9.53
N SER A 207 12.53 -0.08 10.21
CA SER A 207 13.50 -0.92 9.50
C SER A 207 12.94 -2.28 9.18
N ARG A 208 11.74 -2.57 9.70
CA ARG A 208 11.06 -3.87 9.61
C ARG A 208 9.59 -3.51 9.71
N ARG A 209 8.70 -4.35 9.17
CA ARG A 209 7.29 -4.04 9.08
C ARG A 209 6.49 -5.11 9.87
N SER A 210 5.70 -4.67 10.83
CA SER A 210 5.10 -5.60 11.81
C SER A 210 3.85 -6.14 11.21
N SER A 211 3.49 -7.38 11.50
CA SER A 211 2.19 -7.85 11.07
C SER A 211 1.03 -7.40 11.96
N ARG A 212 1.31 -6.77 13.10
CA ARG A 212 0.29 -6.12 13.89
C ARG A 212 0.21 -4.71 13.43
N SER A 213 -0.82 -4.06 13.96
CA SER A 213 -1.17 -2.69 13.69
C SER A 213 -0.79 -1.79 14.89
N TRP A 214 0.03 -0.76 14.70
CA TRP A 214 0.42 0.05 15.88
C TRP A 214 -0.14 1.47 15.92
N ALA A 215 -0.55 1.96 17.08
CA ALA A 215 -0.78 3.41 17.18
C ALA A 215 0.59 4.09 17.01
N MET A 216 0.61 5.36 16.60
CA MET A 216 1.89 6.05 16.58
C MET A 216 1.77 7.35 17.28
N ALA A 217 2.86 7.82 17.91
CA ALA A 217 2.85 9.10 18.60
C ALA A 217 4.12 9.86 18.41
N TRP A 218 4.04 11.17 18.59
CA TRP A 218 5.20 12.03 18.63
C TRP A 218 5.27 12.61 20.03
N PHE A 219 6.44 12.45 20.66
CA PHE A 219 6.77 13.14 21.91
C PHE A 219 7.85 14.18 21.65
N ARG A 220 7.96 15.14 22.55
CA ARG A 220 9.07 16.08 22.52
C ARG A 220 9.69 16.23 23.92
N GLN A 221 10.95 16.66 23.97
CA GLN A 221 11.62 16.77 25.23
C GLN A 221 12.66 17.85 25.13
N ALA A 222 12.45 18.96 25.84
CA ALA A 222 13.50 20.00 25.89
C ALA A 222 14.48 19.52 26.97
N PRO A 223 15.79 19.91 26.87
CA PRO A 223 16.81 19.58 27.93
C PRO A 223 16.33 20.01 29.30
N GLY A 224 16.39 19.08 30.24
CA GLY A 224 16.05 19.42 31.58
C GLY A 224 14.57 19.30 31.83
N LYS A 225 13.70 19.75 30.89
CA LYS A 225 12.22 19.57 31.09
C LYS A 225 11.92 18.09 30.90
N GLU A 226 10.69 17.70 31.17
CA GLU A 226 10.33 16.31 30.90
C GLU A 226 9.81 16.14 29.49
N ARG A 227 9.73 14.87 29.08
CA ARG A 227 9.20 14.47 27.78
C ARG A 227 7.66 14.69 27.72
N GLU A 228 7.21 15.65 26.90
CA GLU A 228 5.80 15.92 26.58
C GLU A 228 5.24 15.03 25.45
N PHE A 229 3.99 14.65 25.64
CA PHE A 229 3.14 14.11 24.60
C PHE A 229 2.85 15.23 23.62
N VAL A 230 2.89 14.93 22.31
CA VAL A 230 2.59 15.95 21.27
C VAL A 230 1.41 15.59 20.39
N ALA A 231 1.34 14.35 19.86
CA ALA A 231 0.23 13.92 19.02
C ALA A 231 0.25 12.40 18.82
N LYS A 232 -0.91 11.76 18.85
CA LYS A 232 -0.94 10.34 18.51
C LYS A 232 -1.91 10.10 17.37
N ILE A 233 -1.77 8.97 16.67
CA ILE A 233 -2.66 8.59 15.58
C ILE A 233 -2.93 7.10 15.62
N SER A 234 -4.13 6.70 15.24
CA SER A 234 -4.47 5.27 15.38
C SER A 234 -3.89 4.42 14.28
N GLY A 235 -3.99 3.12 14.49
CA GLY A 235 -3.54 2.14 13.52
C GLY A 235 -3.86 2.54 12.09
N ASP A 236 -5.13 2.88 11.85
CA ASP A 236 -5.67 3.21 10.52
C ASP A 236 -5.81 4.73 10.29
N GLY A 237 -5.24 5.56 11.13
CA GLY A 237 -5.15 6.94 10.74
C GLY A 237 -6.44 7.67 10.94
N ARG A 238 -7.47 6.94 11.38
CA ARG A 238 -8.77 7.54 11.54
C ARG A 238 -8.92 8.44 12.74
N LEU A 239 -8.35 8.11 13.89
CA LEU A 239 -8.45 8.95 15.10
C LEU A 239 -7.14 9.65 15.36
N THR A 240 -7.22 10.89 15.81
CA THR A 240 -6.01 11.58 16.22
C THR A 240 -6.30 12.47 17.40
N THR A 241 -5.30 12.66 18.21
CA THR A 241 -5.42 13.65 19.28
C THR A 241 -4.09 14.39 19.47
N TYR A 242 -4.20 15.65 19.95
CA TYR A 242 -3.10 16.61 20.05
C TYR A 242 -2.94 17.11 21.48
N GLY A 243 -1.75 17.59 21.85
CA GLY A 243 -1.61 18.26 23.15
C GLY A 243 -2.06 19.70 23.04
N ASP A 244 -2.54 20.27 24.14
CA ASP A 244 -3.02 21.67 24.12
C ASP A 244 -2.12 22.65 23.40
N SER A 245 -0.81 22.65 23.66
CA SER A 245 0.02 23.68 23.05
C SER A 245 0.18 23.53 21.53
N VAL A 246 0.23 22.30 21.04
CA VAL A 246 0.41 22.11 19.62
C VAL A 246 -0.93 21.95 18.87
N LYS A 247 -2.05 21.95 19.58
CA LYS A 247 -3.35 21.81 18.96
C LYS A 247 -3.64 22.86 17.92
N GLY A 248 -3.96 22.47 16.70
CA GLY A 248 -4.24 23.45 15.67
C GLY A 248 -3.08 24.21 15.02
N ARG A 249 -1.83 23.82 15.30
CA ARG A 249 -0.64 24.28 14.60
C ARG A 249 0.00 23.06 13.97
N PHE A 250 -0.16 21.91 14.61
CA PHE A 250 0.53 20.71 14.14
C PHE A 250 -0.47 19.72 13.66
N THR A 251 -0.05 18.89 12.73
CA THR A 251 -0.89 17.81 12.21
C THR A 251 -0.12 16.47 12.06
N ILE A 252 -0.76 15.41 12.54
CA ILE A 252 -0.13 14.10 12.47
C ILE A 252 -0.78 13.21 11.39
N SER A 253 0.00 12.48 10.61
CA SER A 253 -0.62 11.64 9.59
C SER A 253 0.21 10.41 9.40
N ARG A 254 -0.29 9.44 8.68
CA ARG A 254 0.54 8.28 8.45
C ARG A 254 0.21 7.79 7.08
N ASP A 255 1.15 7.17 6.40
CA ASP A 255 0.86 6.52 5.18
C ASP A 255 1.31 5.07 5.29
N ASN A 256 0.37 4.20 5.68
CA ASN A 256 0.66 2.78 5.84
C ASN A 256 1.23 2.01 4.67
N ALA A 257 0.99 2.43 3.44
CA ALA A 257 1.58 1.67 2.31
C ALA A 257 3.07 2.04 2.17
N GLU A 258 3.39 3.28 2.50
CA GLU A 258 4.78 3.65 2.49
C GLU A 258 5.42 3.31 3.89
N TYR A 259 4.61 3.15 4.95
CA TYR A 259 5.07 2.92 6.35
C TYR A 259 5.90 4.11 6.82
N LEU A 260 5.29 5.29 6.87
CA LEU A 260 5.94 6.40 7.48
C LEU A 260 4.86 7.08 8.22
N VAL A 261 5.26 7.79 9.28
CA VAL A 261 4.36 8.69 10.02
C VAL A 261 4.88 10.10 9.87
N TYR A 262 4.00 11.09 9.86
CA TYR A 262 4.50 12.41 9.54
C TYR A 262 4.13 13.35 10.61
N LEU A 263 4.88 14.45 10.75
CA LEU A 263 4.39 15.51 11.61
C LEU A 263 4.65 16.88 11.03
N GLN A 264 3.57 17.58 10.76
CA GLN A 264 3.67 18.86 10.12
C GLN A 264 3.58 19.92 11.18
N MET A 265 4.58 20.77 11.29
CA MET A 265 4.45 21.82 12.29
C MET A 265 4.35 23.15 11.61
N ASP A 266 3.25 23.86 11.77
CA ASP A 266 3.14 25.17 11.15
C ASP A 266 3.05 26.18 12.25
N SER A 267 3.26 27.46 11.92
CA SER A 267 3.25 28.50 12.95
C SER A 267 4.18 28.18 14.14
N LEU A 268 5.45 27.95 13.84
CA LEU A 268 6.36 27.47 14.89
C LEU A 268 6.70 28.54 15.93
N LYS A 269 6.81 28.12 17.18
CA LYS A 269 7.13 29.06 18.27
C LYS A 269 8.45 28.62 18.87
N PRO A 270 9.20 29.54 19.47
CA PRO A 270 10.35 29.23 20.30
C PRO A 270 10.05 28.10 21.32
N GLU A 271 8.91 28.15 21.99
CA GLU A 271 8.60 27.08 22.92
C GLU A 271 8.46 25.73 22.27
N ASP A 272 8.46 25.65 20.94
CA ASP A 272 8.41 24.32 20.29
C ASP A 272 9.79 23.65 20.16
N THR A 273 10.87 24.24 20.69
CA THR A 273 12.20 23.75 20.40
C THR A 273 12.42 22.54 21.29
N ALA A 274 12.87 21.43 20.71
CA ALA A 274 12.99 20.20 21.50
C ALA A 274 13.49 19.12 20.64
N VAL A 275 13.65 17.97 21.27
CA VAL A 275 14.01 16.83 20.49
C VAL A 275 12.69 16.12 20.33
N TYR A 276 12.31 15.82 19.07
CA TYR A 276 11.07 15.10 18.80
C TYR A 276 11.32 13.62 18.63
N TYR A 277 10.64 12.80 19.42
CA TYR A 277 10.79 11.36 19.27
C TYR A 277 9.49 10.85 18.75
N CYS A 278 9.52 9.79 17.97
CA CYS A 278 8.31 9.20 17.48
C CYS A 278 8.25 7.84 18.11
N ALA A 279 7.06 7.36 18.46
CA ALA A 279 6.98 6.13 19.25
C ALA A 279 5.85 5.34 18.79
N ALA A 280 5.93 4.03 18.96
CA ALA A 280 4.84 3.15 18.59
C ALA A 280 4.25 2.46 19.79
N ASP A 281 2.95 2.21 19.74
CA ASP A 281 2.25 1.60 20.88
C ASP A 281 1.13 0.72 20.42
N ASP A 282 1.03 -0.52 20.92
CA ASP A 282 -0.08 -1.41 20.51
C ASP A 282 -1.45 -0.88 20.93
N ASN A 283 -1.49 0.22 21.68
CA ASN A 283 -2.74 0.71 22.23
C ASN A 283 -2.88 2.22 22.10
N TYR A 284 -3.83 2.67 21.26
CA TYR A 284 -4.09 4.10 21.04
C TYR A 284 -4.32 4.89 22.33
N VAL A 285 -5.04 4.32 23.29
CA VAL A 285 -5.25 5.02 24.57
C VAL A 285 -3.94 5.34 25.29
N THR A 286 -3.08 4.32 25.43
CA THR A 286 -1.84 4.45 26.19
C THR A 286 -0.75 5.16 25.42
N ALA A 287 -0.96 5.37 24.13
CA ALA A 287 0.06 6.03 23.32
C ALA A 287 0.32 7.46 23.71
N SER A 288 -0.53 8.09 24.52
CA SER A 288 -0.24 9.49 24.80
C SER A 288 0.53 9.62 26.09
N TRP A 289 0.98 8.47 26.58
CA TRP A 289 1.62 8.44 27.87
C TRP A 289 3.05 7.96 27.78
N ARG A 290 3.93 8.63 28.48
CA ARG A 290 5.34 8.31 28.44
C ARG A 290 5.63 6.85 28.55
N SER A 291 4.76 6.08 29.16
CA SER A 291 5.04 4.65 29.28
C SER A 291 4.15 3.71 28.45
N GLY A 292 3.53 4.26 27.41
CA GLY A 292 2.61 3.43 26.64
C GLY A 292 3.34 2.60 25.63
N PRO A 293 4.04 3.30 24.72
CA PRO A 293 4.81 2.80 23.61
C PRO A 293 5.69 1.64 24.00
N ASP A 294 5.89 0.73 23.05
CA ASP A 294 6.78 -0.38 23.25
C ASP A 294 8.00 -0.15 22.39
N TYR A 295 8.00 0.87 21.50
CA TYR A 295 9.20 1.19 20.71
C TYR A 295 9.44 2.67 20.62
N TRP A 296 10.69 3.16 20.72
CA TRP A 296 11.02 4.60 20.54
C TRP A 296 12.13 4.93 19.51
N GLY A 297 12.11 6.13 18.91
CA GLY A 297 13.18 6.52 17.96
C GLY A 297 14.30 7.16 18.76
N GLN A 298 15.50 7.32 18.19
CA GLN A 298 16.52 8.03 19.02
C GLN A 298 16.29 9.59 19.08
N GLY A 299 15.41 10.09 18.21
CA GLY A 299 14.88 11.45 18.27
C GLY A 299 15.40 12.41 17.21
N THR A 300 14.65 13.47 16.92
CA THR A 300 15.23 14.51 16.12
C THR A 300 14.98 15.91 16.60
N GLN A 301 15.88 16.82 16.23
CA GLN A 301 16.00 18.10 16.94
C GLN A 301 15.41 19.20 16.17
N VAL A 302 14.40 19.82 16.72
CA VAL A 302 13.89 20.96 16.08
C VAL A 302 14.23 22.11 16.96
N THR A 303 14.61 23.18 16.31
CA THR A 303 14.82 24.44 17.01
C THR A 303 14.07 25.57 16.29
N VAL A 304 13.33 26.40 17.04
CA VAL A 304 12.69 27.56 16.42
C VAL A 304 13.37 28.84 16.87
N SER A 305 14.00 29.58 15.94
CA SER A 305 14.73 30.82 16.26
C SER A 305 13.81 32.06 16.33
N SER A 306 14.33 33.26 16.61
CA SER A 306 13.46 34.47 16.86
C SER A 306 14.23 35.67 16.44
N ASN B 9 16.36 -39.31 5.91
CA ASN B 9 15.62 -40.49 6.53
C ASN B 9 14.24 -40.22 7.27
N PRO B 10 14.13 -39.10 8.02
CA PRO B 10 12.81 -38.74 8.59
C PRO B 10 11.93 -38.08 7.51
N SER B 11 10.61 -38.29 7.57
CA SER B 11 9.75 -37.76 6.50
C SER B 11 8.68 -36.82 7.01
N LEU B 12 8.13 -35.99 6.11
CA LEU B 12 7.26 -34.89 6.50
C LEU B 12 5.81 -35.32 6.69
N ILE B 13 5.12 -34.74 7.64
CA ILE B 13 3.70 -35.01 7.91
C ILE B 13 2.97 -33.67 8.18
N ARG B 14 1.82 -33.46 7.54
CA ARG B 14 1.14 -32.16 7.68
C ARG B 14 -0.36 -32.24 7.52
N SER B 15 -1.06 -31.14 7.76
CA SER B 15 -2.48 -31.26 7.68
C SER B 15 -2.89 -31.62 6.23
N GLU B 16 -3.86 -32.51 6.05
CA GLU B 16 -4.16 -33.00 4.70
C GLU B 16 -4.82 -31.95 3.85
N SER B 17 -5.59 -31.08 4.47
CA SER B 17 -6.36 -30.20 3.65
C SER B 17 -5.53 -29.03 3.09
N TRP B 18 -4.24 -29.20 2.99
CA TRP B 18 -3.46 -28.14 2.38
C TRP B 18 -2.98 -28.73 1.10
N HIS B 19 -2.56 -27.90 0.15
CA HIS B 19 -1.85 -28.40 -1.05
C HIS B 19 -0.81 -27.40 -1.48
N VAL B 20 0.20 -27.85 -2.21
CA VAL B 20 1.35 -27.03 -2.52
C VAL B 20 1.03 -26.02 -3.57
N TYR B 21 1.22 -24.75 -3.34
CA TYR B 21 0.99 -23.85 -4.44
C TYR B 21 2.24 -23.67 -5.25
N ASP B 22 3.39 -23.60 -4.60
CA ASP B 22 4.66 -23.28 -5.24
C ASP B 22 5.71 -23.89 -4.34
N GLY B 23 6.84 -24.28 -4.90
CA GLY B 23 7.95 -24.93 -4.21
C GLY B 23 7.61 -26.38 -4.17
N ASN B 24 8.51 -27.19 -3.65
CA ASN B 24 8.23 -28.60 -3.39
C ASN B 24 8.49 -29.02 -1.91
N GLU B 25 7.67 -29.95 -1.40
CA GLU B 25 7.80 -30.47 -0.05
C GLU B 25 9.06 -31.31 0.08
N ALA B 26 9.95 -31.24 -0.91
CA ALA B 26 11.31 -31.74 -0.72
C ALA B 26 12.14 -30.71 -0.05
N ASN B 27 11.84 -29.45 -0.32
CA ASN B 27 12.62 -28.33 0.15
C ASN B 27 12.57 -28.20 1.65
N LEU B 28 11.48 -28.73 2.21
CA LEU B 28 11.29 -28.78 3.65
C LEU B 28 12.40 -29.55 4.37
N LEU B 29 12.79 -30.74 3.87
CA LEU B 29 13.87 -31.56 4.46
C LEU B 29 15.23 -31.47 3.77
N ASP B 30 15.43 -30.50 2.90
CA ASP B 30 16.57 -30.54 2.01
C ASP B 30 17.85 -29.98 2.63
N GLY B 31 17.77 -29.42 3.85
CA GLY B 31 18.95 -28.80 4.45
C GLY B 31 19.08 -27.31 4.18
N ASP B 32 18.37 -26.78 3.20
CA ASP B 32 18.54 -25.37 2.83
C ASP B 32 17.43 -24.40 3.35
N ASP B 33 17.89 -23.34 3.98
CA ASP B 33 17.03 -22.28 4.52
C ASP B 33 16.49 -21.31 3.46
N ASN B 34 16.98 -21.40 2.23
CA ASN B 34 16.36 -20.55 1.21
C ASN B 34 15.35 -21.22 0.30
N THR B 35 15.31 -22.54 0.33
CA THR B 35 14.24 -23.29 -0.28
C THR B 35 13.09 -23.49 0.74
N GLY B 36 11.88 -23.21 0.27
CA GLY B 36 10.67 -23.53 1.00
C GLY B 36 9.53 -24.01 0.09
N VAL B 37 8.31 -23.77 0.58
CA VAL B 37 7.06 -24.27 0.04
C VAL B 37 6.03 -23.24 0.43
N TRP B 38 5.10 -22.93 -0.47
CA TRP B 38 4.01 -21.98 -0.25
C TRP B 38 2.76 -22.81 -0.37
N TYR B 39 1.83 -22.67 0.55
CA TYR B 39 0.73 -23.58 0.67
C TYR B 39 -0.63 -22.89 0.52
N LYS B 40 -1.46 -23.37 -0.38
CA LYS B 40 -2.86 -22.97 -0.28
C LYS B 40 -3.61 -23.96 0.59
N ARG B 41 -4.84 -23.64 0.94
CA ARG B 41 -5.65 -24.53 1.73
C ARG B 41 -6.93 -24.82 0.98
N SER B 42 -7.47 -26.00 1.20
CA SER B 42 -8.63 -26.43 0.46
C SER B 42 -10.00 -25.94 0.82
N ASN B 43 -10.60 -26.47 1.85
CA ASN B 43 -11.95 -26.05 2.11
C ASN B 43 -12.10 -24.89 3.06
N GLY B 44 -11.56 -23.76 2.65
CA GLY B 44 -11.60 -22.56 3.44
C GLY B 44 -10.23 -22.01 3.54
N GLU B 45 -10.11 -20.70 3.48
CA GLU B 45 -8.79 -20.07 3.57
C GLU B 45 -8.07 -20.31 4.88
N ALA B 46 -8.76 -20.06 5.99
CA ALA B 46 -8.13 -20.04 7.30
C ALA B 46 -7.59 -21.39 7.74
N SER B 47 -6.34 -21.40 8.18
CA SER B 47 -5.81 -22.57 8.90
C SER B 47 -6.42 -22.65 10.26
N LEU B 48 -7.01 -23.79 10.62
CA LEU B 48 -7.67 -23.91 11.93
C LEU B 48 -6.80 -24.43 13.03
N ALA B 49 -7.35 -24.39 14.24
CA ALA B 49 -6.64 -24.98 15.36
C ALA B 49 -6.68 -26.47 15.09
N GLY B 50 -5.57 -27.13 15.40
CA GLY B 50 -5.45 -28.56 15.25
C GLY B 50 -4.51 -28.89 14.11
N GLU B 51 -4.31 -27.91 13.23
CA GLU B 51 -3.54 -28.17 12.05
C GLU B 51 -2.03 -28.24 12.34
N PHE B 52 -1.30 -29.06 11.63
CA PHE B 52 0.07 -29.26 12.01
C PHE B 52 0.92 -29.49 10.82
N ILE B 53 2.23 -29.45 11.07
CA ILE B 53 3.29 -29.81 10.17
C ILE B 53 4.51 -30.20 11.02
N GLY B 54 5.24 -31.23 10.57
CA GLY B 54 6.28 -31.84 11.37
C GLY B 54 6.87 -33.10 10.79
N LEU B 55 7.63 -33.84 11.57
CA LEU B 55 8.29 -35.00 11.07
C LEU B 55 7.73 -36.22 11.73
N ASP B 56 7.79 -37.31 10.98
CA ASP B 56 7.68 -38.65 11.51
C ASP B 56 9.12 -39.10 11.34
N LEU B 57 9.74 -39.58 12.44
CA LEU B 57 11.13 -40.02 12.33
C LEU B 57 11.23 -41.54 12.05
N GLY B 58 10.08 -42.18 11.91
CA GLY B 58 10.01 -43.55 11.40
C GLY B 58 10.41 -44.59 12.40
N LYS B 59 10.40 -44.22 13.69
CA LYS B 59 10.81 -45.04 14.87
C LYS B 59 11.16 -44.12 16.05
N GLU B 60 11.17 -44.69 17.26
CA GLU B 60 11.47 -43.96 18.52
C GLU B 60 12.93 -43.61 18.58
N ILE B 61 13.20 -42.31 18.68
CA ILE B 61 14.57 -41.87 18.95
C ILE B 61 14.69 -40.77 20.04
N LYS B 62 15.94 -40.57 20.48
CA LYS B 62 16.32 -39.63 21.55
C LYS B 62 16.66 -38.29 20.93
N LEU B 63 15.95 -37.26 21.36
CA LEU B 63 16.06 -35.98 20.73
C LEU B 63 16.81 -35.00 21.57
N ASP B 64 17.79 -34.33 20.97
CA ASP B 64 18.54 -33.33 21.72
C ASP B 64 17.99 -31.94 21.50
N GLY B 65 17.05 -31.85 20.60
CA GLY B 65 16.54 -30.56 20.16
C GLY B 65 16.10 -30.67 18.71
N ILE B 66 15.52 -29.57 18.21
CA ILE B 66 14.97 -29.46 16.86
C ILE B 66 15.29 -28.07 16.34
N ARG B 67 15.30 -27.94 15.03
CA ARG B 67 15.41 -26.65 14.39
C ARG B 67 14.45 -26.66 13.21
N PHE B 68 13.32 -25.97 13.40
CA PHE B 68 12.33 -25.82 12.34
C PHE B 68 12.39 -24.39 11.82
N VAL B 69 12.62 -24.17 10.52
CA VAL B 69 12.49 -22.79 10.01
C VAL B 69 11.07 -22.54 9.53
N ILE B 70 10.38 -21.49 9.96
CA ILE B 70 9.01 -21.24 9.43
C ILE B 70 8.86 -19.91 8.69
N GLY B 71 7.82 -19.86 7.86
CA GLY B 71 7.69 -18.81 6.87
C GLY B 71 8.70 -19.14 5.82
N LYS B 72 8.97 -18.18 4.97
CA LYS B 72 9.76 -18.42 3.79
C LYS B 72 10.05 -17.05 3.31
N ASN B 73 11.29 -16.87 2.93
CA ASN B 73 11.75 -15.62 2.41
C ASN B 73 10.56 -14.85 1.97
N GLY B 74 10.19 -13.88 2.76
CA GLY B 74 9.05 -13.11 2.41
C GLY B 74 9.23 -11.65 2.64
N GLY B 75 8.55 -10.91 1.79
CA GLY B 75 8.45 -9.48 1.84
C GLY B 75 7.04 -9.13 1.39
N GLY B 76 6.11 -10.03 1.62
CA GLY B 76 4.75 -9.89 1.24
C GLY B 76 3.85 -10.07 2.40
N SER B 77 2.87 -10.93 2.24
CA SER B 77 1.89 -11.12 3.27
C SER B 77 2.31 -12.01 4.40
N SER B 78 1.72 -11.77 5.56
CA SER B 78 1.99 -12.65 6.68
C SER B 78 1.92 -14.16 6.31
N ASP B 79 2.98 -14.91 6.58
CA ASP B 79 3.02 -16.32 6.37
C ASP B 79 3.17 -17.21 7.63
N LYS B 80 2.91 -16.71 8.81
CA LYS B 80 3.00 -17.61 9.94
C LYS B 80 1.74 -17.64 10.78
N TRP B 81 1.55 -18.78 11.41
CA TRP B 81 0.65 -18.93 12.55
C TRP B 81 0.91 -17.95 13.69
N ASN B 82 -0.04 -17.77 14.58
CA ASN B 82 0.17 -16.82 15.71
C ASN B 82 0.42 -17.46 17.03
N LYS B 83 -0.32 -18.52 17.32
CA LYS B 83 -0.19 -19.18 18.58
C LYS B 83 -0.06 -20.62 18.22
N PHE B 84 1.11 -21.20 18.31
CA PHE B 84 1.19 -22.65 18.13
C PHE B 84 1.94 -23.32 19.25
N LYS B 85 2.04 -24.66 19.16
CA LYS B 85 2.66 -25.42 20.21
C LYS B 85 3.58 -26.42 19.58
N LEU B 86 4.62 -26.84 20.28
CA LEU B 86 5.53 -27.87 19.74
C LEU B 86 5.29 -29.11 20.58
N GLU B 87 5.05 -30.26 19.96
CA GLU B 87 4.57 -31.41 20.73
C GLU B 87 5.13 -32.62 20.09
N TYR B 88 5.21 -33.72 20.83
CA TYR B 88 5.76 -34.98 20.32
C TYR B 88 4.87 -36.12 20.77
N SER B 89 5.05 -37.28 20.13
CA SER B 89 4.26 -38.46 20.44
C SER B 89 5.07 -39.70 20.16
N LEU B 90 4.70 -40.75 20.90
CA LEU B 90 5.30 -42.08 20.74
C LEU B 90 4.50 -42.94 19.75
N ASP B 91 3.19 -42.94 19.92
CA ASP B 91 2.32 -43.90 19.29
C ASP B 91 1.45 -43.19 18.29
N ASN B 92 1.61 -41.88 18.22
CA ASN B 92 0.76 -41.07 17.37
C ASN B 92 -0.68 -40.94 17.85
N GLU B 93 -0.98 -41.32 19.08
CA GLU B 93 -2.30 -40.97 19.52
C GLU B 93 -2.19 -40.00 20.68
N SER B 94 -1.09 -40.03 21.41
CA SER B 94 -0.92 -39.10 22.53
C SER B 94 0.15 -38.05 22.23
N TRP B 95 -0.22 -36.78 22.42
CA TRP B 95 0.70 -35.69 22.18
C TRP B 95 0.95 -34.85 23.43
N THR B 96 2.23 -34.66 23.69
CA THR B 96 2.64 -33.90 24.85
C THR B 96 3.33 -32.60 24.42
N THR B 97 2.80 -31.48 24.90
CA THR B 97 3.32 -30.19 24.52
C THR B 97 4.71 -30.08 25.08
N ILE B 98 5.63 -29.52 24.28
CA ILE B 98 6.94 -29.06 24.78
C ILE B 98 7.00 -27.55 24.91
N LYS B 99 6.44 -26.78 24.01
CA LYS B 99 6.62 -25.38 24.20
C LYS B 99 5.55 -24.79 23.43
N GLU B 100 5.04 -23.70 23.91
CA GLU B 100 4.06 -22.94 23.16
C GLU B 100 4.60 -21.60 22.77
N TYR B 101 4.22 -21.14 21.57
CA TYR B 101 4.79 -19.94 21.00
C TYR B 101 3.72 -18.92 20.78
N ASP B 102 4.12 -17.66 20.78
CA ASP B 102 3.17 -16.66 20.40
C ASP B 102 3.90 -15.66 19.60
N LYS B 103 3.74 -15.75 18.28
CA LYS B 103 4.44 -14.88 17.38
C LYS B 103 3.55 -13.77 16.83
N THR B 104 2.41 -13.52 17.47
CA THR B 104 1.61 -12.43 16.98
C THR B 104 2.44 -11.18 16.68
N GLY B 105 2.26 -10.59 15.51
CA GLY B 105 2.97 -9.34 15.16
C GLY B 105 4.20 -9.51 14.26
N ALA B 106 4.65 -10.76 14.13
CA ALA B 106 5.90 -11.10 13.45
C ALA B 106 5.85 -10.60 12.03
N PRO B 107 6.95 -9.98 11.57
CA PRO B 107 7.07 -9.60 10.20
C PRO B 107 7.09 -10.89 9.38
N ALA B 108 6.66 -10.81 8.13
CA ALA B 108 6.68 -11.96 7.29
C ALA B 108 8.09 -12.39 7.04
N GLY B 109 8.30 -13.65 6.72
CA GLY B 109 9.63 -14.10 6.33
C GLY B 109 10.05 -15.30 7.15
N LYS B 110 11.32 -15.69 6.99
CA LYS B 110 11.89 -16.80 7.77
C LYS B 110 11.86 -16.49 9.26
N ASP B 111 11.47 -17.49 10.03
CA ASP B 111 11.59 -17.47 11.49
C ASP B 111 12.18 -18.78 11.99
N VAL B 112 13.38 -18.72 12.59
CA VAL B 112 14.08 -19.93 13.01
C VAL B 112 13.61 -20.42 14.34
N ILE B 113 13.26 -21.68 14.43
CA ILE B 113 12.77 -22.21 15.69
C ILE B 113 13.66 -23.34 16.16
N GLU B 114 14.52 -22.96 17.09
CA GLU B 114 15.63 -23.76 17.56
C GLU B 114 15.48 -24.11 19.06
N GLU B 115 15.34 -25.40 19.32
CA GLU B 115 15.20 -25.80 20.71
C GLU B 115 16.20 -26.89 21.11
N SER B 116 16.61 -26.83 22.39
CA SER B 116 17.55 -27.80 22.96
C SER B 116 16.89 -28.47 24.14
N PHE B 117 17.00 -29.80 24.21
CA PHE B 117 16.41 -30.54 25.28
C PHE B 117 17.54 -31.04 26.25
N GLU B 118 17.71 -30.41 27.42
CA GLU B 118 18.84 -30.78 28.24
C GLU B 118 18.88 -32.27 28.53
N THR B 119 17.81 -32.85 29.09
CA THR B 119 17.63 -34.33 29.03
C THR B 119 17.02 -34.58 27.63
N PRO B 120 17.37 -35.69 26.96
CA PRO B 120 16.75 -35.98 25.65
C PRO B 120 15.26 -36.23 25.77
N ILE B 121 14.52 -36.15 24.64
CA ILE B 121 13.09 -36.54 24.54
C ILE B 121 12.83 -37.78 23.69
N SER B 122 12.15 -38.73 24.29
CA SER B 122 11.86 -39.96 23.59
C SER B 122 10.59 -39.81 22.76
N ALA B 123 10.79 -39.74 21.42
CA ALA B 123 9.73 -39.36 20.43
C ALA B 123 9.73 -40.15 19.11
N LYS B 124 8.53 -40.38 18.55
CA LYS B 124 8.44 -41.07 17.27
C LYS B 124 8.04 -40.08 16.19
N TYR B 125 7.30 -39.06 16.64
CA TYR B 125 6.79 -37.95 15.80
C TYR B 125 6.92 -36.63 16.58
N ILE B 126 7.15 -35.54 15.87
CA ILE B 126 7.25 -34.25 16.55
C ILE B 126 6.90 -33.11 15.59
N ARG B 127 6.03 -32.19 16.00
CA ARG B 127 5.44 -31.24 15.04
C ARG B 127 5.03 -29.89 15.64
N LEU B 128 4.80 -28.92 14.77
CA LEU B 128 4.18 -27.67 15.22
C LEU B 128 2.71 -27.85 15.05
N THR B 129 1.92 -27.45 16.02
CA THR B 129 0.51 -27.56 15.87
C THR B 129 -0.13 -26.25 16.22
N ASN B 130 -1.12 -25.83 15.46
CA ASN B 130 -1.60 -24.46 15.57
C ASN B 130 -2.65 -24.42 16.62
N LEU B 131 -2.77 -23.31 17.34
CA LEU B 131 -3.71 -23.27 18.43
C LEU B 131 -4.92 -22.37 18.28
N GLU B 132 -4.86 -21.41 17.37
CA GLU B 132 -5.92 -20.42 17.15
C GLU B 132 -6.12 -20.33 15.63
N PRO B 133 -7.40 -20.21 15.14
CA PRO B 133 -7.59 -20.02 13.69
C PRO B 133 -6.72 -18.87 13.17
N ARG B 134 -6.08 -19.08 12.04
CA ARG B 134 -5.25 -18.07 11.40
C ARG B 134 -5.65 -17.78 9.94
N HIS B 135 -5.85 -16.51 9.66
CA HIS B 135 -6.26 -16.17 8.32
C HIS B 135 -5.11 -15.74 7.45
N VAL B 136 -4.14 -16.61 7.27
CA VAL B 136 -3.09 -16.26 6.31
C VAL B 136 -2.70 -17.45 5.46
N GLN B 137 -1.88 -17.25 4.44
CA GLN B 137 -1.49 -18.39 3.65
C GLN B 137 -0.11 -18.83 4.05
N LEU B 138 -0.02 -20.02 4.66
CA LEU B 138 1.19 -20.50 5.39
C LEU B 138 2.34 -20.84 4.50
N THR B 139 3.56 -20.45 4.86
CA THR B 139 4.76 -20.92 4.14
C THR B 139 5.73 -21.50 5.14
N PHE B 140 6.68 -22.30 4.67
CA PHE B 140 7.64 -23.01 5.53
C PHE B 140 8.92 -23.24 4.76
N SER B 141 10.02 -23.44 5.50
CA SER B 141 11.35 -23.55 4.91
C SER B 141 12.20 -24.80 5.19
N GLU B 142 12.21 -25.29 6.43
CA GLU B 142 13.12 -26.36 6.80
C GLU B 142 12.66 -27.09 8.06
N PHE B 143 12.88 -28.41 8.12
CA PHE B 143 12.56 -29.20 9.32
C PHE B 143 13.55 -30.27 9.76
N ALA B 144 14.52 -29.87 10.60
CA ALA B 144 15.57 -30.79 11.03
C ALA B 144 15.37 -31.11 12.51
N ILE B 145 16.01 -32.21 12.96
CA ILE B 145 16.20 -32.56 14.38
C ILE B 145 17.68 -32.68 14.81
N VAL B 146 17.93 -32.82 16.13
CA VAL B 146 19.27 -33.18 16.60
C VAL B 146 19.38 -34.47 17.41
N SER B 147 20.41 -35.25 17.08
CA SER B 147 20.69 -36.54 17.73
C SER B 147 22.21 -36.70 18.08
N ASP B 148 22.68 -37.96 18.23
CA ASP B 148 24.15 -38.37 18.26
C ASP B 148 24.41 -39.69 19.00
N SER B 182 10.98 -12.89 -9.52
CA SER B 182 11.32 -11.55 -8.97
C SER B 182 10.23 -10.45 -9.13
N GLN B 183 9.22 -10.70 -9.97
CA GLN B 183 8.09 -9.76 -10.14
C GLN B 183 6.82 -10.42 -9.62
N VAL B 184 5.72 -9.69 -9.48
CA VAL B 184 4.67 -10.12 -8.53
C VAL B 184 3.73 -11.26 -8.85
N GLN B 185 3.40 -12.04 -7.82
CA GLN B 185 2.31 -13.03 -7.88
C GLN B 185 1.16 -12.68 -6.94
N LEU B 186 -0.08 -12.82 -7.37
CA LEU B 186 -1.17 -12.87 -6.40
C LEU B 186 -1.66 -14.29 -6.28
N VAL B 187 -1.80 -14.76 -5.06
CA VAL B 187 -2.30 -16.09 -4.87
C VAL B 187 -3.62 -16.15 -4.11
N GLU B 188 -4.56 -16.89 -4.67
CA GLU B 188 -5.80 -17.02 -4.01
C GLU B 188 -5.74 -18.38 -3.36
N SER B 189 -6.38 -18.50 -2.20
CA SER B 189 -6.51 -19.78 -1.54
C SER B 189 -7.91 -19.92 -0.94
N GLY B 190 -8.29 -21.17 -0.60
CA GLY B 190 -9.56 -21.47 0.07
C GLY B 190 -10.54 -22.20 -0.82
N GLY B 191 -10.20 -22.34 -2.10
CA GLY B 191 -11.13 -22.94 -3.01
C GLY B 191 -11.31 -24.42 -2.74
N GLY B 192 -12.47 -24.96 -3.06
CA GLY B 192 -12.77 -26.38 -2.86
C GLY B 192 -14.22 -26.72 -3.17
N LEU B 193 -14.89 -27.45 -2.26
CA LEU B 193 -16.23 -27.96 -2.51
C LEU B 193 -17.19 -27.83 -1.35
N VAL B 194 -18.34 -27.23 -1.56
CA VAL B 194 -19.27 -27.05 -0.47
C VAL B 194 -20.73 -27.33 -0.84
N GLN B 195 -21.43 -28.09 0.01
CA GLN B 195 -22.87 -28.29 -0.03
C GLN B 195 -23.68 -26.98 -0.15
N ALA B 196 -24.79 -27.00 -0.87
CA ALA B 196 -25.58 -25.81 -1.12
C ALA B 196 -26.05 -25.27 0.16
N GLY B 197 -26.34 -23.98 0.15
CA GLY B 197 -26.63 -23.24 1.36
C GLY B 197 -25.46 -22.99 2.33
N GLY B 198 -24.29 -23.60 2.05
CA GLY B 198 -23.10 -23.53 2.89
C GLY B 198 -22.35 -22.18 2.88
N SER B 199 -21.12 -22.18 3.43
CA SER B 199 -20.24 -20.98 3.43
C SER B 199 -18.81 -21.28 3.08
N LEU B 200 -18.09 -20.30 2.55
CA LEU B 200 -16.69 -20.50 2.22
C LEU B 200 -15.89 -19.21 2.33
N ARG B 201 -14.67 -19.27 2.76
CA ARG B 201 -13.99 -18.01 2.84
C ARG B 201 -12.78 -18.10 1.99
N LEU B 202 -12.50 -17.08 1.21
CA LEU B 202 -11.29 -17.17 0.40
C LEU B 202 -10.44 -16.00 0.73
N SER B 203 -9.14 -16.15 0.49
CA SER B 203 -8.19 -15.07 0.77
C SER B 203 -7.28 -14.95 -0.37
N CYS B 204 -6.66 -13.78 -0.50
CA CYS B 204 -5.66 -13.62 -1.56
C CYS B 204 -4.44 -12.92 -1.01
N ALA B 205 -3.26 -13.48 -1.28
CA ALA B 205 -1.99 -12.93 -0.78
C ALA B 205 -1.13 -12.41 -1.90
N ALA B 206 -0.11 -11.60 -1.62
CA ALA B 206 0.78 -11.14 -2.70
C ALA B 206 2.13 -11.67 -2.32
N SER B 207 3.02 -11.86 -3.28
CA SER B 207 4.40 -12.27 -2.95
C SER B 207 5.31 -11.11 -2.56
N ARG B 208 4.95 -9.87 -2.88
CA ARG B 208 5.79 -8.70 -2.73
C ARG B 208 4.85 -7.60 -2.32
N ARG B 209 5.34 -6.51 -1.72
CA ARG B 209 4.40 -5.56 -1.12
C ARG B 209 4.59 -4.20 -1.77
N SER B 210 3.56 -3.66 -2.42
CA SER B 210 3.78 -2.49 -3.30
C SER B 210 3.78 -1.21 -2.46
N SER B 211 4.46 -0.16 -2.91
CA SER B 211 4.50 1.05 -2.13
C SER B 211 3.30 1.97 -2.38
N ARG B 212 2.42 1.51 -3.26
CA ARG B 212 1.29 2.30 -3.67
C ARG B 212 0.06 1.49 -3.19
N SER B 213 -1.07 2.18 -3.15
CA SER B 213 -2.29 1.64 -2.63
C SER B 213 -3.17 1.05 -3.75
N TRP B 214 -3.60 -0.21 -3.64
CA TRP B 214 -4.45 -0.79 -4.67
C TRP B 214 -5.88 -1.04 -4.27
N ALA B 215 -6.82 -0.77 -5.16
CA ALA B 215 -8.14 -1.29 -4.94
C ALA B 215 -8.07 -2.75 -5.35
N MET B 216 -8.75 -3.60 -4.58
CA MET B 216 -8.76 -5.06 -4.83
C MET B 216 -10.17 -5.53 -5.22
N ALA B 217 -10.26 -6.46 -6.16
CA ALA B 217 -11.55 -6.95 -6.61
C ALA B 217 -11.56 -8.46 -6.81
N TRP B 218 -12.67 -9.12 -6.49
CA TRP B 218 -12.89 -10.53 -6.83
C TRP B 218 -13.71 -10.67 -8.10
N PHE B 219 -13.38 -11.62 -8.99
CA PHE B 219 -14.21 -11.90 -10.19
C PHE B 219 -14.36 -13.38 -10.26
N ARG B 220 -15.30 -13.87 -11.05
CA ARG B 220 -15.47 -15.33 -11.20
C ARG B 220 -15.81 -15.63 -12.65
N GLN B 221 -15.52 -16.86 -13.07
CA GLN B 221 -15.66 -17.27 -14.43
C GLN B 221 -15.81 -18.79 -14.53
N ALA B 222 -17.06 -19.18 -14.82
CA ALA B 222 -17.45 -20.57 -15.07
C ALA B 222 -16.94 -20.96 -16.46
N PRO B 223 -16.71 -22.28 -16.73
CA PRO B 223 -16.08 -22.50 -18.06
C PRO B 223 -17.05 -22.18 -19.23
N GLY B 224 -16.50 -21.63 -20.32
CA GLY B 224 -17.28 -21.20 -21.48
C GLY B 224 -18.04 -19.88 -21.33
N LYS B 225 -18.36 -19.50 -20.07
CA LYS B 225 -19.01 -18.21 -19.70
C LYS B 225 -18.06 -17.03 -19.71
N GLU B 226 -18.62 -15.83 -19.59
CA GLU B 226 -17.79 -14.64 -19.43
C GLU B 226 -17.38 -14.44 -17.96
N ARG B 227 -16.33 -13.65 -17.74
CA ARG B 227 -15.81 -13.46 -16.39
C ARG B 227 -16.64 -12.37 -15.77
N GLU B 228 -17.28 -12.65 -14.65
CA GLU B 228 -18.27 -11.72 -14.11
C GLU B 228 -17.72 -11.10 -12.83
N PHE B 229 -17.85 -9.79 -12.72
CA PHE B 229 -17.41 -9.08 -11.54
C PHE B 229 -18.18 -9.55 -10.31
N VAL B 230 -17.53 -9.64 -9.15
CA VAL B 230 -18.17 -10.16 -7.93
C VAL B 230 -18.16 -9.14 -6.81
N ALA B 231 -16.98 -8.60 -6.49
CA ALA B 231 -16.86 -7.56 -5.45
C ALA B 231 -15.58 -6.70 -5.54
N LYS B 232 -15.66 -5.47 -5.02
CA LYS B 232 -14.47 -4.57 -4.99
C LYS B 232 -14.35 -3.80 -3.72
N ILE B 233 -13.11 -3.54 -3.34
CA ILE B 233 -12.81 -2.79 -2.12
C ILE B 233 -11.71 -1.77 -2.38
N SER B 234 -11.90 -0.58 -1.83
CA SER B 234 -10.98 0.49 -2.09
C SER B 234 -9.67 0.27 -1.32
N GLY B 235 -8.62 1.00 -1.72
CA GLY B 235 -7.31 1.02 -1.02
C GLY B 235 -7.34 0.78 0.49
N ASP B 236 -8.15 1.59 1.15
CA ASP B 236 -8.25 1.64 2.61
C ASP B 236 -9.47 0.90 3.08
N GLY B 237 -9.99 -0.02 2.27
CA GLY B 237 -11.20 -0.78 2.66
C GLY B 237 -12.48 -0.03 3.08
N ARG B 238 -12.49 1.29 3.00
CA ARG B 238 -13.62 2.11 3.40
C ARG B 238 -14.78 2.12 2.40
N LEU B 239 -14.56 1.71 1.15
CA LEU B 239 -15.63 1.63 0.15
C LEU B 239 -15.72 0.26 -0.50
N THR B 240 -16.94 -0.25 -0.63
CA THR B 240 -17.14 -1.56 -1.20
C THR B 240 -18.39 -1.49 -2.02
N THR B 241 -18.47 -2.35 -3.04
CA THR B 241 -19.65 -2.56 -3.89
C THR B 241 -19.64 -4.01 -4.41
N TYR B 242 -20.83 -4.59 -4.61
CA TYR B 242 -20.95 -6.03 -4.94
C TYR B 242 -21.80 -6.24 -6.16
N GLY B 243 -21.39 -7.16 -7.02
CA GLY B 243 -22.19 -7.55 -8.20
C GLY B 243 -23.65 -7.95 -7.90
N ASP B 244 -24.51 -7.82 -8.90
CA ASP B 244 -25.93 -7.87 -8.56
C ASP B 244 -26.34 -9.26 -8.08
N SER B 245 -25.57 -10.23 -8.52
CA SER B 245 -25.83 -11.61 -8.30
C SER B 245 -25.62 -12.05 -6.88
N VAL B 246 -24.86 -11.28 -6.11
CA VAL B 246 -24.36 -11.74 -4.81
C VAL B 246 -24.61 -10.81 -3.66
N LYS B 247 -25.04 -9.57 -3.92
CA LYS B 247 -25.42 -8.60 -2.84
C LYS B 247 -26.18 -9.33 -1.75
N GLY B 248 -25.81 -9.07 -0.50
CA GLY B 248 -26.45 -9.76 0.61
C GLY B 248 -25.85 -11.09 1.03
N ARG B 249 -25.07 -11.76 0.19
CA ARG B 249 -24.59 -13.07 0.59
C ARG B 249 -23.07 -13.04 0.83
N PHE B 250 -22.45 -11.97 0.34
CA PHE B 250 -21.01 -11.94 0.23
C PHE B 250 -20.45 -10.72 0.93
N THR B 251 -19.29 -10.91 1.53
CA THR B 251 -18.56 -9.76 2.04
C THR B 251 -17.12 -9.76 1.54
N ILE B 252 -16.66 -8.59 1.15
CA ILE B 252 -15.29 -8.42 0.79
C ILE B 252 -14.63 -7.66 1.95
N SER B 253 -13.40 -8.03 2.31
CA SER B 253 -12.69 -7.28 3.36
C SER B 253 -11.19 -7.39 3.12
N ARG B 254 -10.46 -6.44 3.70
CA ARG B 254 -9.04 -6.49 3.56
C ARG B 254 -8.44 -6.23 4.90
N ASP B 255 -7.32 -6.87 5.17
CA ASP B 255 -6.43 -6.54 6.28
C ASP B 255 -5.11 -6.08 5.70
N ASN B 256 -4.93 -4.76 5.70
CA ASN B 256 -3.78 -4.20 5.07
C ASN B 256 -2.46 -4.46 5.80
N ALA B 257 -2.57 -4.67 7.11
CA ALA B 257 -1.39 -4.82 7.92
C ALA B 257 -0.75 -6.13 7.54
N GLU B 258 -1.57 -7.16 7.32
CA GLU B 258 -1.08 -8.49 6.89
C GLU B 258 -1.03 -8.70 5.38
N TYR B 259 -1.68 -7.82 4.61
CA TYR B 259 -1.66 -7.86 3.13
C TYR B 259 -2.42 -9.08 2.60
N LEU B 260 -3.70 -9.13 2.97
CA LEU B 260 -4.59 -10.14 2.51
C LEU B 260 -5.90 -9.44 2.23
N VAL B 261 -6.60 -9.98 1.22
CA VAL B 261 -7.98 -9.64 0.93
C VAL B 261 -8.78 -10.90 1.07
N TYR B 262 -10.04 -10.75 1.46
CA TYR B 262 -10.93 -11.87 1.73
C TYR B 262 -12.26 -11.70 0.98
N LEU B 263 -12.89 -12.85 0.71
CA LEU B 263 -14.24 -12.91 0.24
C LEU B 263 -14.95 -13.95 1.08
N GLN B 264 -15.99 -13.54 1.80
CA GLN B 264 -16.72 -14.50 2.58
C GLN B 264 -17.95 -14.73 1.80
N MET B 265 -18.24 -16.00 1.54
CA MET B 265 -19.43 -16.45 0.80
C MET B 265 -20.34 -17.27 1.69
N ASP B 266 -21.50 -16.70 1.94
CA ASP B 266 -22.51 -17.33 2.76
C ASP B 266 -23.67 -17.69 1.86
N SER B 267 -24.52 -18.65 2.27
CA SER B 267 -25.73 -18.95 1.49
C SER B 267 -25.44 -19.26 0.02
N LEU B 268 -24.56 -20.21 -0.24
CA LEU B 268 -24.16 -20.43 -1.61
C LEU B 268 -25.16 -21.29 -2.28
N LYS B 269 -25.19 -21.20 -3.61
CA LYS B 269 -26.03 -22.04 -4.45
C LYS B 269 -25.17 -22.47 -5.62
N PRO B 270 -25.60 -23.47 -6.40
CA PRO B 270 -24.67 -24.03 -7.39
C PRO B 270 -24.41 -23.11 -8.58
N GLU B 271 -25.25 -22.10 -8.78
CA GLU B 271 -24.89 -21.07 -9.77
C GLU B 271 -23.56 -20.37 -9.40
N ASP B 272 -23.11 -20.51 -8.17
CA ASP B 272 -21.92 -19.82 -7.74
C ASP B 272 -20.69 -20.57 -8.21
N THR B 273 -20.81 -21.84 -8.54
CA THR B 273 -19.66 -22.59 -9.01
C THR B 273 -18.90 -21.84 -10.09
N ALA B 274 -17.56 -21.88 -10.02
CA ALA B 274 -16.69 -21.03 -10.87
C ALA B 274 -15.25 -20.94 -10.39
N VAL B 275 -14.37 -20.48 -11.25
CA VAL B 275 -13.07 -20.16 -10.76
C VAL B 275 -13.15 -18.74 -10.19
N TYR B 276 -12.69 -18.53 -8.94
CA TYR B 276 -12.65 -17.18 -8.35
C TYR B 276 -11.29 -16.48 -8.48
N TYR B 277 -11.26 -15.24 -8.97
CA TYR B 277 -9.99 -14.57 -9.20
C TYR B 277 -9.97 -13.35 -8.31
N CYS B 278 -8.80 -12.98 -7.82
CA CYS B 278 -8.67 -11.69 -7.21
C CYS B 278 -7.83 -10.82 -8.11
N ALA B 279 -8.07 -9.52 -8.12
CA ALA B 279 -7.17 -8.62 -8.88
C ALA B 279 -7.00 -7.26 -8.27
N ALA B 280 -5.99 -6.55 -8.72
CA ALA B 280 -5.68 -5.23 -8.18
C ALA B 280 -5.80 -4.23 -9.30
N ASP B 281 -6.37 -3.06 -9.02
CA ASP B 281 -6.37 -1.97 -10.00
C ASP B 281 -5.95 -0.77 -9.20
N ASP B 282 -5.08 0.07 -9.78
CA ASP B 282 -4.78 1.36 -9.14
C ASP B 282 -6.01 2.22 -9.01
N ASN B 283 -6.99 2.04 -9.87
CA ASN B 283 -8.19 2.84 -9.79
C ASN B 283 -9.44 2.05 -9.36
N TYR B 284 -10.06 2.46 -8.27
CA TYR B 284 -11.26 1.75 -7.74
C TYR B 284 -12.45 1.75 -8.67
N VAL B 285 -12.70 2.88 -9.33
CA VAL B 285 -13.79 2.98 -10.29
C VAL B 285 -13.67 1.91 -11.34
N THR B 286 -12.46 1.70 -11.82
CA THR B 286 -12.34 0.77 -12.90
C THR B 286 -12.14 -0.65 -12.38
N ALA B 287 -11.97 -0.80 -11.06
CA ALA B 287 -11.75 -2.12 -10.43
C ALA B 287 -12.78 -3.23 -10.80
N SER B 288 -14.03 -2.85 -11.13
CA SER B 288 -15.09 -3.83 -11.44
C SER B 288 -15.29 -4.11 -12.95
N TRP B 289 -14.28 -3.82 -13.77
CA TRP B 289 -14.38 -4.09 -15.18
C TRP B 289 -13.26 -5.01 -15.70
N ARG B 290 -13.50 -6.10 -16.39
CA ARG B 290 -12.34 -6.90 -16.70
C ARG B 290 -11.06 -6.18 -17.14
N SER B 291 -11.13 -4.94 -17.57
CA SER B 291 -9.87 -4.31 -18.06
C SER B 291 -9.17 -3.24 -17.16
N GLY B 292 -9.78 -3.02 -15.99
CA GLY B 292 -9.32 -2.05 -15.01
C GLY B 292 -8.03 -2.55 -14.41
N PRO B 293 -8.11 -3.72 -13.72
CA PRO B 293 -7.06 -4.37 -13.01
C PRO B 293 -5.77 -4.41 -13.77
N ASP B 294 -4.65 -4.41 -13.04
CA ASP B 294 -3.35 -4.48 -13.66
C ASP B 294 -2.61 -5.74 -13.29
N TYR B 295 -3.12 -6.48 -12.31
CA TYR B 295 -2.50 -7.75 -11.90
C TYR B 295 -3.61 -8.71 -11.57
N TRP B 296 -3.49 -9.96 -12.01
CA TRP B 296 -4.53 -10.93 -11.67
C TRP B 296 -3.96 -12.13 -10.97
N GLY B 297 -4.77 -12.67 -10.07
CA GLY B 297 -4.49 -13.95 -9.45
C GLY B 297 -4.58 -15.07 -10.45
N GLN B 298 -4.34 -16.28 -10.03
CA GLN B 298 -4.60 -17.39 -10.93
C GLN B 298 -5.83 -18.17 -10.51
N GLY B 299 -6.50 -17.67 -9.50
CA GLY B 299 -7.85 -18.12 -9.20
C GLY B 299 -7.95 -19.42 -8.44
N THR B 300 -8.97 -19.57 -7.63
CA THR B 300 -9.16 -20.83 -7.02
C THR B 300 -10.56 -21.26 -7.41
N GLN B 301 -10.71 -22.56 -7.72
CA GLN B 301 -12.01 -23.11 -8.09
C GLN B 301 -12.92 -23.25 -6.87
N VAL B 302 -14.17 -22.85 -7.04
CA VAL B 302 -15.20 -23.07 -6.03
C VAL B 302 -16.42 -23.71 -6.66
N THR B 303 -16.92 -24.74 -6.02
CA THR B 303 -17.93 -25.62 -6.57
C THR B 303 -18.93 -25.87 -5.47
N VAL B 304 -20.16 -25.47 -5.73
CA VAL B 304 -21.29 -25.66 -4.85
C VAL B 304 -22.16 -26.75 -5.41
N SER B 305 -22.18 -27.91 -4.74
CA SER B 305 -23.13 -29.01 -5.05
C SER B 305 -24.58 -28.74 -4.53
N SER B 306 -25.42 -29.76 -4.36
CA SER B 306 -26.81 -29.54 -3.83
C SER B 306 -27.55 -30.83 -3.43
N ASN C 9 -6.24 38.83 36.52
CA ASN C 9 -4.98 38.10 36.97
C ASN C 9 -3.66 38.32 36.17
N PRO C 10 -2.55 38.72 36.84
CA PRO C 10 -1.44 39.36 36.10
C PRO C 10 -0.61 38.37 35.31
N SER C 11 -0.39 38.61 34.03
CA SER C 11 0.34 37.67 33.18
C SER C 11 1.73 38.25 32.75
N LEU C 12 2.69 37.41 32.34
CA LEU C 12 4.05 37.92 32.06
C LEU C 12 4.35 38.28 30.61
N ILE C 13 4.93 39.46 30.39
CA ILE C 13 5.31 39.83 29.03
C ILE C 13 6.80 40.10 28.96
N ARG C 14 7.44 39.66 27.88
CA ARG C 14 8.87 39.89 27.81
C ARG C 14 9.40 39.65 26.42
N SER C 15 10.60 40.16 26.16
CA SER C 15 11.17 40.27 24.81
C SER C 15 11.17 38.92 24.15
N GLU C 16 10.78 38.94 22.89
CA GLU C 16 10.50 37.73 22.16
C GLU C 16 11.73 36.96 21.85
N SER C 17 12.87 37.63 21.90
CA SER C 17 14.15 36.98 21.53
C SER C 17 14.73 36.09 22.59
N TRP C 18 14.12 36.04 23.77
CA TRP C 18 14.64 35.20 24.81
C TRP C 18 13.99 33.86 24.71
N HIS C 19 14.74 32.77 24.85
CA HIS C 19 14.18 31.44 25.11
C HIS C 19 14.44 31.07 26.55
N VAL C 20 13.49 30.37 27.16
CA VAL C 20 13.69 29.80 28.47
C VAL C 20 14.73 28.71 28.36
N TYR C 21 15.74 28.72 29.25
CA TYR C 21 16.72 27.59 29.31
C TYR C 21 16.55 26.63 30.49
N ASP C 22 16.30 27.15 31.67
CA ASP C 22 16.06 26.29 32.80
C ASP C 22 15.06 27.06 33.63
N GLY C 23 14.30 26.32 34.42
CA GLY C 23 13.17 26.89 35.10
C GLY C 23 12.00 26.92 34.15
N ASN C 24 10.89 27.47 34.61
CA ASN C 24 9.84 27.88 33.71
C ASN C 24 9.09 29.16 34.19
N GLU C 25 8.52 29.90 33.24
CA GLU C 25 8.03 31.26 33.49
C GLU C 25 6.98 31.37 34.61
N ALA C 26 6.33 30.27 34.93
CA ALA C 26 5.36 30.30 36.00
C ALA C 26 6.09 30.62 37.29
N ASN C 27 7.36 30.29 37.34
CA ASN C 27 8.16 30.60 38.50
C ASN C 27 8.20 32.07 38.85
N LEU C 28 7.95 32.90 37.86
CA LEU C 28 8.15 34.32 38.00
C LEU C 28 6.96 34.97 38.62
N LEU C 29 5.84 34.26 38.64
CA LEU C 29 4.64 34.87 39.13
C LEU C 29 4.17 34.04 40.25
N ASP C 30 5.06 33.54 41.09
CA ASP C 30 4.61 32.51 42.02
C ASP C 30 4.75 32.91 43.50
N GLY C 31 5.32 34.07 43.77
CA GLY C 31 5.62 34.49 45.14
C GLY C 31 6.91 34.05 45.82
N ASP C 32 7.67 33.11 45.22
CA ASP C 32 8.91 32.61 45.82
C ASP C 32 10.15 33.31 45.25
N ASP C 33 11.02 33.84 46.09
CA ASP C 33 12.26 34.42 45.59
C ASP C 33 13.30 33.38 45.17
N ASN C 34 12.99 32.11 45.40
CA ASN C 34 13.96 31.05 45.07
C ASN C 34 13.52 30.13 43.98
N THR C 35 12.45 30.48 43.31
CA THR C 35 12.19 29.92 42.02
C THR C 35 12.58 31.03 41.04
N GLY C 36 13.06 30.60 39.85
CA GLY C 36 13.52 31.52 38.81
C GLY C 36 13.47 31.01 37.38
N VAL C 37 14.06 31.77 36.47
CA VAL C 37 14.25 31.36 35.11
C VAL C 37 15.58 31.86 34.54
N TRP C 38 16.20 31.02 33.75
CA TRP C 38 17.40 31.36 33.12
C TRP C 38 17.13 31.53 31.61
N TYR C 39 17.51 32.68 31.04
CA TYR C 39 17.26 32.87 29.60
C TYR C 39 18.49 32.92 28.67
N LYS C 40 18.51 32.05 27.65
CA LYS C 40 19.31 32.31 26.45
C LYS C 40 18.62 33.36 25.58
N ARG C 41 19.35 33.94 24.65
CA ARG C 41 18.82 34.87 23.68
C ARG C 41 18.88 34.17 22.33
N SER C 42 18.06 34.57 21.37
CA SER C 42 18.05 33.82 20.13
C SER C 42 18.96 34.15 18.97
N ASN C 43 19.23 35.40 18.68
CA ASN C 43 20.12 35.66 17.57
C ASN C 43 21.18 36.55 18.04
N GLY C 44 22.22 35.96 18.58
CA GLY C 44 23.31 36.74 19.23
C GLY C 44 23.11 36.91 20.72
N GLU C 45 24.19 36.89 21.49
CA GLU C 45 24.06 36.72 22.93
C GLU C 45 23.62 37.99 23.67
N ALA C 46 24.16 39.12 23.25
CA ALA C 46 23.98 40.39 23.96
C ALA C 46 22.54 40.89 23.99
N SER C 47 22.03 41.23 25.18
CA SER C 47 20.71 41.83 25.30
C SER C 47 20.75 43.24 24.79
N LEU C 48 20.05 43.55 23.69
CA LEU C 48 19.94 44.96 23.25
C LEU C 48 19.13 45.90 24.16
N ALA C 49 19.41 47.20 24.05
CA ALA C 49 18.57 48.19 24.71
C ALA C 49 17.23 48.12 24.03
N GLY C 50 16.17 48.29 24.80
CA GLY C 50 14.87 48.06 24.23
C GLY C 50 14.28 46.82 24.84
N GLU C 51 15.11 45.84 25.18
CA GLU C 51 14.58 44.55 25.65
C GLU C 51 13.91 44.67 27.00
N PHE C 52 12.87 43.93 27.23
CA PHE C 52 12.12 44.22 28.43
C PHE C 52 11.55 42.95 29.00
N ILE C 53 11.07 43.03 30.23
CA ILE C 53 10.34 41.94 30.87
C ILE C 53 9.60 42.63 31.96
N GLY C 54 8.46 42.09 32.31
CA GLY C 54 7.55 42.77 33.20
C GLY C 54 6.20 42.16 32.90
N LEU C 55 5.14 42.80 33.39
CA LEU C 55 3.86 42.12 33.33
C LEU C 55 2.62 42.90 32.87
N ASP C 56 1.75 42.20 32.15
CA ASP C 56 0.46 42.67 31.65
C ASP C 56 -0.59 42.54 32.77
N LEU C 57 -1.19 43.64 33.17
CA LEU C 57 -2.06 43.58 34.33
C LEU C 57 -3.49 43.14 34.04
N GLY C 58 -3.76 42.74 32.80
CA GLY C 58 -5.11 42.32 32.42
C GLY C 58 -5.93 43.54 32.03
N LYS C 59 -5.87 44.59 32.87
CA LYS C 59 -6.68 45.79 32.70
C LYS C 59 -6.15 46.92 33.55
N GLU C 60 -6.45 48.14 33.16
CA GLU C 60 -6.03 49.31 33.91
C GLU C 60 -6.25 49.21 35.43
N ILE C 61 -5.19 49.29 36.24
CA ILE C 61 -5.38 49.37 37.69
C ILE C 61 -4.42 50.29 38.41
N LYS C 62 -4.64 50.41 39.71
CA LYS C 62 -4.07 51.49 40.51
C LYS C 62 -3.02 50.95 41.45
N LEU C 63 -1.77 51.00 40.99
CA LEU C 63 -0.67 50.31 41.65
C LEU C 63 -0.15 51.15 42.78
N ASP C 64 0.12 50.51 43.92
CA ASP C 64 0.60 51.22 45.11
C ASP C 64 2.08 51.01 45.22
N GLY C 65 2.63 50.14 44.38
CA GLY C 65 4.05 49.86 44.39
C GLY C 65 4.26 48.59 43.65
N ILE C 66 5.52 48.20 43.45
CA ILE C 66 5.87 46.91 42.86
C ILE C 66 7.10 46.26 43.52
N ARG C 67 7.26 44.96 43.22
CA ARG C 67 8.30 44.14 43.82
C ARG C 67 8.72 43.15 42.74
N PHE C 68 9.80 43.48 42.04
CA PHE C 68 10.33 42.63 41.00
C PHE C 68 11.66 42.14 41.50
N VAL C 69 11.95 40.86 41.27
CA VAL C 69 13.18 40.29 41.75
C VAL C 69 13.97 39.79 40.57
N ILE C 70 15.06 40.47 40.26
CA ILE C 70 15.88 40.15 39.10
C ILE C 70 17.17 39.41 39.46
N GLY C 71 17.77 38.72 38.50
CA GLY C 71 18.81 37.76 38.77
C GLY C 71 18.22 36.57 39.47
N LYS C 72 19.08 35.62 39.80
CA LYS C 72 18.64 34.36 40.36
C LYS C 72 19.65 33.87 41.38
N ASN C 73 19.24 32.90 42.18
CA ASN C 73 20.21 32.19 43.02
C ASN C 73 21.55 31.78 42.34
N GLY C 74 22.59 31.61 43.13
CA GLY C 74 23.84 31.00 42.65
C GLY C 74 24.98 32.00 42.73
N GLY C 75 26.22 31.46 42.72
CA GLY C 75 27.42 32.27 42.50
C GLY C 75 27.36 32.52 41.01
N GLY C 76 28.27 32.00 40.23
CA GLY C 76 27.97 32.02 38.79
C GLY C 76 28.14 33.38 38.16
N SER C 77 27.78 33.48 36.88
CA SER C 77 28.14 34.61 36.01
C SER C 77 27.20 35.85 36.17
N SER C 78 27.68 37.03 35.83
CA SER C 78 26.82 38.16 36.12
C SER C 78 25.49 37.90 35.36
N ASP C 79 24.34 38.09 36.04
CA ASP C 79 23.05 37.78 35.47
C ASP C 79 22.06 38.92 35.34
N LYS C 80 22.45 40.16 35.54
CA LYS C 80 21.48 41.27 35.46
C LYS C 80 21.95 42.31 34.48
N TRP C 81 21.06 43.23 34.22
CA TRP C 81 21.30 44.29 33.26
C TRP C 81 22.11 45.40 33.92
N ASN C 82 22.64 46.31 33.13
CA ASN C 82 23.48 47.29 33.78
C ASN C 82 22.76 48.61 34.05
N LYS C 83 22.13 49.13 33.00
CA LYS C 83 21.38 50.34 33.07
C LYS C 83 19.94 50.03 32.59
N PHE C 84 18.96 50.16 33.46
CA PHE C 84 17.62 49.93 32.98
C PHE C 84 16.64 50.87 33.63
N LYS C 85 15.40 50.89 33.11
CA LYS C 85 14.26 51.72 33.61
C LYS C 85 13.03 50.90 34.03
N LEU C 86 12.18 51.44 34.91
CA LEU C 86 10.91 50.83 35.25
C LEU C 86 9.83 51.69 34.60
N GLU C 87 9.04 51.17 33.68
CA GLU C 87 8.14 52.04 32.94
C GLU C 87 6.75 51.42 32.87
N TYR C 88 5.73 52.27 32.84
CA TYR C 88 4.35 51.78 32.80
C TYR C 88 3.62 52.45 31.66
N SER C 89 2.58 51.78 31.17
CA SER C 89 1.87 52.21 30.00
C SER C 89 0.45 51.80 30.14
N LEU C 90 -0.42 52.39 29.31
CA LEU C 90 -1.89 52.12 29.29
C LEU C 90 -2.32 51.48 27.98
N ASP C 91 -1.52 51.67 26.93
CA ASP C 91 -1.89 51.22 25.60
C ASP C 91 -0.86 50.29 25.01
N ASN C 92 0.13 49.88 25.82
CA ASN C 92 1.23 49.10 25.33
C ASN C 92 2.00 49.73 24.16
N GLU C 93 1.72 51.00 23.84
CA GLU C 93 2.49 51.76 22.82
C GLU C 93 3.35 52.84 23.42
N SER C 94 2.73 53.66 24.27
CA SER C 94 3.36 54.82 24.88
C SER C 94 3.76 54.52 26.28
N TRP C 95 5.03 54.71 26.62
CA TRP C 95 5.48 54.31 27.95
C TRP C 95 5.99 55.48 28.75
N THR C 96 5.91 55.39 30.07
CA THR C 96 6.30 56.47 30.96
C THR C 96 7.32 56.04 32.01
N THR C 97 8.50 56.66 31.98
CA THR C 97 9.51 56.21 32.91
C THR C 97 9.18 56.59 34.33
N ILE C 98 9.14 55.59 35.20
CA ILE C 98 9.15 55.78 36.67
C ILE C 98 10.58 55.82 37.31
N LYS C 99 11.54 55.05 36.84
CA LYS C 99 12.77 55.12 37.56
C LYS C 99 13.78 54.48 36.74
N GLU C 100 14.88 55.19 36.64
CA GLU C 100 16.10 54.69 36.02
C GLU C 100 17.00 54.01 37.06
N TYR C 101 17.77 53.01 36.62
CA TYR C 101 18.70 52.29 37.50
C TYR C 101 20.08 52.17 36.89
N ASP C 102 21.11 52.12 37.74
CA ASP C 102 22.44 51.77 37.24
C ASP C 102 22.93 50.70 38.18
N LYS C 103 22.91 49.43 37.79
CA LYS C 103 23.45 48.38 38.67
C LYS C 103 24.85 47.92 38.25
N THR C 104 25.59 48.75 37.50
CA THR C 104 26.92 48.42 37.03
C THR C 104 27.77 48.06 38.24
N GLY C 105 28.29 46.84 38.26
CA GLY C 105 29.12 46.42 39.39
C GLY C 105 28.38 45.42 40.24
N ALA C 106 27.06 45.32 40.10
CA ALA C 106 26.34 44.43 40.97
C ALA C 106 26.82 43.01 40.92
N PRO C 107 26.85 42.39 42.07
CA PRO C 107 27.21 41.00 42.16
C PRO C 107 26.14 40.14 41.50
N ALA C 108 26.50 38.91 41.13
CA ALA C 108 25.54 37.96 40.58
C ALA C 108 24.54 37.63 41.64
N GLY C 109 23.29 37.36 41.26
CA GLY C 109 22.33 36.94 42.27
C GLY C 109 21.07 37.74 42.28
N LYS C 110 20.08 37.28 43.06
CA LYS C 110 18.86 38.05 43.32
C LYS C 110 19.18 39.48 43.68
N ASP C 111 18.48 40.42 43.06
CA ASP C 111 18.41 41.79 43.58
C ASP C 111 16.96 42.16 43.65
N VAL C 112 16.53 42.69 44.79
CA VAL C 112 15.12 43.00 45.03
C VAL C 112 14.82 44.43 44.62
N ILE C 113 13.90 44.64 43.69
CA ILE C 113 13.63 45.98 43.26
C ILE C 113 12.27 46.32 43.75
N GLU C 114 12.23 47.08 44.85
CA GLU C 114 11.00 47.27 45.60
C GLU C 114 10.73 48.73 45.60
N GLU C 115 9.68 49.10 44.90
CA GLU C 115 9.34 50.48 44.71
C GLU C 115 7.99 50.74 45.30
N SER C 116 7.81 52.00 45.70
CA SER C 116 6.66 52.35 46.48
C SER C 116 5.97 53.59 45.90
N PHE C 117 4.72 53.50 45.52
CA PHE C 117 4.05 54.66 44.96
C PHE C 117 3.13 55.41 45.91
N GLU C 118 3.65 56.46 46.55
CA GLU C 118 2.86 57.26 47.46
C GLU C 118 1.55 57.63 46.77
N THR C 119 1.65 57.94 45.48
CA THR C 119 0.50 58.30 44.67
C THR C 119 0.22 57.17 43.68
N PRO C 120 -0.77 56.32 44.00
CA PRO C 120 -1.17 55.16 43.19
C PRO C 120 -1.23 55.44 41.70
N ILE C 121 -0.21 55.02 40.96
CA ILE C 121 -0.16 55.22 39.51
C ILE C 121 -1.17 54.27 38.87
N SER C 122 -1.72 54.66 37.73
CA SER C 122 -2.69 53.84 37.08
C SER C 122 -2.21 53.37 35.71
N ALA C 123 -2.20 52.05 35.52
CA ALA C 123 -1.52 51.43 34.40
C ALA C 123 -1.98 50.00 34.10
N LYS C 124 -1.91 49.60 32.84
CA LYS C 124 -2.37 48.27 32.44
C LYS C 124 -1.17 47.34 32.34
N TYR C 125 -0.02 47.94 31.96
CA TYR C 125 1.26 47.23 31.82
C TYR C 125 2.36 47.93 32.57
N ILE C 126 3.29 47.16 33.09
CA ILE C 126 4.45 47.75 33.73
C ILE C 126 5.65 46.85 33.54
N ARG C 127 6.82 47.39 33.25
CA ARG C 127 7.93 46.51 32.92
C ARG C 127 9.28 47.12 33.22
N LEU C 128 10.33 46.31 33.16
CA LEU C 128 11.68 46.84 33.11
C LEU C 128 12.21 46.80 31.68
N THR C 129 12.83 47.88 31.26
CA THR C 129 13.38 47.89 29.93
C THR C 129 14.89 48.16 29.92
N ASN C 130 15.67 47.30 29.28
CA ASN C 130 17.10 47.58 29.14
C ASN C 130 17.38 48.93 28.48
N LEU C 131 18.44 49.57 28.94
CA LEU C 131 18.88 50.85 28.38
C LEU C 131 20.21 50.85 27.63
N GLU C 132 21.08 49.90 27.96
CA GLU C 132 22.30 49.75 27.14
C GLU C 132 22.55 48.27 26.87
N PRO C 133 23.26 47.96 25.78
CA PRO C 133 23.65 46.57 25.46
C PRO C 133 24.31 45.95 26.66
N ARG C 134 24.10 44.64 26.81
CA ARG C 134 24.55 43.91 27.96
C ARG C 134 24.97 42.47 27.66
N HIS C 135 26.27 42.16 27.62
CA HIS C 135 26.63 40.81 27.24
C HIS C 135 26.62 39.79 28.36
N VAL C 136 25.47 39.36 28.81
CA VAL C 136 25.43 38.39 29.91
C VAL C 136 24.09 37.69 29.87
N GLN C 137 24.00 36.46 30.31
CA GLN C 137 22.76 35.75 30.12
C GLN C 137 21.87 36.08 31.28
N LEU C 138 20.64 36.53 30.97
CA LEU C 138 19.76 37.11 32.00
C LEU C 138 18.95 36.11 32.79
N THR C 139 18.87 36.33 34.08
CA THR C 139 18.01 35.47 34.86
C THR C 139 17.15 36.36 35.71
N PHE C 140 16.04 35.77 36.18
CA PHE C 140 15.05 36.47 36.98
C PHE C 140 14.24 35.56 37.90
N SER C 141 13.71 36.12 38.98
CA SER C 141 13.08 35.31 39.99
C SER C 141 11.59 35.57 40.22
N GLU C 142 11.18 36.80 40.48
CA GLU C 142 9.79 37.01 40.81
C GLU C 142 9.41 38.37 40.34
N PHE C 143 8.10 38.53 40.06
CA PHE C 143 7.51 39.79 39.60
C PHE C 143 6.11 39.96 40.14
N ALA C 144 5.92 40.91 41.06
CA ALA C 144 4.58 41.14 41.57
C ALA C 144 4.32 42.60 41.89
N ILE C 145 3.03 42.94 41.99
CA ILE C 145 2.54 44.29 42.20
C ILE C 145 2.14 44.47 43.64
N VAL C 146 2.06 45.70 44.12
CA VAL C 146 1.44 45.93 45.41
C VAL C 146 0.18 46.74 45.13
N SER C 147 -0.98 46.14 45.28
CA SER C 147 -2.19 46.88 45.06
C SER C 147 -2.91 47.03 46.37
N ASP C 148 -2.09 47.17 47.43
CA ASP C 148 -2.47 47.31 48.84
C ASP C 148 -3.09 46.06 49.47
N SER C 182 21.84 19.20 41.89
CA SER C 182 22.72 18.05 41.64
C SER C 182 23.89 18.32 40.58
N GLN C 183 24.73 19.36 40.84
CA GLN C 183 25.91 19.75 39.96
C GLN C 183 26.02 21.28 39.52
N VAL C 184 26.50 21.51 38.29
CA VAL C 184 26.97 22.77 37.72
C VAL C 184 26.84 22.70 36.21
N GLN C 185 26.44 23.79 35.59
CA GLN C 185 26.24 23.77 34.15
C GLN C 185 26.82 24.93 33.41
N LEU C 186 27.50 24.64 32.32
CA LEU C 186 27.99 25.67 31.40
C LEU C 186 26.88 25.87 30.39
N VAL C 187 26.56 27.10 30.02
CA VAL C 187 25.43 27.38 29.15
C VAL C 187 25.77 28.32 27.98
N GLU C 188 25.53 27.88 26.76
CA GLU C 188 25.82 28.70 25.61
C GLU C 188 24.56 29.39 25.20
N SER C 189 24.72 30.57 24.60
CA SER C 189 23.59 31.41 24.25
C SER C 189 23.93 32.30 23.06
N GLY C 190 22.90 32.78 22.38
CA GLY C 190 23.02 33.50 21.10
C GLY C 190 22.83 32.41 20.08
N GLY C 191 22.59 32.72 18.82
CA GLY C 191 22.53 31.53 17.95
C GLY C 191 21.18 31.15 17.38
N GLY C 192 21.09 31.32 16.06
CA GLY C 192 19.94 31.01 15.29
C GLY C 192 20.27 31.03 13.81
N LEU C 193 19.49 31.79 13.04
CA LEU C 193 19.56 31.71 11.59
C LEU C 193 20.32 32.90 11.19
N VAL C 194 21.34 32.72 10.39
CA VAL C 194 22.01 33.88 9.91
C VAL C 194 22.37 33.84 8.45
N GLN C 195 22.42 35.03 7.85
CA GLN C 195 22.60 35.06 6.41
C GLN C 195 24.07 34.88 6.05
N ALA C 196 24.37 34.29 4.91
CA ALA C 196 25.78 34.16 4.51
C ALA C 196 26.50 35.49 4.65
N GLY C 197 27.76 35.45 5.06
CA GLY C 197 28.59 36.66 5.21
C GLY C 197 28.27 37.53 6.43
N GLY C 198 27.38 37.07 7.30
CA GLY C 198 27.02 37.86 8.48
C GLY C 198 27.94 37.52 9.62
N SER C 199 27.64 38.17 10.75
CA SER C 199 28.33 38.02 12.01
C SER C 199 27.31 37.55 12.97
N LEU C 200 27.74 36.79 13.94
CA LEU C 200 26.90 36.36 15.04
C LEU C 200 27.85 36.11 16.17
N ARG C 201 27.39 36.46 17.38
CA ARG C 201 28.22 36.21 18.53
C ARG C 201 27.64 35.36 19.71
N LEU C 202 28.36 34.32 20.12
CA LEU C 202 27.88 33.47 21.19
C LEU C 202 28.52 33.76 22.55
N SER C 203 27.84 33.37 23.64
CA SER C 203 28.42 33.53 24.97
C SER C 203 28.22 32.29 25.83
N CYS C 204 29.25 31.94 26.61
CA CYS C 204 29.14 30.91 27.61
C CYS C 204 29.17 31.46 29.05
N ALA C 205 28.23 30.97 29.86
CA ALA C 205 28.07 31.40 31.22
C ALA C 205 28.06 30.14 32.06
N ALA C 206 28.26 30.25 33.38
CA ALA C 206 28.30 29.07 34.25
C ALA C 206 27.43 29.27 35.49
N SER C 207 26.91 28.21 36.10
CA SER C 207 26.02 28.41 37.25
C SER C 207 26.77 28.70 38.58
N ARG C 208 27.99 28.22 38.68
CA ARG C 208 28.82 28.47 39.87
C ARG C 208 30.21 28.97 39.51
N ARG C 209 30.83 29.70 40.43
CA ARG C 209 32.16 30.22 40.11
C ARG C 209 33.29 29.33 40.68
N SER C 210 34.05 28.63 39.85
CA SER C 210 35.17 27.79 40.38
C SER C 210 36.25 28.63 41.01
N SER C 211 36.91 28.11 42.04
CA SER C 211 38.14 28.70 42.61
C SER C 211 39.38 28.51 41.76
N ARG C 212 39.44 27.56 40.82
CA ARG C 212 40.60 27.58 39.93
C ARG C 212 40.32 28.20 38.61
N SER C 213 41.39 28.42 37.87
CA SER C 213 41.25 28.87 36.54
C SER C 213 41.04 27.71 35.63
N TRP C 214 40.26 27.94 34.56
CA TRP C 214 40.02 26.93 33.53
C TRP C 214 40.32 27.41 32.14
N ALA C 215 40.89 26.58 31.31
CA ALA C 215 40.95 26.93 29.91
C ALA C 215 39.54 26.70 29.32
N MET C 216 39.07 27.62 28.49
CA MET C 216 37.75 27.46 27.85
C MET C 216 37.86 27.23 26.39
N ALA C 217 36.97 26.44 25.83
CA ALA C 217 37.07 26.16 24.37
C ALA C 217 35.72 26.02 23.70
N TRP C 218 35.70 26.28 22.39
CA TRP C 218 34.50 26.15 21.57
C TRP C 218 34.68 25.05 20.56
N PHE C 219 33.72 24.14 20.48
CA PHE C 219 33.74 23.06 19.47
C PHE C 219 32.49 23.17 18.71
N ARG C 220 32.42 22.53 17.54
CA ARG C 220 31.13 22.39 16.85
C ARG C 220 30.91 21.02 16.25
N GLN C 221 29.63 20.65 16.11
CA GLN C 221 29.22 19.39 15.48
C GLN C 221 28.03 19.60 14.51
N ALA C 222 28.27 19.19 13.26
CA ALA C 222 27.28 19.30 12.20
C ALA C 222 26.73 17.91 12.15
N PRO C 223 25.50 17.77 11.64
CA PRO C 223 24.87 16.46 11.89
C PRO C 223 25.57 15.31 11.20
N GLY C 224 25.65 14.21 11.93
CA GLY C 224 26.27 12.99 11.49
C GLY C 224 27.76 13.14 11.31
N LYS C 225 28.37 14.14 11.92
CA LYS C 225 29.79 14.34 11.77
C LYS C 225 30.46 14.39 13.11
N GLU C 226 31.78 14.44 13.14
CA GLU C 226 32.45 14.43 14.44
C GLU C 226 32.59 15.79 15.02
N ARG C 227 32.52 15.90 16.33
CA ARG C 227 32.70 17.18 16.97
C ARG C 227 34.07 17.88 16.67
N GLU C 228 34.10 19.01 15.96
CA GLU C 228 35.37 19.66 15.60
C GLU C 228 35.85 20.69 16.62
N PHE C 229 37.16 20.94 16.65
CA PHE C 229 37.68 22.00 17.53
C PHE C 229 37.50 23.38 16.85
N VAL C 230 37.15 24.42 17.56
CA VAL C 230 36.97 25.64 16.84
C VAL C 230 37.91 26.66 17.38
N ALA C 231 37.92 26.86 18.69
CA ALA C 231 38.88 27.76 19.28
C ALA C 231 39.08 27.47 20.75
N LYS C 232 40.26 27.82 21.30
CA LYS C 232 40.46 27.76 22.76
C LYS C 232 41.15 28.99 23.31
N ILE C 233 40.98 29.18 24.61
CA ILE C 233 41.59 30.33 25.28
C ILE C 233 42.06 29.94 26.68
N SER C 234 43.24 30.43 27.05
CA SER C 234 43.87 30.12 28.33
C SER C 234 43.18 30.87 29.44
N GLY C 235 43.17 30.27 30.62
CA GLY C 235 42.53 30.86 31.81
C GLY C 235 42.65 32.36 32.01
N ASP C 236 43.83 32.90 31.85
CA ASP C 236 44.06 34.33 32.01
C ASP C 236 43.80 35.13 30.73
N GLY C 237 43.40 34.47 29.66
CA GLY C 237 43.09 35.22 28.47
C GLY C 237 44.28 35.46 27.59
N ARG C 238 45.48 35.20 28.11
CA ARG C 238 46.65 35.60 27.32
C ARG C 238 46.95 34.69 26.11
N LEU C 239 46.52 33.44 26.10
CA LEU C 239 46.85 32.56 24.97
C LEU C 239 45.59 32.07 24.31
N THR C 240 45.54 32.18 22.99
CA THR C 240 44.40 31.66 22.22
C THR C 240 44.90 31.02 20.94
N THR C 241 44.31 29.88 20.59
CA THR C 241 44.46 29.34 19.25
C THR C 241 43.11 28.91 18.56
N TYR C 242 43.18 28.74 17.25
CA TYR C 242 42.03 28.52 16.38
C TYR C 242 42.16 27.34 15.46
N GLY C 243 41.09 26.57 15.30
CA GLY C 243 41.02 25.53 14.27
C GLY C 243 41.23 26.17 12.91
N ASP C 244 41.68 25.37 11.94
CA ASP C 244 42.11 25.99 10.70
C ASP C 244 40.99 26.60 9.89
N SER C 245 39.82 25.94 9.94
CA SER C 245 38.62 26.41 9.26
C SER C 245 38.23 27.83 9.65
N VAL C 246 38.46 28.23 10.89
CA VAL C 246 37.94 29.52 11.34
C VAL C 246 38.95 30.68 11.50
N LYS C 247 40.24 30.35 11.51
CA LYS C 247 41.33 31.34 11.70
C LYS C 247 41.03 32.57 10.85
N GLY C 248 41.07 33.76 11.42
CA GLY C 248 40.79 34.94 10.61
C GLY C 248 39.37 35.45 10.75
N ARG C 249 38.41 34.55 10.67
CA ARG C 249 37.02 34.94 10.76
C ARG C 249 36.56 34.99 12.20
N PHE C 250 36.78 33.92 12.96
CA PHE C 250 36.22 33.85 14.36
C PHE C 250 37.17 34.42 15.39
N THR C 251 36.66 34.99 16.46
CA THR C 251 37.49 35.39 17.60
C THR C 251 36.99 34.92 18.99
N ILE C 252 37.82 34.18 19.73
CA ILE C 252 37.47 33.82 21.14
C ILE C 252 37.87 34.87 22.20
N SER C 253 37.13 34.99 23.26
CA SER C 253 37.58 35.90 24.28
C SER C 253 36.78 35.67 25.55
N ARG C 254 37.21 36.25 26.65
CA ARG C 254 36.48 36.03 27.88
C ARG C 254 36.57 37.25 28.74
N ASP C 255 35.60 37.34 29.61
CA ASP C 255 35.64 38.32 30.60
C ASP C 255 35.50 37.54 31.96
N ASN C 256 36.59 37.60 32.75
CA ASN C 256 36.64 36.83 33.97
C ASN C 256 35.93 37.53 35.09
N ALA C 257 35.90 38.85 35.06
CA ALA C 257 35.22 39.63 36.07
C ALA C 257 33.72 39.30 36.05
N GLU C 258 33.16 39.15 34.83
CA GLU C 258 31.75 38.90 34.56
C GLU C 258 31.55 37.37 34.45
N TYR C 259 32.62 36.61 34.19
CA TYR C 259 32.54 35.14 34.11
C TYR C 259 31.79 34.64 32.86
N LEU C 260 32.19 35.15 31.69
CA LEU C 260 31.67 34.69 30.43
C LEU C 260 32.79 34.61 29.43
N VAL C 261 32.54 33.77 28.42
CA VAL C 261 33.43 33.56 27.27
C VAL C 261 32.59 33.88 26.07
N TYR C 262 33.22 34.24 24.96
CA TYR C 262 32.49 34.78 23.82
C TYR C 262 33.10 34.24 22.57
N LEU C 263 32.29 33.94 21.58
CA LEU C 263 32.85 33.62 20.32
C LEU C 263 32.25 34.56 19.34
N GLN C 264 33.07 35.30 18.61
CA GLN C 264 32.57 36.20 17.60
C GLN C 264 32.76 35.49 16.28
N MET C 265 31.68 35.27 15.51
CA MET C 265 31.87 34.68 14.19
C MET C 265 31.58 35.73 13.15
N ASP C 266 32.60 36.13 12.38
CA ASP C 266 32.37 37.14 11.33
C ASP C 266 32.39 36.40 10.03
N SER C 267 31.95 37.03 8.95
CA SER C 267 32.03 36.37 7.64
C SER C 267 31.62 34.90 7.69
N LEU C 268 30.38 34.64 8.07
CA LEU C 268 29.93 33.27 8.15
C LEU C 268 29.62 32.63 6.80
N LYS C 269 29.63 31.31 6.78
CA LYS C 269 29.47 30.52 5.58
C LYS C 269 28.48 29.47 5.91
N PRO C 270 27.98 28.77 4.90
CA PRO C 270 27.03 27.71 5.27
C PRO C 270 27.69 26.47 5.87
N GLU C 271 28.95 26.23 5.52
CA GLU C 271 29.67 25.09 6.09
C GLU C 271 30.00 25.31 7.59
N ASP C 272 29.69 26.53 8.10
CA ASP C 272 29.68 26.81 9.55
C ASP C 272 28.45 26.28 10.30
N THR C 273 27.41 25.86 9.59
CA THR C 273 26.27 25.32 10.28
C THR C 273 26.66 24.21 11.25
N ALA C 274 26.16 24.29 12.48
CA ALA C 274 26.42 23.25 13.45
C ALA C 274 25.93 23.63 14.79
N VAL C 275 25.88 22.67 15.70
CA VAL C 275 25.68 22.99 17.10
C VAL C 275 27.00 23.50 17.66
N TYR C 276 26.98 24.57 18.43
CA TYR C 276 28.23 25.04 19.04
C TYR C 276 28.27 24.78 20.54
N TYR C 277 29.26 24.02 21.01
CA TYR C 277 29.41 23.77 22.45
C TYR C 277 30.54 24.58 23.00
N CYS C 278 30.39 24.98 24.24
CA CYS C 278 31.49 25.53 24.97
C CYS C 278 31.95 24.55 26.01
N ALA C 279 33.25 24.50 26.24
CA ALA C 279 33.84 23.46 27.10
C ALA C 279 34.93 23.98 28.03
N ALA C 280 35.02 23.38 29.21
CA ALA C 280 36.03 23.82 30.20
C ALA C 280 37.09 22.74 30.50
N ASP C 281 38.36 23.13 30.35
CA ASP C 281 39.49 22.22 30.54
C ASP C 281 40.45 22.82 31.54
N ASP C 282 41.00 21.99 32.42
CA ASP C 282 42.03 22.48 33.35
C ASP C 282 43.37 22.48 32.67
N ASN C 283 43.44 21.95 31.46
CA ASN C 283 44.70 21.98 30.81
C ASN C 283 44.56 22.57 29.42
N TYR C 284 45.16 23.74 29.22
CA TYR C 284 45.07 24.43 27.95
C TYR C 284 45.61 23.60 26.81
N VAL C 285 46.63 22.79 27.09
CA VAL C 285 47.16 22.00 26.01
C VAL C 285 46.09 20.98 25.59
N THR C 286 45.37 20.35 26.52
CA THR C 286 44.36 19.38 26.11
C THR C 286 43.00 19.96 25.73
N ALA C 287 42.87 21.30 25.76
CA ALA C 287 41.54 21.95 25.62
C ALA C 287 40.98 21.83 24.19
N SER C 288 41.84 21.56 23.21
CA SER C 288 41.34 21.39 21.89
C SER C 288 41.22 19.96 21.46
N TRP C 289 40.93 19.04 22.39
CA TRP C 289 40.70 17.62 22.05
C TRP C 289 39.40 17.14 22.59
N ARG C 290 38.60 16.44 21.81
CA ARG C 290 37.33 15.96 22.33
C ARG C 290 37.49 15.45 23.82
N SER C 291 38.48 14.60 24.04
CA SER C 291 38.74 14.05 25.36
C SER C 291 39.69 14.93 26.18
N GLY C 292 39.30 16.20 26.33
CA GLY C 292 40.10 17.14 27.09
C GLY C 292 39.27 17.91 28.10
N PRO C 293 38.17 18.52 27.63
CA PRO C 293 37.25 19.28 28.48
C PRO C 293 36.60 18.41 29.54
N ASP C 294 36.66 18.84 30.80
CA ASP C 294 36.08 18.12 31.88
C ASP C 294 34.63 18.48 32.06
N TYR C 295 34.23 19.53 31.38
CA TYR C 295 32.87 20.07 31.44
C TYR C 295 32.36 20.60 30.10
N TRP C 296 31.16 20.17 29.72
CA TRP C 296 30.60 20.61 28.44
C TRP C 296 29.26 21.33 28.50
N GLY C 297 29.05 22.30 27.65
CA GLY C 297 27.71 22.86 27.56
C GLY C 297 26.84 21.95 26.67
N GLN C 298 25.54 22.26 26.62
CA GLN C 298 24.64 21.39 25.87
C GLN C 298 24.55 21.75 24.42
N GLY C 299 24.85 23.00 24.16
CA GLY C 299 25.13 23.48 22.82
C GLY C 299 24.02 24.41 22.37
N THR C 300 24.35 25.22 21.39
CA THR C 300 23.41 26.19 20.81
C THR C 300 23.51 26.01 19.30
N GLN C 301 22.36 25.92 18.61
CA GLN C 301 22.38 25.56 17.16
C GLN C 301 22.52 26.85 16.36
N VAL C 302 23.48 26.88 15.43
CA VAL C 302 23.70 27.99 14.48
C VAL C 302 23.59 27.52 13.03
N THR C 303 22.64 28.07 12.29
CA THR C 303 22.48 27.76 10.86
C THR C 303 22.72 29.00 10.03
N VAL C 304 23.52 28.86 8.96
CA VAL C 304 23.79 29.94 8.02
C VAL C 304 23.26 29.58 6.65
N SER C 305 22.23 30.29 6.19
CA SER C 305 21.66 30.00 4.85
C SER C 305 22.45 30.77 3.78
N SER C 306 22.51 30.16 2.58
CA SER C 306 23.30 30.60 1.37
C SER C 306 23.01 32.01 0.86
N ASN D 9 -19.22 10.73 46.24
CA ASN D 9 -20.07 11.07 45.01
C ASN D 9 -20.28 9.98 43.88
N PRO D 10 -19.25 9.11 43.61
CA PRO D 10 -19.33 8.06 42.56
C PRO D 10 -20.16 6.87 43.02
N SER D 11 -20.88 6.26 42.09
CA SER D 11 -21.77 5.15 42.47
C SER D 11 -21.20 3.84 41.92
N LEU D 12 -21.43 2.71 42.58
CA LEU D 12 -20.94 1.47 42.02
C LEU D 12 -21.87 1.02 40.93
N ILE D 13 -21.32 0.28 39.95
CA ILE D 13 -22.13 -0.45 38.96
C ILE D 13 -21.56 -1.81 38.72
N ARG D 14 -22.39 -2.84 38.62
CA ARG D 14 -21.88 -4.16 38.31
C ARG D 14 -22.92 -5.04 37.73
N SER D 15 -22.48 -6.21 37.28
CA SER D 15 -23.33 -7.18 36.66
C SER D 15 -24.60 -7.49 37.40
N GLU D 16 -25.66 -7.55 36.63
CA GLU D 16 -26.98 -7.78 37.21
C GLU D 16 -27.15 -9.22 37.62
N SER D 17 -26.27 -10.10 37.17
CA SER D 17 -26.46 -11.49 37.50
C SER D 17 -25.82 -11.85 38.81
N TRP D 18 -25.46 -10.85 39.61
CA TRP D 18 -24.79 -11.13 40.86
C TRP D 18 -25.67 -10.66 41.99
N HIS D 19 -25.63 -11.35 43.12
CA HIS D 19 -26.21 -10.84 44.35
C HIS D 19 -25.25 -11.05 45.50
N VAL D 20 -25.27 -10.15 46.48
CA VAL D 20 -24.31 -10.12 47.56
C VAL D 20 -24.53 -11.24 48.52
N TYR D 21 -23.50 -11.96 48.96
CA TYR D 21 -23.66 -12.99 50.03
C TYR D 21 -23.48 -12.43 51.40
N ASP D 22 -22.46 -11.58 51.54
CA ASP D 22 -22.00 -11.14 52.85
C ASP D 22 -21.18 -9.91 52.48
N GLY D 23 -21.12 -8.95 53.40
CA GLY D 23 -20.58 -7.62 53.11
C GLY D 23 -21.75 -6.67 52.86
N ASN D 24 -21.48 -5.38 52.91
CA ASN D 24 -22.40 -4.36 52.45
C ASN D 24 -21.69 -3.76 51.23
N GLU D 25 -22.40 -3.53 50.15
CA GLU D 25 -21.75 -2.96 49.01
C GLU D 25 -21.15 -1.54 49.28
N ALA D 26 -21.39 -0.92 50.43
CA ALA D 26 -20.79 0.44 50.62
C ALA D 26 -19.35 0.29 51.06
N ASN D 27 -19.06 -0.95 51.43
CA ASN D 27 -17.71 -1.39 51.72
C ASN D 27 -16.77 -1.21 50.57
N LEU D 28 -17.29 -1.37 49.36
CA LEU D 28 -16.50 -1.14 48.19
C LEU D 28 -16.19 0.33 47.96
N LEU D 29 -16.67 1.22 48.82
CA LEU D 29 -16.46 2.63 48.53
C LEU D 29 -15.96 3.43 49.73
N ASP D 30 -15.58 2.72 50.78
CA ASP D 30 -15.22 3.38 52.01
C ASP D 30 -13.74 3.82 52.06
N GLY D 31 -12.94 3.36 51.11
CA GLY D 31 -11.51 3.65 51.15
C GLY D 31 -10.87 2.78 52.22
N ASP D 32 -11.19 1.51 52.23
CA ASP D 32 -10.57 0.62 53.19
C ASP D 32 -10.38 -0.72 52.54
N ASP D 33 -9.17 -1.23 52.53
CA ASP D 33 -8.93 -2.40 51.75
C ASP D 33 -9.36 -3.67 52.45
N ASN D 34 -9.66 -3.55 53.74
CA ASN D 34 -9.92 -4.74 54.56
C ASN D 34 -11.38 -5.10 54.81
N THR D 35 -12.26 -4.29 54.20
CA THR D 35 -13.70 -4.46 54.22
C THR D 35 -14.10 -4.70 52.76
N GLY D 36 -14.76 -5.81 52.47
CA GLY D 36 -15.04 -6.16 51.08
C GLY D 36 -16.42 -6.72 50.95
N VAL D 37 -16.66 -7.49 49.89
CA VAL D 37 -18.00 -8.05 49.57
C VAL D 37 -17.84 -9.37 48.83
N TRP D 38 -18.55 -10.42 49.21
CA TRP D 38 -18.46 -11.71 48.49
C TRP D 38 -19.73 -11.82 47.64
N TYR D 39 -19.65 -12.11 46.33
CA TYR D 39 -20.87 -12.22 45.55
C TYR D 39 -21.20 -13.61 45.17
N LYS D 40 -22.49 -13.98 45.24
CA LYS D 40 -23.05 -15.18 44.60
C LYS D 40 -23.46 -14.82 43.18
N ARG D 41 -23.73 -15.81 42.34
CA ARG D 41 -24.15 -15.62 40.96
C ARG D 41 -25.53 -16.17 40.78
N SER D 42 -26.30 -15.54 39.91
CA SER D 42 -27.70 -15.79 39.77
C SER D 42 -27.97 -17.03 38.98
N ASN D 43 -27.54 -17.17 37.73
CA ASN D 43 -28.00 -18.42 37.01
C ASN D 43 -26.97 -19.47 36.60
N GLY D 44 -26.28 -20.06 37.56
CA GLY D 44 -25.11 -20.89 37.20
C GLY D 44 -23.90 -20.23 37.78
N GLU D 45 -22.88 -20.99 38.11
CA GLU D 45 -21.91 -20.50 39.05
C GLU D 45 -20.86 -19.65 38.42
N ALA D 46 -20.64 -19.92 37.14
CA ALA D 46 -19.47 -19.45 36.40
C ALA D 46 -19.66 -18.04 35.87
N SER D 47 -18.75 -17.11 36.18
CA SER D 47 -18.82 -15.74 35.64
C SER D 47 -18.50 -15.70 34.17
N LEU D 48 -19.40 -15.18 33.36
CA LEU D 48 -19.18 -15.18 31.93
C LEU D 48 -18.54 -13.91 31.37
N ALA D 49 -18.03 -14.02 30.13
CA ALA D 49 -17.28 -12.92 29.49
C ALA D 49 -18.24 -11.76 29.46
N GLY D 50 -17.75 -10.52 29.51
CA GLY D 50 -18.64 -9.41 29.57
C GLY D 50 -19.10 -8.99 30.95
N GLU D 51 -19.16 -9.85 31.96
CA GLU D 51 -19.60 -9.38 33.31
C GLU D 51 -18.64 -8.34 33.87
N PHE D 52 -19.06 -7.59 34.87
CA PHE D 52 -18.27 -6.40 35.09
C PHE D 52 -18.46 -5.77 36.43
N ILE D 53 -17.61 -4.83 36.80
CA ILE D 53 -17.87 -4.08 38.03
C ILE D 53 -17.00 -2.87 38.02
N GLY D 54 -17.51 -1.72 38.47
CA GLY D 54 -16.91 -0.45 38.13
C GLY D 54 -17.61 0.76 38.67
N LEU D 55 -17.37 1.97 38.16
CA LEU D 55 -18.02 3.11 38.77
C LEU D 55 -18.87 3.86 37.80
N ASP D 56 -20.01 4.35 38.29
CA ASP D 56 -20.77 5.42 37.66
C ASP D 56 -20.22 6.68 38.29
N LEU D 57 -19.65 7.48 37.44
CA LEU D 57 -18.93 8.63 37.92
C LEU D 57 -19.82 9.83 38.19
N GLY D 58 -21.14 9.74 37.94
CA GLY D 58 -22.04 10.88 38.16
C GLY D 58 -22.16 11.75 36.92
N LYS D 59 -21.15 12.56 36.60
CA LYS D 59 -21.12 13.19 35.31
C LYS D 59 -19.82 12.85 34.63
N GLU D 60 -19.64 13.23 33.37
CA GLU D 60 -18.33 13.07 32.68
C GLU D 60 -17.22 13.83 33.39
N ILE D 61 -16.18 13.14 33.78
CA ILE D 61 -15.05 13.87 34.35
C ILE D 61 -13.74 13.34 33.86
N LYS D 62 -12.68 13.97 34.35
CA LYS D 62 -11.33 13.72 33.84
C LYS D 62 -10.54 13.00 34.90
N LEU D 63 -10.18 11.75 34.63
CA LEU D 63 -9.38 10.96 35.57
C LEU D 63 -7.87 11.01 35.37
N ASP D 64 -7.14 10.89 36.46
CA ASP D 64 -5.69 10.82 36.38
C ASP D 64 -5.21 9.42 36.69
N GLY D 65 -6.16 8.58 37.09
CA GLY D 65 -5.85 7.24 37.52
C GLY D 65 -6.97 6.68 38.36
N ILE D 66 -6.86 5.38 38.64
CA ILE D 66 -7.83 4.65 39.44
C ILE D 66 -7.13 3.65 40.35
N ARG D 67 -7.80 3.21 41.40
CA ARG D 67 -7.23 2.19 42.23
C ARG D 67 -8.33 1.17 42.56
N PHE D 68 -8.25 -0.04 42.05
CA PHE D 68 -9.32 -0.99 42.33
C PHE D 68 -8.71 -2.15 43.08
N VAL D 69 -9.39 -2.67 44.07
CA VAL D 69 -8.81 -3.71 44.85
C VAL D 69 -9.79 -4.83 44.78
N ILE D 70 -9.38 -5.89 44.11
CA ILE D 70 -10.21 -7.03 43.84
C ILE D 70 -9.81 -8.20 44.71
N GLY D 71 -10.69 -9.19 44.86
CA GLY D 71 -10.52 -10.28 45.78
C GLY D 71 -10.67 -9.73 47.18
N LYS D 72 -10.82 -10.64 48.14
CA LYS D 72 -10.92 -10.17 49.48
C LYS D 72 -9.97 -11.03 50.23
N ASN D 73 -9.32 -10.42 51.21
CA ASN D 73 -8.67 -11.14 52.32
C ASN D 73 -9.28 -12.49 52.73
N GLY D 74 -8.40 -13.32 53.31
CA GLY D 74 -8.72 -14.71 53.66
C GLY D 74 -8.17 -15.47 52.46
N GLY D 75 -7.29 -16.42 52.78
CA GLY D 75 -6.74 -17.38 51.82
C GLY D 75 -7.77 -18.47 51.88
N GLY D 76 -8.79 -18.31 51.02
CA GLY D 76 -9.85 -19.29 50.83
C GLY D 76 -9.70 -19.79 49.42
N SER D 77 -10.83 -19.95 48.72
CA SER D 77 -10.91 -20.35 47.30
C SER D 77 -10.53 -19.18 46.39
N SER D 78 -10.07 -19.49 45.18
CA SER D 78 -9.62 -18.41 44.34
C SER D 78 -10.78 -17.46 44.16
N ASP D 79 -10.52 -16.16 44.08
CA ASP D 79 -11.58 -15.22 44.06
C ASP D 79 -11.49 -14.07 43.03
N LYS D 80 -10.96 -14.31 41.84
CA LYS D 80 -10.70 -13.27 40.85
C LYS D 80 -10.71 -13.84 39.44
N TRP D 81 -10.92 -12.98 38.47
CA TRP D 81 -10.93 -13.40 37.09
C TRP D 81 -9.51 -13.79 36.60
N ASN D 82 -9.41 -14.54 35.51
CA ASN D 82 -8.08 -14.67 34.92
C ASN D 82 -7.73 -13.55 33.94
N LYS D 83 -8.59 -13.36 32.93
CA LYS D 83 -8.32 -12.41 31.88
C LYS D 83 -9.42 -11.44 32.06
N PHE D 84 -9.13 -10.19 31.90
CA PHE D 84 -10.14 -9.16 32.08
C PHE D 84 -9.57 -7.80 31.70
N LYS D 85 -10.38 -6.74 31.71
CA LYS D 85 -9.88 -5.54 31.07
C LYS D 85 -10.49 -4.32 31.69
N LEU D 86 -9.71 -3.25 31.79
CA LEU D 86 -10.25 -2.04 32.35
C LEU D 86 -10.62 -1.19 31.17
N GLU D 87 -11.85 -0.69 31.20
CA GLU D 87 -12.41 0.01 30.05
C GLU D 87 -13.28 1.15 30.57
N TYR D 88 -13.46 2.18 29.75
CA TYR D 88 -14.31 3.32 30.14
C TYR D 88 -15.30 3.77 29.09
N SER D 89 -16.29 4.53 29.54
CA SER D 89 -17.37 4.95 28.68
C SER D 89 -17.84 6.36 28.96
N LEU D 90 -18.31 7.00 27.90
CA LEU D 90 -18.94 8.30 28.00
C LEU D 90 -20.46 8.22 28.23
N ASP D 91 -21.09 7.17 27.75
CA ASP D 91 -22.53 7.09 27.68
C ASP D 91 -23.08 5.81 28.31
N ASN D 92 -22.22 4.86 28.61
CA ASN D 92 -22.69 3.56 29.01
C ASN D 92 -23.06 2.64 27.86
N GLU D 93 -23.10 3.18 26.66
CA GLU D 93 -23.25 2.33 25.47
C GLU D 93 -21.92 1.81 24.91
N SER D 94 -20.89 2.65 24.89
CA SER D 94 -19.62 2.35 24.23
C SER D 94 -18.40 2.23 25.13
N TRP D 95 -17.55 1.24 24.88
CA TRP D 95 -16.40 1.08 25.77
C TRP D 95 -15.03 1.04 25.12
N THR D 96 -14.15 1.88 25.61
CA THR D 96 -12.77 1.81 25.13
C THR D 96 -11.88 1.12 26.16
N THR D 97 -11.05 0.21 25.68
CA THR D 97 -10.15 -0.52 26.55
C THR D 97 -8.90 0.31 26.87
N ILE D 98 -8.64 0.47 28.16
CA ILE D 98 -7.34 0.94 28.62
C ILE D 98 -6.30 -0.19 28.82
N LYS D 99 -6.71 -1.35 29.29
CA LYS D 99 -5.71 -2.25 29.69
C LYS D 99 -6.34 -3.53 29.91
N GLU D 100 -5.81 -4.52 29.23
CA GLU D 100 -6.20 -5.90 29.46
C GLU D 100 -5.26 -6.54 30.51
N TYR D 101 -5.73 -7.58 31.21
CA TYR D 101 -4.97 -8.24 32.30
C TYR D 101 -4.95 -9.79 32.24
N ASP D 102 -3.81 -10.39 32.54
CA ASP D 102 -3.83 -11.78 32.75
C ASP D 102 -3.32 -12.07 34.14
N LYS D 103 -4.20 -12.53 35.03
CA LYS D 103 -3.78 -12.89 36.36
C LYS D 103 -3.95 -14.37 36.58
N THR D 104 -3.92 -15.13 35.51
CA THR D 104 -4.03 -16.57 35.71
C THR D 104 -3.02 -16.97 36.76
N GLY D 105 -3.52 -17.72 37.72
CA GLY D 105 -2.70 -18.46 38.69
C GLY D 105 -2.41 -17.65 39.93
N ALA D 106 -3.02 -16.47 40.05
CA ALA D 106 -2.68 -15.57 41.16
C ALA D 106 -3.29 -16.16 42.38
N PRO D 107 -2.66 -16.02 43.56
CA PRO D 107 -3.30 -16.56 44.78
C PRO D 107 -4.49 -15.73 45.28
N ALA D 108 -5.47 -16.46 45.81
CA ALA D 108 -6.61 -15.93 46.50
C ALA D 108 -6.27 -14.75 47.35
N GLY D 109 -7.07 -13.70 47.32
CA GLY D 109 -6.89 -12.63 48.32
C GLY D 109 -6.74 -11.32 47.63
N LYS D 110 -6.68 -10.21 48.35
CA LYS D 110 -6.69 -8.95 47.63
C LYS D 110 -5.52 -8.76 46.70
N ASP D 111 -5.76 -7.87 45.75
CA ASP D 111 -4.85 -7.55 44.69
C ASP D 111 -5.25 -6.14 44.32
N VAL D 112 -4.31 -5.23 44.47
CA VAL D 112 -4.53 -3.82 44.23
C VAL D 112 -4.19 -3.57 42.79
N ILE D 113 -5.13 -3.05 42.03
CA ILE D 113 -4.83 -2.60 40.68
C ILE D 113 -4.76 -1.08 40.64
N GLU D 114 -3.57 -0.53 40.42
CA GLU D 114 -3.42 0.90 40.46
C GLU D 114 -2.99 1.31 39.08
N GLU D 115 -3.64 2.29 38.48
CA GLU D 115 -3.20 2.73 37.17
C GLU D 115 -3.14 4.24 37.12
N SER D 116 -2.32 4.77 36.18
CA SER D 116 -2.09 6.20 36.11
C SER D 116 -2.13 6.77 34.74
N PHE D 117 -3.07 7.66 34.54
CA PHE D 117 -3.29 8.24 33.25
C PHE D 117 -2.48 9.51 33.15
N GLU D 118 -1.37 9.39 32.42
CA GLU D 118 -0.41 10.46 32.37
C GLU D 118 -1.00 11.71 31.73
N THR D 119 -1.81 11.51 30.70
CA THR D 119 -2.76 12.54 30.31
C THR D 119 -4.08 12.08 30.89
N PRO D 120 -4.98 13.01 31.28
CA PRO D 120 -6.30 12.63 31.79
C PRO D 120 -7.12 11.85 30.79
N ILE D 121 -8.05 11.05 31.30
CA ILE D 121 -9.08 10.40 30.50
C ILE D 121 -10.45 10.97 30.88
N SER D 122 -11.21 11.43 29.90
CA SER D 122 -12.59 11.86 30.12
C SER D 122 -13.57 10.68 30.08
N ALA D 123 -14.17 10.36 31.23
CA ALA D 123 -15.21 9.31 31.29
C ALA D 123 -16.35 9.66 32.21
N LYS D 124 -17.47 8.96 32.03
CA LYS D 124 -18.58 8.99 32.97
C LYS D 124 -18.66 7.60 33.60
N TYR D 125 -18.17 6.60 32.89
CA TYR D 125 -18.15 5.27 33.45
C TYR D 125 -16.77 4.63 33.32
N ILE D 126 -16.30 3.97 34.37
CA ILE D 126 -15.10 3.15 34.26
C ILE D 126 -15.20 1.81 35.03
N ARG D 127 -14.92 0.68 34.39
CA ARG D 127 -15.07 -0.59 35.09
C ARG D 127 -14.00 -1.66 34.75
N LEU D 128 -14.05 -2.79 35.43
CA LEU D 128 -13.33 -3.97 34.95
C LEU D 128 -14.28 -4.96 34.27
N THR D 129 -13.88 -5.65 33.22
CA THR D 129 -14.86 -6.50 32.58
C THR D 129 -14.21 -7.81 32.29
N ASN D 130 -14.91 -8.90 32.62
CA ASN D 130 -14.34 -10.25 32.46
C ASN D 130 -14.10 -10.60 30.99
N LEU D 131 -13.12 -11.43 30.73
CA LEU D 131 -12.82 -11.76 29.36
C LEU D 131 -12.97 -13.23 28.98
N GLU D 132 -13.06 -14.14 29.93
CA GLU D 132 -13.15 -15.55 29.64
C GLU D 132 -14.00 -16.13 30.75
N PRO D 133 -14.79 -17.15 30.45
CA PRO D 133 -15.55 -17.68 31.59
C PRO D 133 -14.61 -18.05 32.74
N ARG D 134 -14.94 -17.55 33.93
CA ARG D 134 -14.24 -17.92 35.19
C ARG D 134 -15.10 -18.68 36.24
N HIS D 135 -14.79 -19.95 36.53
CA HIS D 135 -15.55 -20.74 37.52
C HIS D 135 -15.12 -20.54 39.00
N VAL D 136 -15.12 -19.28 39.46
CA VAL D 136 -14.95 -19.04 40.87
C VAL D 136 -16.14 -18.29 41.41
N GLN D 137 -15.95 -17.53 42.52
CA GLN D 137 -17.04 -16.80 43.17
C GLN D 137 -16.30 -15.61 43.59
N LEU D 138 -16.70 -14.47 43.02
CA LEU D 138 -15.87 -13.28 42.94
C LEU D 138 -16.05 -12.50 44.19
N THR D 139 -15.01 -11.84 44.67
CA THR D 139 -15.13 -11.02 45.90
C THR D 139 -14.33 -9.77 45.64
N PHE D 140 -14.62 -8.67 46.27
CA PHE D 140 -13.98 -7.44 45.86
C PHE D 140 -13.90 -6.56 47.07
N SER D 141 -12.93 -5.63 47.08
CA SER D 141 -12.66 -4.89 48.30
C SER D 141 -12.77 -3.38 48.22
N GLU D 142 -12.53 -2.78 47.07
CA GLU D 142 -12.51 -1.32 47.06
C GLU D 142 -12.42 -0.81 45.65
N PHE D 143 -13.10 0.31 45.37
CA PHE D 143 -13.03 1.01 44.06
C PHE D 143 -12.93 2.50 44.18
N ALA D 144 -11.84 3.06 43.67
CA ALA D 144 -11.65 4.52 43.69
C ALA D 144 -10.96 5.10 42.47
N ILE D 145 -11.11 6.43 42.34
CA ILE D 145 -10.51 7.21 41.29
C ILE D 145 -9.52 8.22 41.83
N VAL D 146 -8.76 8.82 40.92
CA VAL D 146 -7.92 9.97 41.24
C VAL D 146 -8.23 11.07 40.22
N SER D 147 -8.54 12.27 40.69
CA SER D 147 -8.82 13.38 39.80
C SER D 147 -8.32 14.62 40.49
N ASP D 148 -7.02 14.87 40.35
CA ASP D 148 -6.30 15.98 41.00
C ASP D 148 -6.47 15.90 42.52
N SER D 182 -13.46 -16.05 63.91
CA SER D 182 -13.79 -15.93 62.49
C SER D 182 -14.78 -17.03 61.98
N GLN D 183 -14.42 -18.30 62.22
CA GLN D 183 -15.09 -19.48 61.62
C GLN D 183 -15.00 -19.58 60.11
N VAL D 184 -15.24 -20.79 59.65
CA VAL D 184 -15.24 -21.08 58.26
C VAL D 184 -16.68 -21.08 57.71
N GLN D 185 -16.86 -20.54 56.51
CA GLN D 185 -18.12 -20.66 55.84
C GLN D 185 -17.97 -21.33 54.51
N LEU D 186 -18.72 -22.39 54.28
CA LEU D 186 -18.88 -22.88 52.97
C LEU D 186 -20.00 -22.04 52.35
N VAL D 187 -19.79 -21.51 51.14
CA VAL D 187 -20.84 -20.78 50.36
C VAL D 187 -21.26 -21.44 49.04
N GLU D 188 -22.55 -21.66 48.85
CA GLU D 188 -23.00 -22.16 47.52
C GLU D 188 -23.47 -21.03 46.64
N SER D 189 -23.33 -21.22 45.33
CA SER D 189 -23.63 -20.21 44.33
C SER D 189 -23.91 -20.79 42.94
N GLY D 190 -24.61 -19.97 42.16
CA GLY D 190 -25.26 -20.45 40.92
C GLY D 190 -26.75 -20.64 41.20
N GLY D 191 -27.51 -21.08 40.24
CA GLY D 191 -28.85 -21.41 40.70
C GLY D 191 -29.86 -20.29 40.85
N GLY D 192 -30.73 -20.22 39.86
CA GLY D 192 -31.98 -19.50 39.94
C GLY D 192 -33.01 -20.40 39.28
N LEU D 193 -33.78 -19.81 38.37
CA LEU D 193 -34.93 -20.53 37.85
C LEU D 193 -34.62 -21.11 36.49
N VAL D 194 -34.92 -22.38 36.32
CA VAL D 194 -34.75 -22.88 34.99
C VAL D 194 -35.90 -23.75 34.45
N GLN D 195 -36.05 -23.71 33.12
CA GLN D 195 -36.98 -24.56 32.34
C GLN D 195 -36.63 -25.99 32.57
N ALA D 196 -37.64 -26.84 32.67
CA ALA D 196 -37.42 -28.27 32.78
C ALA D 196 -36.70 -28.82 31.57
N GLY D 197 -35.92 -29.88 31.73
CA GLY D 197 -35.04 -30.32 30.67
C GLY D 197 -33.77 -29.45 30.52
N GLY D 198 -33.73 -28.26 31.13
CA GLY D 198 -32.53 -27.43 30.99
C GLY D 198 -31.29 -27.96 31.71
N SER D 199 -30.22 -27.17 31.69
CA SER D 199 -29.05 -27.43 32.55
C SER D 199 -28.69 -26.30 33.53
N LEU D 200 -28.11 -26.67 34.66
CA LEU D 200 -27.59 -25.65 35.64
C LEU D 200 -26.45 -26.21 36.49
N ARG D 201 -25.49 -25.36 36.82
CA ARG D 201 -24.31 -25.83 37.51
C ARG D 201 -23.93 -24.96 38.66
N LEU D 202 -23.68 -25.62 39.81
CA LEU D 202 -23.41 -24.97 41.10
C LEU D 202 -21.94 -25.10 41.59
N SER D 203 -21.54 -24.15 42.44
CA SER D 203 -20.21 -24.24 43.03
C SER D 203 -20.27 -24.08 44.54
N CYS D 204 -19.30 -24.66 45.24
CA CYS D 204 -19.08 -24.41 46.67
C CYS D 204 -17.70 -23.83 46.85
N ALA D 205 -17.63 -22.71 47.56
CA ALA D 205 -16.38 -22.03 47.87
C ALA D 205 -16.23 -22.09 49.38
N ALA D 206 -15.04 -21.72 49.91
CA ALA D 206 -14.79 -21.66 51.37
C ALA D 206 -13.97 -20.44 51.74
N SER D 207 -14.18 -19.90 52.93
CA SER D 207 -13.53 -18.64 53.27
C SER D 207 -12.11 -18.79 53.83
N ARG D 208 -11.74 -20.03 54.16
CA ARG D 208 -10.49 -20.38 54.83
C ARG D 208 -10.03 -21.70 54.27
N ARG D 209 -8.74 -21.96 54.20
CA ARG D 209 -8.26 -23.23 53.65
C ARG D 209 -7.78 -24.20 54.70
N SER D 210 -8.40 -25.36 54.79
CA SER D 210 -8.02 -26.33 55.83
C SER D 210 -6.74 -27.04 55.43
N SER D 211 -5.88 -27.42 56.36
CA SER D 211 -4.66 -28.15 56.01
C SER D 211 -4.99 -29.63 56.04
N ARG D 212 -6.21 -29.90 56.49
CA ARG D 212 -6.72 -31.25 56.52
C ARG D 212 -7.51 -31.40 55.24
N SER D 213 -7.53 -32.59 54.72
CA SER D 213 -8.20 -32.79 53.47
C SER D 213 -9.62 -33.40 53.65
N TRP D 214 -10.67 -32.77 53.11
CA TRP D 214 -12.10 -33.19 53.33
C TRP D 214 -12.87 -33.92 52.22
N ALA D 215 -13.88 -34.68 52.59
CA ALA D 215 -14.74 -35.13 51.54
C ALA D 215 -15.86 -34.08 51.37
N MET D 216 -16.31 -33.87 50.14
CA MET D 216 -17.40 -32.90 49.94
C MET D 216 -18.68 -33.60 49.47
N ALA D 217 -19.83 -33.00 49.80
CA ALA D 217 -21.10 -33.54 49.33
C ALA D 217 -22.18 -32.49 49.23
N TRP D 218 -23.17 -32.82 48.37
CA TRP D 218 -24.29 -31.95 48.10
C TRP D 218 -25.51 -32.66 48.58
N PHE D 219 -26.46 -31.88 49.08
CA PHE D 219 -27.75 -32.33 49.66
C PHE D 219 -28.84 -31.35 49.21
N ARG D 220 -30.07 -31.81 49.04
CA ARG D 220 -31.13 -30.81 48.80
C ARG D 220 -32.22 -31.00 49.80
N GLN D 221 -33.04 -29.97 50.00
CA GLN D 221 -34.22 -30.09 50.87
C GLN D 221 -35.25 -29.23 50.23
N ALA D 222 -36.38 -29.85 49.86
CA ALA D 222 -37.63 -29.11 49.57
C ALA D 222 -38.30 -28.71 50.93
N PRO D 223 -39.07 -27.58 51.01
CA PRO D 223 -39.56 -27.25 52.37
C PRO D 223 -40.60 -28.28 52.86
N GLY D 224 -40.69 -28.36 54.20
CA GLY D 224 -41.51 -29.33 54.90
C GLY D 224 -40.93 -30.73 54.74
N LYS D 225 -40.88 -31.20 53.47
CA LYS D 225 -40.01 -32.32 53.03
C LYS D 225 -38.61 -32.39 53.71
N GLU D 226 -38.05 -33.59 53.82
CA GLU D 226 -36.78 -33.76 54.51
C GLU D 226 -35.52 -33.51 53.68
N ARG D 227 -34.39 -33.24 54.35
CA ARG D 227 -33.15 -33.03 53.65
C ARG D 227 -32.64 -34.34 53.05
N GLU D 228 -32.47 -34.36 51.73
CA GLU D 228 -32.13 -35.56 50.94
C GLU D 228 -30.67 -35.51 50.41
N PHE D 229 -29.99 -36.64 50.45
CA PHE D 229 -28.62 -36.69 49.93
C PHE D 229 -28.63 -36.74 48.42
N VAL D 230 -27.70 -36.01 47.81
CA VAL D 230 -27.63 -35.86 46.36
C VAL D 230 -26.36 -36.44 45.78
N ALA D 231 -25.19 -36.00 46.26
CA ALA D 231 -23.90 -36.56 45.76
C ALA D 231 -22.73 -36.29 46.67
N LYS D 232 -21.75 -37.19 46.65
CA LYS D 232 -20.53 -36.99 47.44
C LYS D 232 -19.25 -37.27 46.68
N ILE D 233 -18.14 -36.65 47.09
CA ILE D 233 -16.82 -36.87 46.47
C ILE D 233 -15.70 -37.01 47.52
N SER D 234 -14.74 -37.91 47.28
CA SER D 234 -13.60 -38.10 48.22
C SER D 234 -12.61 -36.93 48.08
N GLY D 235 -11.58 -36.85 48.90
CA GLY D 235 -10.79 -35.64 48.96
C GLY D 235 -9.93 -35.47 47.71
N ASP D 236 -9.42 -36.60 47.22
CA ASP D 236 -8.64 -36.63 45.97
C ASP D 236 -9.54 -36.73 44.71
N GLY D 237 -10.86 -36.74 44.88
CA GLY D 237 -11.77 -36.76 43.72
C GLY D 237 -11.91 -38.09 42.98
N ARG D 238 -11.12 -39.07 43.37
CA ARG D 238 -11.18 -40.40 42.82
C ARG D 238 -12.47 -41.15 43.17
N LEU D 239 -13.12 -40.85 44.29
CA LEU D 239 -14.38 -41.54 44.61
C LEU D 239 -15.59 -40.64 44.69
N THR D 240 -16.66 -41.13 44.09
CA THR D 240 -17.95 -40.44 44.04
C THR D 240 -19.06 -41.46 44.18
N THR D 241 -20.15 -41.07 44.78
CA THR D 241 -21.38 -41.84 44.56
C THR D 241 -22.57 -40.85 44.49
N TYR D 242 -23.69 -41.31 43.92
CA TYR D 242 -24.90 -40.46 43.75
C TYR D 242 -26.17 -40.99 44.41
N GLY D 243 -26.99 -40.04 44.88
CA GLY D 243 -28.35 -40.32 45.34
C GLY D 243 -29.16 -40.99 44.24
N ASP D 244 -30.16 -41.78 44.60
CA ASP D 244 -30.68 -42.62 43.57
C ASP D 244 -31.39 -41.86 42.47
N SER D 245 -32.05 -40.78 42.85
CA SER D 245 -32.83 -40.05 41.86
C SER D 245 -32.01 -39.15 40.96
N VAL D 246 -30.79 -38.79 41.34
CA VAL D 246 -29.99 -37.98 40.43
C VAL D 246 -28.99 -38.78 39.65
N LYS D 247 -29.11 -40.09 39.80
CA LYS D 247 -28.26 -41.06 39.12
C LYS D 247 -28.22 -40.74 37.62
N GLY D 248 -27.03 -40.69 37.02
CA GLY D 248 -26.93 -40.42 35.59
C GLY D 248 -27.09 -38.95 35.22
N ARG D 249 -28.00 -38.20 35.82
CA ARG D 249 -28.14 -36.81 35.35
C ARG D 249 -27.20 -35.80 36.04
N PHE D 250 -26.82 -36.03 37.29
CA PHE D 250 -25.92 -35.07 37.93
C PHE D 250 -24.45 -35.52 37.94
N THR D 251 -23.54 -34.54 37.97
CA THR D 251 -22.12 -34.81 38.17
C THR D 251 -21.40 -33.95 39.24
N ILE D 252 -20.80 -34.63 40.22
CA ILE D 252 -20.06 -33.90 41.24
C ILE D 252 -18.60 -33.88 40.86
N SER D 253 -17.94 -32.76 41.11
CA SER D 253 -16.52 -32.69 40.82
C SER D 253 -15.85 -31.60 41.68
N ARG D 254 -14.52 -31.67 41.76
CA ARG D 254 -13.80 -30.72 42.59
C ARG D 254 -12.52 -30.25 41.96
N ASP D 255 -12.17 -28.99 42.12
CA ASP D 255 -10.85 -28.48 41.78
C ASP D 255 -10.08 -28.02 43.07
N ASN D 256 -9.08 -28.79 43.50
CA ASN D 256 -8.47 -28.50 44.80
C ASN D 256 -7.49 -27.32 44.76
N ALA D 257 -6.96 -27.00 43.59
CA ALA D 257 -6.05 -25.89 43.39
C ALA D 257 -6.80 -24.59 43.56
N GLU D 258 -8.04 -24.57 43.10
CA GLU D 258 -8.87 -23.41 43.20
C GLU D 258 -9.70 -23.49 44.50
N TYR D 259 -9.86 -24.70 45.06
CA TYR D 259 -10.71 -24.93 46.26
C TYR D 259 -12.18 -24.67 45.97
N LEU D 260 -12.68 -25.27 44.90
CA LEU D 260 -14.13 -25.31 44.69
C LEU D 260 -14.67 -26.71 44.44
N VAL D 261 -15.94 -26.91 44.77
CA VAL D 261 -16.63 -28.14 44.40
C VAL D 261 -17.77 -27.78 43.51
N TYR D 262 -18.06 -28.66 42.57
CA TYR D 262 -19.10 -28.34 41.59
C TYR D 262 -20.17 -29.43 41.48
N LEU D 263 -21.40 -28.97 41.29
CA LEU D 263 -22.47 -29.85 40.96
C LEU D 263 -23.00 -29.48 39.56
N GLN D 264 -22.78 -30.36 38.58
CA GLN D 264 -23.43 -30.20 37.29
C GLN D 264 -24.78 -30.88 37.27
N MET D 265 -25.83 -30.09 37.02
CA MET D 265 -27.14 -30.67 36.80
C MET D 265 -27.61 -30.51 35.36
N ASP D 266 -27.66 -31.66 34.68
CA ASP D 266 -28.24 -31.81 33.36
C ASP D 266 -29.64 -32.40 33.51
N SER D 267 -30.48 -32.23 32.47
CA SER D 267 -31.83 -32.79 32.43
C SER D 267 -32.66 -32.50 33.65
N LEU D 268 -32.92 -31.25 33.95
CA LEU D 268 -33.69 -30.97 35.13
C LEU D 268 -35.19 -31.30 35.07
N LYS D 269 -35.72 -31.64 36.24
CA LYS D 269 -37.13 -31.96 36.41
C LYS D 269 -37.71 -30.99 37.42
N PRO D 270 -39.03 -30.74 37.37
CA PRO D 270 -39.61 -29.95 38.45
C PRO D 270 -39.24 -30.46 39.81
N GLU D 271 -39.24 -31.79 40.00
CA GLU D 271 -38.93 -32.40 41.32
C GLU D 271 -37.54 -32.02 41.85
N ASP D 272 -36.62 -31.67 40.96
CA ASP D 272 -35.31 -31.17 41.38
C ASP D 272 -35.34 -29.83 42.12
N THR D 273 -36.51 -29.18 42.19
CA THR D 273 -36.61 -27.92 42.92
C THR D 273 -36.14 -28.23 44.32
N ALA D 274 -35.41 -27.30 44.96
CA ALA D 274 -35.01 -27.41 46.38
C ALA D 274 -33.93 -26.40 46.69
N VAL D 275 -33.62 -26.24 47.98
CA VAL D 275 -32.38 -25.62 48.39
C VAL D 275 -31.28 -26.70 48.40
N TYR D 276 -30.19 -26.40 47.74
CA TYR D 276 -29.07 -27.33 47.60
C TYR D 276 -27.98 -26.90 48.57
N TYR D 277 -27.59 -27.82 49.47
CA TYR D 277 -26.54 -27.51 50.44
C TYR D 277 -25.26 -28.27 50.10
N CYS D 278 -24.13 -27.65 50.39
CA CYS D 278 -22.87 -28.32 50.22
C CYS D 278 -22.25 -28.53 51.58
N ALA D 279 -21.68 -29.72 51.80
CA ALA D 279 -21.17 -30.09 53.10
C ALA D 279 -19.77 -30.75 53.08
N ALA D 280 -18.98 -30.49 54.15
CA ALA D 280 -17.64 -31.10 54.36
C ALA D 280 -17.78 -32.21 55.37
N ASP D 281 -17.15 -33.38 55.12
CA ASP D 281 -17.14 -34.51 56.05
C ASP D 281 -15.74 -35.12 56.04
N ASP D 282 -15.17 -35.26 57.22
CA ASP D 282 -13.78 -35.69 57.39
C ASP D 282 -13.71 -37.16 57.02
N ASN D 283 -14.83 -37.78 56.70
CA ASN D 283 -14.88 -39.20 56.44
C ASN D 283 -15.89 -39.46 55.34
N TYR D 284 -15.39 -39.87 54.18
CA TYR D 284 -16.21 -40.11 53.02
C TYR D 284 -17.28 -41.08 53.38
N VAL D 285 -16.98 -42.15 54.10
CA VAL D 285 -18.03 -43.18 54.28
C VAL D 285 -19.35 -42.56 54.78
N THR D 286 -19.23 -41.56 55.66
CA THR D 286 -20.36 -40.91 56.29
C THR D 286 -20.82 -39.61 55.65
N ALA D 287 -20.14 -39.18 54.60
CA ALA D 287 -20.60 -38.01 53.81
C ALA D 287 -22.06 -38.11 53.25
N SER D 288 -22.52 -39.32 52.94
CA SER D 288 -23.89 -39.49 52.49
C SER D 288 -24.93 -39.41 53.63
N TRP D 289 -24.47 -39.23 54.88
CA TRP D 289 -25.45 -39.26 55.96
C TRP D 289 -25.72 -37.94 56.63
N ARG D 290 -27.00 -37.68 56.85
CA ARG D 290 -27.44 -36.38 57.31
C ARG D 290 -26.53 -35.93 58.51
N SER D 291 -26.31 -36.87 59.43
CA SER D 291 -25.49 -36.61 60.61
C SER D 291 -24.03 -36.98 60.36
N GLY D 292 -23.53 -36.65 59.17
CA GLY D 292 -22.16 -36.95 58.81
C GLY D 292 -21.31 -35.70 58.67
N PRO D 293 -21.59 -34.89 57.64
CA PRO D 293 -20.85 -33.65 57.38
C PRO D 293 -20.75 -32.77 58.62
N ASP D 294 -19.56 -32.31 58.93
CA ASP D 294 -19.34 -31.45 60.09
C ASP D 294 -19.60 -29.99 59.76
N TYR D 295 -19.46 -29.64 58.48
CA TYR D 295 -19.68 -28.27 58.02
C TYR D 295 -20.77 -28.18 56.94
N TRP D 296 -21.64 -27.18 57.05
CA TRP D 296 -22.70 -26.94 56.08
C TRP D 296 -22.75 -25.51 55.55
N GLY D 297 -22.99 -25.39 54.25
CA GLY D 297 -23.35 -24.11 53.66
C GLY D 297 -24.75 -23.67 54.04
N GLN D 298 -25.09 -22.47 53.62
CA GLN D 298 -26.38 -21.94 53.98
C GLN D 298 -27.47 -22.35 53.00
N GLY D 299 -27.06 -22.71 51.78
CA GLY D 299 -27.95 -23.24 50.76
C GLY D 299 -28.14 -22.26 49.62
N THR D 300 -28.38 -22.80 48.42
CA THR D 300 -28.78 -21.93 47.32
C THR D 300 -30.06 -22.46 46.64
N GLN D 301 -31.10 -21.61 46.47
CA GLN D 301 -32.37 -22.10 45.94
C GLN D 301 -32.22 -22.47 44.46
N VAL D 302 -32.60 -23.68 44.11
CA VAL D 302 -32.77 -24.03 42.70
C VAL D 302 -34.25 -24.38 42.42
N THR D 303 -34.75 -23.92 41.26
CA THR D 303 -36.17 -24.04 40.90
C THR D 303 -36.40 -24.37 39.42
N VAL D 304 -37.14 -25.44 39.20
CA VAL D 304 -37.37 -25.92 37.87
C VAL D 304 -38.88 -25.78 37.61
N SER D 305 -39.28 -25.11 36.53
CA SER D 305 -40.69 -25.12 36.15
C SER D 305 -40.88 -25.82 34.81
N SER D 306 -42.12 -26.22 34.53
CA SER D 306 -42.50 -26.61 33.17
C SER D 306 -42.88 -25.39 32.33
N HIS E 4 -13.84 -13.64 -79.24
CA HIS E 4 -13.00 -12.41 -79.04
C HIS E 4 -13.71 -11.00 -79.15
N HIS E 5 -14.63 -10.60 -78.25
CA HIS E 5 -15.02 -9.15 -78.11
C HIS E 5 -14.52 -8.45 -76.84
N HIS E 6 -13.68 -7.42 -77.00
CA HIS E 6 -13.11 -6.72 -75.82
C HIS E 6 -13.34 -5.20 -75.74
N HIS E 7 -13.59 -4.71 -74.53
CA HIS E 7 -13.29 -3.30 -74.19
C HIS E 7 -12.32 -3.22 -72.97
N SER E 8 -11.18 -2.56 -73.24
CA SER E 8 -10.07 -2.39 -72.32
C SER E 8 -10.01 -0.96 -71.88
N ASN E 9 -9.88 -0.70 -70.57
CA ASN E 9 -9.73 0.69 -70.09
C ASN E 9 -8.33 1.20 -70.35
N PRO E 10 -8.03 2.50 -70.06
CA PRO E 10 -6.61 2.81 -70.16
C PRO E 10 -5.80 2.18 -69.01
N SER E 11 -4.50 2.16 -69.22
CA SER E 11 -3.63 1.49 -68.32
C SER E 11 -2.53 2.42 -67.83
N LEU E 12 -2.10 2.17 -66.61
CA LEU E 12 -1.15 3.01 -65.91
C LEU E 12 0.27 2.79 -66.35
N ILE E 13 0.99 3.90 -66.49
CA ILE E 13 2.44 3.91 -66.77
C ILE E 13 3.16 4.91 -65.84
N ARG E 14 4.43 4.61 -65.47
CA ARG E 14 5.28 5.43 -64.55
C ARG E 14 6.76 5.03 -64.52
N SER E 15 7.65 5.85 -63.97
CA SER E 15 9.08 5.54 -64.20
C SER E 15 9.48 4.20 -63.59
N GLU E 16 10.51 3.59 -64.19
CA GLU E 16 10.88 2.21 -63.89
C GLU E 16 11.52 2.13 -62.51
N SER E 17 12.26 3.21 -62.14
CA SER E 17 12.96 3.30 -60.81
C SER E 17 12.09 3.08 -59.57
N TRP E 18 10.85 3.55 -59.60
CA TRP E 18 9.89 3.34 -58.51
C TRP E 18 9.54 1.89 -58.19
N HIS E 19 9.09 1.62 -56.97
CA HIS E 19 8.49 0.33 -56.65
C HIS E 19 7.53 0.48 -55.49
N VAL E 20 6.40 -0.20 -55.59
CA VAL E 20 5.31 -0.02 -54.63
C VAL E 20 5.75 -0.40 -53.24
N TYR E 21 5.38 0.38 -52.22
CA TYR E 21 5.67 0.02 -50.81
C TYR E 21 4.36 -0.34 -50.14
N ASP E 22 3.35 0.48 -50.38
CA ASP E 22 2.06 0.26 -49.79
C ASP E 22 0.99 0.44 -50.86
N GLY E 23 -0.04 -0.40 -50.79
CA GLY E 23 -1.11 -0.42 -51.79
C GLY E 23 -0.88 -1.41 -52.93
N ASN E 24 -1.67 -1.26 -54.00
CA ASN E 24 -1.23 -1.69 -55.31
C ASN E 24 -1.86 -0.86 -56.41
N GLU E 25 -1.26 -0.88 -57.59
CA GLU E 25 -1.61 0.06 -58.64
C GLU E 25 -3.04 -0.09 -59.20
N ALA E 26 -3.68 -1.26 -58.99
CA ALA E 26 -5.10 -1.40 -59.28
C ALA E 26 -5.80 -0.21 -58.61
N ASN E 27 -5.41 0.12 -57.38
CA ASN E 27 -5.90 1.30 -56.67
C ASN E 27 -5.74 2.61 -57.42
N LEU E 28 -4.85 2.66 -58.38
CA LEU E 28 -4.61 3.91 -59.04
C LEU E 28 -5.67 4.19 -60.09
N LEU E 29 -6.36 3.13 -60.48
CA LEU E 29 -7.30 3.18 -61.59
C LEU E 29 -8.69 2.80 -61.20
N ASP E 30 -9.01 2.71 -59.90
CA ASP E 30 -10.30 2.12 -59.48
C ASP E 30 -11.48 3.08 -59.28
N GLY E 31 -11.28 4.34 -59.68
CA GLY E 31 -12.28 5.39 -59.56
C GLY E 31 -12.62 5.61 -58.12
N ASP E 32 -11.61 5.55 -57.26
CA ASP E 32 -11.80 5.74 -55.82
C ASP E 32 -10.66 6.60 -55.28
N ASP E 33 -10.95 7.86 -54.89
CA ASP E 33 -9.92 8.79 -54.46
C ASP E 33 -9.27 8.30 -53.16
N ASN E 34 -9.93 7.35 -52.51
CA ASN E 34 -9.48 6.97 -51.20
C ASN E 34 -8.60 5.74 -51.12
N THR E 35 -8.31 5.15 -52.27
CA THR E 35 -7.34 4.08 -52.39
C THR E 35 -6.18 4.74 -53.10
N GLY E 36 -5.04 4.07 -53.21
CA GLY E 36 -3.82 4.75 -53.61
C GLY E 36 -2.55 3.95 -53.43
N VAL E 37 -1.44 4.54 -53.86
CA VAL E 37 -0.16 3.85 -53.86
C VAL E 37 0.97 4.71 -53.30
N TRP E 38 1.83 4.12 -52.47
CA TRP E 38 3.05 4.74 -51.95
C TRP E 38 4.24 4.17 -52.65
N TYR E 39 5.08 5.01 -53.22
CA TYR E 39 6.25 4.51 -53.94
C TYR E 39 7.53 4.79 -53.23
N LYS E 40 8.44 3.81 -53.22
CA LYS E 40 9.87 4.10 -52.95
C LYS E 40 10.57 4.17 -54.28
N ARG E 41 11.81 4.61 -54.28
CA ARG E 41 12.61 4.62 -55.50
C ARG E 41 13.85 3.74 -55.28
N SER E 42 14.29 3.00 -56.29
CA SER E 42 15.60 2.35 -56.20
C SER E 42 16.68 3.33 -56.63
N ASN E 43 17.88 3.17 -56.07
CA ASN E 43 19.08 3.85 -56.60
C ASN E 43 19.23 5.39 -56.49
N GLY E 44 18.94 5.92 -55.28
CA GLY E 44 18.80 7.35 -54.98
C GLY E 44 17.37 7.58 -54.48
N GLU E 45 17.22 8.34 -53.40
CA GLU E 45 15.91 8.53 -52.80
C GLU E 45 15.07 9.51 -53.58
N ALA E 46 15.78 10.42 -54.27
CA ALA E 46 15.20 11.65 -54.76
C ALA E 46 14.62 11.51 -56.16
N SER E 47 13.37 11.94 -56.33
CA SER E 47 12.74 11.99 -57.67
C SER E 47 13.43 12.98 -58.65
N LEU E 48 13.99 12.44 -59.72
CA LEU E 48 14.71 13.26 -60.71
C LEU E 48 13.81 13.86 -61.80
N ALA E 49 14.20 15.01 -62.39
CA ALA E 49 13.35 15.65 -63.43
C ALA E 49 13.20 14.63 -64.55
N GLY E 50 12.02 14.54 -65.15
CA GLY E 50 11.77 13.61 -66.21
C GLY E 50 11.00 12.38 -65.75
N GLU E 51 11.05 12.11 -64.46
CA GLU E 51 10.23 11.04 -63.95
C GLU E 51 8.76 11.36 -64.17
N PHE E 52 7.96 10.34 -64.36
CA PHE E 52 6.62 10.54 -64.81
C PHE E 52 5.65 9.55 -64.23
N ILE E 53 4.38 9.91 -64.26
CA ILE E 53 3.34 8.94 -64.06
C ILE E 53 2.13 9.33 -64.94
N GLY E 54 1.53 8.37 -65.64
CA GLY E 54 0.21 8.65 -66.16
C GLY E 54 -0.40 7.49 -66.87
N LEU E 55 -0.98 7.80 -68.03
CA LEU E 55 -1.83 6.85 -68.66
C LEU E 55 -1.48 6.51 -70.09
N ASP E 56 -1.65 5.24 -70.41
CA ASP E 56 -1.60 4.71 -71.77
C ASP E 56 -3.02 4.43 -72.23
N LEU E 57 -3.47 5.17 -73.25
CA LEU E 57 -4.88 5.14 -73.63
C LEU E 57 -5.31 3.94 -74.49
N GLY E 58 -4.34 3.15 -74.97
CA GLY E 58 -4.67 1.95 -75.74
C GLY E 58 -4.66 2.12 -77.25
N LYS E 59 -5.02 3.32 -77.70
CA LYS E 59 -5.05 3.77 -79.11
C LYS E 59 -5.23 5.29 -79.03
N GLU E 60 -5.00 6.03 -80.12
CA GLU E 60 -5.21 7.52 -80.13
C GLU E 60 -6.66 7.90 -79.80
N ILE E 61 -6.88 8.92 -78.97
CA ILE E 61 -8.26 9.40 -78.70
C ILE E 61 -8.40 10.85 -78.31
N LYS E 62 -9.67 11.22 -78.15
CA LYS E 62 -10.14 12.58 -78.14
C LYS E 62 -10.47 12.93 -76.72
N LEU E 63 -9.64 13.74 -76.10
CA LEU E 63 -9.84 14.05 -74.69
C LEU E 63 -10.59 15.34 -74.48
N ASP E 64 -11.67 15.28 -73.72
CA ASP E 64 -12.24 16.53 -73.26
C ASP E 64 -11.56 16.96 -71.95
N GLY E 65 -11.03 15.99 -71.22
CA GLY E 65 -10.25 16.32 -70.05
C GLY E 65 -9.70 15.12 -69.35
N ILE E 66 -8.95 15.43 -68.28
CA ILE E 66 -8.29 14.47 -67.35
C ILE E 66 -8.48 14.88 -65.92
N ARG E 67 -8.42 13.90 -65.02
CA ARG E 67 -8.50 14.14 -63.58
C ARG E 67 -7.60 13.19 -62.82
N PHE E 68 -6.42 13.70 -62.50
CA PHE E 68 -5.42 12.95 -61.76
C PHE E 68 -5.39 13.43 -60.33
N VAL E 69 -5.41 12.50 -59.40
CA VAL E 69 -5.25 12.92 -58.05
C VAL E 69 -3.89 12.47 -57.53
N ILE E 70 -2.93 13.40 -57.43
CA ILE E 70 -1.61 13.08 -56.87
C ILE E 70 -1.61 13.22 -55.32
N GLY E 71 -0.48 12.85 -54.68
CA GLY E 71 -0.44 12.62 -53.24
C GLY E 71 -1.48 11.58 -52.80
N LYS E 72 -1.74 11.48 -51.50
CA LYS E 72 -2.63 10.48 -50.99
C LYS E 72 -2.94 10.80 -49.57
N ASN E 73 -4.14 10.39 -49.17
CA ASN E 73 -4.59 10.43 -47.78
C ASN E 73 -3.39 10.35 -46.83
N GLY E 74 -3.00 11.52 -46.33
CA GLY E 74 -1.84 11.69 -45.46
C GLY E 74 -1.98 12.99 -44.67
N GLY E 75 -1.82 12.85 -43.33
CA GLY E 75 -1.37 13.92 -42.45
C GLY E 75 0.17 13.88 -42.34
N GLY E 76 0.82 12.89 -42.96
CA GLY E 76 2.25 12.60 -42.81
C GLY E 76 3.26 13.57 -43.44
N SER E 77 4.28 13.01 -44.07
CA SER E 77 5.34 13.84 -44.64
C SER E 77 4.93 14.21 -46.04
N SER E 78 5.62 15.21 -46.61
CA SER E 78 5.43 15.64 -48.00
C SER E 78 5.44 14.52 -49.03
N ASP E 79 4.45 14.54 -49.94
CA ASP E 79 4.14 13.46 -50.90
C ASP E 79 4.00 13.92 -52.35
N LYS E 80 4.36 15.16 -52.67
CA LYS E 80 4.16 15.58 -54.06
C LYS E 80 5.36 16.24 -54.67
N TRP E 81 5.50 16.15 -55.98
CA TRP E 81 6.55 16.90 -56.70
C TRP E 81 6.40 18.36 -56.46
N ASN E 82 7.33 19.14 -56.92
CA ASN E 82 7.16 20.55 -56.70
C ASN E 82 6.81 21.35 -57.91
N LYS E 83 7.55 21.09 -58.99
CA LYS E 83 7.31 21.66 -60.31
C LYS E 83 7.17 20.51 -61.27
N PHE E 84 6.09 20.53 -62.04
CA PHE E 84 5.83 19.45 -62.96
C PHE E 84 4.91 19.94 -64.07
N LYS E 85 4.94 19.24 -65.21
CA LYS E 85 4.15 19.49 -66.41
C LYS E 85 3.15 18.37 -66.67
N LEU E 86 1.97 18.71 -67.17
CA LEU E 86 1.04 17.74 -67.78
C LEU E 86 1.31 17.80 -69.28
N GLU E 87 1.52 16.64 -69.92
CA GLU E 87 1.87 16.56 -71.31
C GLU E 87 1.26 15.32 -72.00
N TYR E 88 1.21 15.36 -73.33
CA TYR E 88 0.73 14.20 -74.08
C TYR E 88 1.57 13.93 -75.31
N SER E 89 1.34 12.71 -75.81
CA SER E 89 2.02 12.13 -76.92
C SER E 89 1.14 11.22 -77.72
N LEU E 90 1.42 11.15 -79.03
CA LEU E 90 0.71 10.19 -79.89
C LEU E 90 1.59 8.99 -80.12
N ASP E 91 2.88 9.23 -80.28
CA ASP E 91 3.80 8.15 -80.62
C ASP E 91 4.48 7.51 -79.41
N ASN E 92 4.38 8.15 -78.25
CA ASN E 92 5.24 7.89 -77.08
C ASN E 92 6.73 8.33 -77.18
N GLU E 93 7.07 9.00 -78.26
CA GLU E 93 8.45 9.39 -78.44
C GLU E 93 8.67 10.87 -78.21
N SER E 94 7.65 11.70 -78.44
CA SER E 94 7.75 13.14 -78.03
C SER E 94 6.43 13.76 -77.53
N TRP E 95 6.61 14.82 -76.74
CA TRP E 95 5.61 15.21 -75.79
C TRP E 95 5.36 16.68 -75.91
N THR E 96 4.07 17.04 -75.94
CA THR E 96 3.76 18.47 -75.94
C THR E 96 3.14 18.88 -74.62
N THR E 97 3.72 19.91 -74.01
CA THR E 97 3.25 20.43 -72.73
C THR E 97 1.85 21.05 -72.78
N ILE E 98 0.89 20.52 -72.02
CA ILE E 98 -0.39 21.22 -71.78
C ILE E 98 -0.37 22.32 -70.71
N LYS E 99 0.10 21.98 -69.52
CA LYS E 99 0.11 22.94 -68.46
C LYS E 99 1.27 22.59 -67.62
N GLU E 100 1.89 23.61 -67.05
CA GLU E 100 2.92 23.42 -65.97
C GLU E 100 2.40 23.84 -64.57
N TYR E 101 2.89 23.22 -63.51
CA TYR E 101 2.52 23.61 -62.12
C TYR E 101 3.67 23.89 -61.22
N ASP E 102 3.46 24.81 -60.30
CA ASP E 102 4.37 25.00 -59.18
C ASP E 102 3.56 24.85 -57.88
N LYS E 103 3.58 23.63 -57.35
CA LYS E 103 2.89 23.25 -56.11
C LYS E 103 3.77 23.43 -54.83
N THR E 104 4.83 24.23 -54.96
CA THR E 104 5.77 24.36 -53.90
C THR E 104 5.01 24.84 -52.70
N GLY E 105 5.32 24.26 -51.55
CA GLY E 105 4.73 24.69 -50.30
C GLY E 105 3.45 23.98 -49.91
N ALA E 106 3.01 22.99 -50.66
CA ALA E 106 1.68 22.45 -50.44
C ALA E 106 1.74 21.54 -49.27
N PRO E 107 0.63 21.45 -48.52
CA PRO E 107 0.38 20.46 -47.49
C PRO E 107 0.62 19.11 -48.07
N ALA E 108 0.97 18.15 -47.23
CA ALA E 108 0.94 16.76 -47.66
C ALA E 108 -0.51 16.43 -47.89
N GLY E 109 -0.76 15.36 -48.65
CA GLY E 109 -2.13 14.83 -48.81
C GLY E 109 -2.61 14.93 -50.25
N LYS E 110 -3.85 14.54 -50.52
CA LYS E 110 -4.25 14.40 -51.92
C LYS E 110 -4.57 15.72 -52.55
N ASP E 111 -3.94 15.98 -53.67
CA ASP E 111 -4.27 17.12 -54.54
C ASP E 111 -4.87 16.68 -55.90
N VAL E 112 -6.11 17.14 -56.17
CA VAL E 112 -6.91 16.83 -57.37
C VAL E 112 -6.47 17.75 -58.51
N ILE E 113 -6.24 17.18 -59.68
CA ILE E 113 -5.91 18.00 -60.81
C ILE E 113 -6.90 17.63 -61.87
N GLU E 114 -7.95 18.46 -61.98
CA GLU E 114 -9.07 18.31 -62.92
C GLU E 114 -8.78 19.29 -64.03
N GLU E 115 -8.79 18.84 -65.27
CA GLU E 115 -8.46 19.76 -66.33
C GLU E 115 -9.43 19.60 -67.47
N SER E 116 -9.92 20.76 -67.92
CA SER E 116 -10.80 20.83 -69.06
C SER E 116 -10.11 21.22 -70.39
N PHE E 117 -10.59 20.66 -71.49
CA PHE E 117 -9.97 20.93 -72.80
C PHE E 117 -10.96 21.51 -73.80
N GLU E 118 -11.21 22.81 -73.69
CA GLU E 118 -12.19 23.49 -74.53
C GLU E 118 -12.36 22.83 -75.91
N THR E 119 -11.28 22.79 -76.72
CA THR E 119 -11.21 21.93 -77.94
C THR E 119 -10.43 20.68 -77.63
N PRO E 120 -11.08 19.50 -77.75
CA PRO E 120 -10.41 18.25 -77.39
C PRO E 120 -8.97 18.19 -77.87
N ILE E 121 -8.17 17.43 -77.13
CA ILE E 121 -6.82 17.08 -77.53
C ILE E 121 -6.88 15.60 -77.73
N SER E 122 -6.43 15.15 -78.90
CA SER E 122 -6.42 13.74 -79.15
C SER E 122 -4.98 13.32 -78.97
N ALA E 123 -4.84 12.19 -78.27
CA ALA E 123 -3.53 11.64 -77.85
C ALA E 123 -3.63 10.15 -77.53
N LYS E 124 -2.48 9.48 -77.38
CA LYS E 124 -2.47 8.06 -76.98
C LYS E 124 -1.88 7.85 -75.54
N TYR E 125 -1.17 8.86 -75.09
CA TYR E 125 -0.59 8.89 -73.77
C TYR E 125 -0.68 10.29 -73.26
N ILE E 126 -0.90 10.39 -71.97
CA ILE E 126 -0.90 11.66 -71.28
C ILE E 126 -0.43 11.30 -69.89
N ARG E 127 0.33 12.23 -69.31
CA ARG E 127 1.02 12.02 -68.03
C ARG E 127 1.52 13.28 -67.35
N LEU E 128 1.83 13.15 -66.05
CA LEU E 128 2.58 14.16 -65.27
C LEU E 128 4.09 13.87 -65.27
N THR E 129 4.88 14.92 -65.42
CA THR E 129 6.31 14.79 -65.47
C THR E 129 7.07 15.76 -64.55
N ASN E 130 8.00 15.24 -63.73
CA ASN E 130 8.73 16.11 -62.79
C ASN E 130 9.59 17.13 -63.53
N LEU E 131 9.77 18.28 -62.94
CA LEU E 131 10.44 19.32 -63.66
C LEU E 131 11.67 19.73 -63.00
N GLU E 132 11.73 19.54 -61.68
CA GLU E 132 13.02 19.62 -60.95
C GLU E 132 13.10 18.60 -59.80
N PRO E 133 14.34 18.12 -59.43
CA PRO E 133 14.54 17.07 -58.39
C PRO E 133 13.74 17.30 -57.11
N ARG E 134 13.12 16.25 -56.63
CA ARG E 134 12.26 16.34 -55.46
C ARG E 134 12.63 15.25 -54.44
N HIS E 135 13.07 15.72 -53.27
CA HIS E 135 13.55 14.81 -52.27
C HIS E 135 12.42 14.36 -51.38
N VAL E 136 11.43 13.74 -51.96
CA VAL E 136 10.29 13.36 -51.19
C VAL E 136 10.01 11.96 -51.65
N GLN E 137 8.87 11.43 -51.33
CA GLN E 137 8.69 10.03 -51.35
C GLN E 137 7.22 9.98 -51.72
N LEU E 138 7.02 9.70 -53.02
CA LEU E 138 5.83 10.11 -53.77
C LEU E 138 4.64 9.26 -53.57
N THR E 139 3.52 9.84 -53.22
CA THR E 139 2.31 9.05 -53.34
C THR E 139 1.39 9.58 -54.42
N PHE E 140 0.37 8.75 -54.80
CA PHE E 140 -0.75 9.04 -55.77
C PHE E 140 -2.05 8.26 -55.48
N SER E 141 -3.21 8.71 -55.99
CA SER E 141 -4.52 8.06 -55.67
C SER E 141 -5.52 7.58 -56.74
N GLU E 142 -5.60 8.30 -57.89
CA GLU E 142 -6.51 7.96 -59.01
C GLU E 142 -6.02 8.64 -60.27
N PHE E 143 -6.28 8.02 -61.42
CA PHE E 143 -6.04 8.61 -62.76
C PHE E 143 -7.16 8.30 -63.75
N ALA E 144 -7.96 9.30 -64.11
CA ALA E 144 -9.04 9.04 -65.08
C ALA E 144 -9.02 10.09 -66.20
N ILE E 145 -9.70 9.75 -67.33
CA ILE E 145 -9.94 10.70 -68.45
C ILE E 145 -11.41 11.08 -68.68
N VAL E 146 -11.70 11.71 -69.81
CA VAL E 146 -13.06 12.18 -70.12
C VAL E 146 -13.35 12.03 -71.62
N SER E 147 -14.52 11.45 -71.96
CA SER E 147 -14.87 11.11 -73.36
C SER E 147 -16.30 11.26 -73.86
N ASP E 148 -17.25 11.31 -72.89
CA ASP E 148 -18.73 11.49 -73.08
C ASP E 148 -19.49 10.31 -73.77
N SER E 182 -4.72 2.65 -37.77
CA SER E 182 -3.99 2.13 -36.57
C SER E 182 -2.60 2.87 -36.29
N GLN E 183 -1.56 2.06 -36.02
CA GLN E 183 -0.15 2.45 -35.75
C GLN E 183 0.62 3.22 -36.86
N VAL E 184 1.73 3.89 -36.52
CA VAL E 184 2.60 4.66 -37.47
C VAL E 184 3.58 3.86 -38.30
N GLN E 185 4.31 4.54 -39.17
CA GLN E 185 5.11 3.86 -40.13
C GLN E 185 6.30 4.72 -40.54
N LEU E 186 7.52 4.21 -40.45
CA LEU E 186 8.62 4.95 -41.04
C LEU E 186 9.10 4.15 -42.18
N VAL E 187 9.57 4.82 -43.22
CA VAL E 187 9.84 4.18 -44.48
C VAL E 187 11.13 4.74 -45.10
N GLU E 188 11.97 3.81 -45.52
CA GLU E 188 13.27 4.14 -46.05
C GLU E 188 13.22 3.97 -47.57
N SER E 189 13.75 4.92 -48.31
CA SER E 189 13.72 4.80 -49.78
C SER E 189 15.05 5.21 -50.33
N GLY E 190 15.43 4.54 -51.40
CA GLY E 190 16.67 4.83 -52.07
C GLY E 190 17.61 3.64 -52.09
N GLY E 191 18.63 3.75 -52.91
CA GLY E 191 19.55 2.66 -52.98
C GLY E 191 19.01 1.24 -53.27
N GLY E 192 19.97 0.34 -53.38
CA GLY E 192 19.83 -0.89 -54.14
C GLY E 192 21.25 -1.30 -54.47
N LEU E 193 21.90 -0.64 -55.45
CA LEU E 193 23.17 -1.12 -55.99
C LEU E 193 23.97 0.02 -56.57
N VAL E 194 25.25 0.10 -56.25
CA VAL E 194 26.13 1.17 -56.75
C VAL E 194 27.54 0.78 -56.46
N GLN E 195 28.46 0.97 -57.40
CA GLN E 195 29.81 0.45 -57.14
C GLN E 195 30.75 1.41 -56.36
N ALA E 196 31.91 0.87 -55.96
CA ALA E 196 33.00 1.55 -55.23
C ALA E 196 33.27 3.00 -55.62
N GLY E 197 33.57 3.84 -54.65
CA GLY E 197 33.90 5.25 -54.94
C GLY E 197 32.67 6.13 -55.08
N GLY E 198 31.52 5.45 -55.15
CA GLY E 198 30.23 6.08 -55.46
C GLY E 198 29.64 7.04 -54.44
N SER E 199 28.31 7.25 -54.58
CA SER E 199 27.47 8.18 -53.79
C SER E 199 26.01 7.67 -53.74
N LEU E 200 25.20 8.18 -52.80
CA LEU E 200 23.83 7.68 -52.62
C LEU E 200 23.16 8.50 -51.53
N ARG E 201 21.86 8.78 -51.65
CA ARG E 201 21.14 9.50 -50.60
C ARG E 201 19.97 8.65 -50.21
N LEU E 202 19.77 8.43 -48.91
CA LEU E 202 18.58 7.71 -48.47
C LEU E 202 17.59 8.68 -47.83
N SER E 203 16.35 8.23 -47.66
CA SER E 203 15.39 9.14 -47.05
C SER E 203 14.43 8.36 -46.19
N CYS E 204 13.91 9.04 -45.16
CA CYS E 204 12.91 8.43 -44.32
C CYS E 204 11.70 9.33 -44.23
N ALA E 205 10.53 8.75 -44.49
CA ALA E 205 9.27 9.49 -44.37
C ALA E 205 8.39 8.82 -43.35
N ALA E 206 7.32 9.46 -42.91
CA ALA E 206 6.47 8.78 -41.95
C ALA E 206 4.99 8.91 -42.31
N SER E 207 4.18 7.92 -41.93
CA SER E 207 2.77 7.99 -42.27
C SER E 207 1.96 9.00 -41.45
N ARG E 208 2.50 9.49 -40.34
CA ARG E 208 1.79 10.50 -39.53
C ARG E 208 2.83 11.38 -38.91
N ARG E 209 2.40 12.43 -38.23
CA ARG E 209 3.34 13.43 -37.77
C ARG E 209 3.10 13.72 -36.28
N SER E 210 4.09 13.40 -35.45
CA SER E 210 3.96 13.51 -34.00
C SER E 210 3.99 14.97 -33.57
N SER E 211 3.40 15.25 -32.42
CA SER E 211 3.55 16.57 -31.87
C SER E 211 4.69 16.68 -30.84
N ARG E 212 5.54 15.63 -30.73
CA ARG E 212 6.73 15.69 -29.89
C ARG E 212 7.82 15.68 -30.89
N SER E 213 9.00 16.10 -30.46
CA SER E 213 10.20 16.03 -31.25
C SER E 213 10.92 14.75 -31.08
N TRP E 214 11.37 14.15 -32.17
CA TRP E 214 12.11 12.92 -32.09
C TRP E 214 13.54 13.10 -32.59
N ALA E 215 14.43 12.37 -31.98
CA ALA E 215 15.74 12.31 -32.54
C ALA E 215 15.57 11.19 -33.53
N MET E 216 16.37 11.21 -34.60
CA MET E 216 16.25 10.21 -35.65
C MET E 216 17.61 9.68 -35.86
N ALA E 217 17.72 8.41 -36.26
CA ALA E 217 19.02 7.82 -36.44
C ALA E 217 18.95 6.72 -37.45
N TRP E 218 20.10 6.43 -38.06
CA TRP E 218 20.27 5.35 -38.99
C TRP E 218 21.13 4.22 -38.44
N PHE E 219 20.81 2.98 -38.82
CA PHE E 219 21.51 1.78 -38.38
C PHE E 219 21.64 0.87 -39.59
N ARG E 220 22.76 0.13 -39.70
CA ARG E 220 22.90 -0.90 -40.73
C ARG E 220 23.09 -2.26 -40.13
N GLN E 221 22.55 -3.27 -40.79
CA GLN E 221 22.78 -4.62 -40.35
C GLN E 221 23.17 -5.45 -41.56
N ALA E 222 24.47 -5.78 -41.60
CA ALA E 222 25.05 -6.67 -42.61
C ALA E 222 24.59 -8.14 -42.36
N PRO E 223 24.61 -8.99 -43.42
CA PRO E 223 24.09 -10.37 -43.35
C PRO E 223 24.82 -11.23 -42.31
N GLY E 224 24.05 -11.82 -41.39
CA GLY E 224 24.61 -12.59 -40.29
C GLY E 224 25.14 -11.77 -39.11
N LYS E 225 25.69 -10.58 -39.38
CA LYS E 225 26.29 -9.72 -38.34
C LYS E 225 25.25 -8.92 -37.55
N GLU E 226 25.71 -8.20 -36.53
CA GLU E 226 24.84 -7.46 -35.64
C GLU E 226 24.44 -6.12 -36.24
N ARG E 227 23.38 -5.50 -35.71
CA ARG E 227 22.92 -4.22 -36.23
C ARG E 227 23.77 -3.10 -35.66
N GLU E 228 24.35 -2.31 -36.53
CA GLU E 228 25.40 -1.38 -36.15
C GLU E 228 24.90 0.06 -36.19
N PHE E 229 25.36 0.90 -35.27
CA PHE E 229 25.11 2.35 -35.32
C PHE E 229 25.70 2.99 -36.57
N VAL E 230 25.04 4.02 -37.10
CA VAL E 230 25.49 4.74 -38.30
C VAL E 230 25.58 6.25 -38.13
N ALA E 231 24.45 6.88 -37.77
CA ALA E 231 24.45 8.29 -37.44
C ALA E 231 23.16 8.66 -36.79
N LYS E 232 23.16 9.83 -36.17
CA LYS E 232 21.95 10.35 -35.52
C LYS E 232 21.91 11.90 -35.50
N ILE E 233 20.71 12.44 -35.34
CA ILE E 233 20.49 13.87 -35.37
C ILE E 233 19.40 14.29 -34.37
N SER E 234 19.65 15.40 -33.67
CA SER E 234 18.70 15.89 -32.69
C SER E 234 17.46 16.37 -33.39
N GLY E 235 16.32 16.20 -32.76
CA GLY E 235 15.05 16.65 -33.31
C GLY E 235 15.13 17.97 -34.00
N ASP E 236 15.91 18.91 -33.46
CA ASP E 236 15.99 20.23 -34.07
C ASP E 236 17.06 20.33 -35.12
N GLY E 237 17.85 19.27 -35.27
CA GLY E 237 18.83 19.19 -36.33
C GLY E 237 20.17 19.87 -36.09
N ARG E 238 20.38 20.34 -34.86
CA ARG E 238 21.55 21.13 -34.52
C ARG E 238 22.71 20.28 -33.95
N LEU E 239 22.55 18.96 -33.90
CA LEU E 239 23.52 18.04 -33.25
C LEU E 239 23.52 16.70 -33.91
N THR E 240 24.70 16.22 -34.26
CA THR E 240 24.79 14.97 -35.00
C THR E 240 25.96 14.16 -34.55
N THR E 241 25.85 12.83 -34.63
CA THR E 241 27.06 12.01 -34.59
C THR E 241 27.09 10.74 -35.44
N TYR E 242 28.30 10.42 -35.89
CA TYR E 242 28.54 9.37 -36.88
C TYR E 242 29.43 8.28 -36.25
N GLY E 243 29.19 7.00 -36.54
CA GLY E 243 30.04 5.89 -36.07
C GLY E 243 31.40 5.97 -36.77
N ASP E 244 32.47 5.54 -36.10
CA ASP E 244 33.82 5.84 -36.64
C ASP E 244 34.03 5.17 -38.00
N SER E 245 33.44 3.97 -38.13
CA SER E 245 33.40 3.20 -39.38
C SER E 245 33.04 4.07 -40.57
N VAL E 246 32.34 5.18 -40.32
CA VAL E 246 31.86 6.08 -41.37
C VAL E 246 32.04 7.59 -41.18
N LYS E 247 32.71 8.07 -40.15
CA LYS E 247 32.74 9.52 -39.96
C LYS E 247 33.43 10.10 -41.21
N GLY E 248 33.01 11.29 -41.64
CA GLY E 248 33.66 12.00 -42.77
C GLY E 248 33.28 11.53 -44.18
N ARG E 249 32.61 10.38 -44.28
CA ARG E 249 32.01 9.93 -45.54
C ARG E 249 30.48 10.18 -45.58
N PHE E 250 29.79 9.89 -44.49
CA PHE E 250 28.35 10.01 -44.50
C PHE E 250 27.91 11.33 -43.97
N THR E 251 26.72 11.76 -44.39
CA THR E 251 26.07 12.92 -43.77
C THR E 251 24.57 12.73 -43.49
N ILE E 252 24.20 12.88 -42.21
CA ILE E 252 22.82 12.82 -41.75
C ILE E 252 22.18 14.24 -41.72
N SER E 253 20.97 14.39 -42.26
CA SER E 253 20.29 15.71 -42.30
C SER E 253 18.78 15.57 -42.08
N ARG E 254 18.11 16.68 -41.79
CA ARG E 254 16.66 16.58 -41.79
C ARG E 254 15.89 17.80 -42.26
N ASP E 255 14.70 17.53 -42.78
CA ASP E 255 13.77 18.60 -43.07
C ASP E 255 12.52 18.42 -42.28
N ASN E 256 12.45 19.19 -41.20
CA ASN E 256 11.30 19.13 -40.32
C ASN E 256 9.98 19.66 -40.93
N ALA E 257 10.11 20.66 -41.82
CA ALA E 257 8.96 21.19 -42.55
C ALA E 257 8.31 20.13 -43.44
N GLU E 258 9.17 19.37 -44.14
CA GLU E 258 8.73 18.33 -45.05
C GLU E 258 8.50 17.01 -44.33
N TYR E 259 9.07 16.90 -43.12
CA TYR E 259 9.12 15.67 -42.30
C TYR E 259 9.82 14.55 -43.01
N LEU E 260 11.04 14.80 -43.43
CA LEU E 260 11.86 13.69 -43.91
C LEU E 260 13.21 13.80 -43.32
N VAL E 261 13.88 12.66 -43.26
CA VAL E 261 15.25 12.53 -42.75
C VAL E 261 16.14 11.99 -43.84
N TYR E 262 17.28 12.63 -44.07
CA TYR E 262 18.17 12.16 -45.13
C TYR E 262 19.49 11.59 -44.63
N LEU E 263 20.00 10.58 -45.36
CA LEU E 263 21.38 10.09 -45.17
C LEU E 263 22.29 10.12 -46.43
N GLN E 264 23.00 11.21 -46.69
CA GLN E 264 23.93 11.25 -47.81
C GLN E 264 25.16 10.36 -47.59
N MET E 265 25.42 9.39 -48.48
CA MET E 265 26.60 8.46 -48.40
C MET E 265 27.60 8.69 -49.54
N ASP E 266 28.81 9.13 -49.22
CA ASP E 266 29.80 9.42 -50.26
C ASP E 266 30.96 8.50 -50.08
N SER E 267 31.79 8.33 -51.11
CA SER E 267 32.97 7.45 -51.05
C SER E 267 32.61 6.08 -50.50
N LEU E 268 31.77 5.31 -51.17
CA LEU E 268 31.35 4.06 -50.55
C LEU E 268 32.37 2.93 -50.63
N LYS E 269 31.95 1.73 -50.26
CA LYS E 269 32.85 0.56 -50.14
C LYS E 269 32.05 -0.70 -49.88
N PRO E 270 32.52 -1.84 -50.42
CA PRO E 270 31.74 -3.08 -50.32
C PRO E 270 31.38 -3.42 -48.87
N GLU E 271 32.21 -3.00 -47.93
CA GLU E 271 31.90 -3.24 -46.54
C GLU E 271 30.80 -2.32 -46.05
N ASP E 272 30.25 -1.49 -46.93
CA ASP E 272 29.10 -0.66 -46.59
C ASP E 272 27.79 -1.38 -46.86
N THR E 273 27.87 -2.58 -47.42
CA THR E 273 26.70 -3.39 -47.67
C THR E 273 25.98 -3.71 -46.37
N ALA E 274 24.65 -3.56 -46.42
CA ALA E 274 23.72 -3.89 -45.33
C ALA E 274 22.34 -3.39 -45.68
N VAL E 275 21.33 -4.02 -45.10
CA VAL E 275 20.01 -3.42 -44.95
C VAL E 275 20.17 -2.17 -44.03
N TYR E 276 19.78 -0.99 -44.47
CA TYR E 276 19.83 0.23 -43.63
C TYR E 276 18.46 0.53 -43.03
N TYR E 277 18.40 0.90 -41.75
CA TYR E 277 17.12 1.16 -41.07
C TYR E 277 17.17 2.56 -40.56
N CYS E 278 16.02 3.20 -40.36
CA CYS E 278 16.00 4.51 -39.74
C CYS E 278 15.08 4.37 -38.57
N ALA E 279 15.31 5.18 -37.54
CA ALA E 279 14.60 4.98 -36.27
C ALA E 279 14.38 6.26 -35.49
N ALA E 280 13.33 6.28 -34.69
CA ALA E 280 13.11 7.46 -33.87
C ALA E 280 13.23 7.18 -32.39
N ASP E 281 13.91 8.09 -31.69
CA ASP E 281 14.00 8.05 -30.26
C ASP E 281 13.61 9.39 -29.72
N ASP E 282 12.97 9.39 -28.56
CA ASP E 282 12.75 10.65 -27.82
C ASP E 282 14.01 11.14 -27.12
N ASN E 283 15.06 10.31 -27.06
CA ASN E 283 16.32 10.71 -26.43
C ASN E 283 17.46 10.71 -27.39
N TYR E 284 18.02 11.88 -27.62
CA TYR E 284 19.17 11.99 -28.48
C TYR E 284 20.33 11.11 -27.96
N VAL E 285 20.39 10.86 -26.68
CA VAL E 285 21.53 10.11 -26.21
C VAL E 285 21.38 8.62 -26.44
N THR E 286 20.18 8.08 -26.19
CA THR E 286 19.93 6.66 -26.40
C THR E 286 19.74 6.39 -27.88
N ALA E 287 19.56 7.45 -28.65
CA ALA E 287 19.33 7.35 -30.08
C ALA E 287 20.31 6.41 -30.78
N SER E 288 21.61 6.50 -30.50
CA SER E 288 22.62 5.58 -31.08
C SER E 288 22.74 4.16 -30.49
N TRP E 289 21.91 3.84 -29.51
CA TRP E 289 21.96 2.50 -28.96
C TRP E 289 20.84 1.68 -29.51
N ARG E 290 21.16 0.42 -29.80
CA ARG E 290 20.23 -0.54 -30.41
C ARG E 290 18.88 -0.71 -29.67
N SER E 291 18.72 -0.03 -28.55
CA SER E 291 17.49 -0.15 -27.79
C SER E 291 16.88 1.11 -27.24
N GLY E 292 17.29 2.26 -27.76
CA GLY E 292 16.76 3.48 -27.23
C GLY E 292 15.60 3.98 -28.02
N PRO E 293 15.59 3.65 -29.29
CA PRO E 293 14.58 4.00 -30.27
C PRO E 293 13.31 3.26 -30.00
N ASP E 294 12.21 3.96 -30.24
CA ASP E 294 10.86 3.45 -30.04
C ASP E 294 10.10 3.13 -31.34
N TYR E 295 10.72 3.39 -32.49
CA TYR E 295 10.11 3.11 -33.79
C TYR E 295 11.18 2.77 -34.88
N TRP E 296 11.02 1.65 -35.59
CA TRP E 296 11.96 1.35 -36.68
C TRP E 296 11.30 1.14 -38.04
N GLY E 297 11.98 1.50 -39.11
CA GLY E 297 11.51 1.12 -40.43
C GLY E 297 11.74 -0.36 -40.68
N GLN E 298 11.20 -0.91 -41.78
CA GLN E 298 11.54 -2.28 -42.17
C GLN E 298 12.81 -2.34 -43.02
N GLY E 299 13.38 -1.19 -43.35
CA GLY E 299 14.68 -1.19 -43.98
C GLY E 299 14.70 -1.14 -45.50
N THR E 300 15.78 -0.56 -46.03
CA THR E 300 16.05 -0.53 -47.45
C THR E 300 17.46 -1.09 -47.70
N GLN E 301 17.57 -2.01 -48.66
CA GLN E 301 18.84 -2.67 -48.96
C GLN E 301 19.77 -1.81 -49.79
N VAL E 302 20.99 -1.62 -49.27
CA VAL E 302 22.08 -1.06 -50.04
C VAL E 302 23.13 -2.15 -50.29
N THR E 303 23.64 -2.23 -51.53
CA THR E 303 24.68 -3.20 -51.98
C THR E 303 25.75 -2.50 -52.86
N VAL E 304 27.00 -2.60 -52.45
CA VAL E 304 28.08 -1.96 -53.19
C VAL E 304 29.07 -2.98 -53.79
N SER E 305 29.08 -3.13 -55.13
CA SER E 305 30.13 -3.94 -55.79
C SER E 305 31.39 -3.06 -55.91
N SER E 306 32.54 -3.63 -56.28
CA SER E 306 33.67 -2.74 -56.66
C SER E 306 33.86 -2.60 -58.19
N ASN F 9 -17.25 -62.93 24.07
CA ASN F 9 -18.71 -63.20 23.87
C ASN F 9 -19.57 -62.08 23.20
N PRO F 10 -19.21 -60.77 23.38
CA PRO F 10 -20.03 -59.70 22.75
C PRO F 10 -19.95 -59.73 21.21
N SER F 11 -21.07 -59.50 20.52
CA SER F 11 -21.05 -59.50 19.05
C SER F 11 -21.30 -58.10 18.45
N LEU F 12 -20.88 -57.90 17.19
CA LEU F 12 -21.05 -56.61 16.50
C LEU F 12 -22.46 -56.36 15.92
N ILE F 13 -22.88 -55.11 15.95
CA ILE F 13 -24.12 -54.66 15.31
C ILE F 13 -23.91 -53.29 14.64
N ARG F 14 -24.53 -53.07 13.48
CA ARG F 14 -24.31 -51.86 12.68
C ARG F 14 -25.36 -51.67 11.62
N SER F 15 -25.42 -50.47 11.04
CA SER F 15 -26.38 -50.15 10.00
C SER F 15 -26.55 -51.23 8.95
N GLU F 16 -27.80 -51.48 8.57
CA GLU F 16 -28.07 -52.49 7.56
C GLU F 16 -27.63 -52.12 6.14
N SER F 17 -27.79 -50.84 5.79
CA SER F 17 -27.49 -50.31 4.47
C SER F 17 -26.01 -50.33 4.08
N TRP F 18 -25.12 -50.62 5.01
CA TRP F 18 -23.71 -50.74 4.67
C TRP F 18 -23.50 -52.11 4.14
N HIS F 19 -22.27 -52.43 3.77
CA HIS F 19 -21.90 -53.80 3.47
C HIS F 19 -20.41 -53.85 3.20
N VAL F 20 -19.78 -54.95 3.63
CA VAL F 20 -18.32 -55.04 3.69
C VAL F 20 -17.67 -54.93 2.33
N TYR F 21 -16.52 -54.27 2.25
CA TYR F 21 -15.77 -54.30 1.02
C TYR F 21 -14.48 -55.04 1.22
N ASP F 22 -13.71 -54.65 2.24
CA ASP F 22 -12.38 -55.22 2.49
C ASP F 22 -12.27 -55.73 3.91
N GLY F 23 -11.50 -56.80 4.09
CA GLY F 23 -11.45 -57.54 5.36
C GLY F 23 -12.83 -58.03 5.72
N ASN F 24 -13.03 -58.45 6.98
CA ASN F 24 -14.38 -58.74 7.48
C ASN F 24 -14.58 -58.49 8.98
N GLU F 25 -15.84 -58.59 9.39
CA GLU F 25 -16.30 -58.04 10.66
C GLU F 25 -15.61 -58.68 11.89
N ALA F 26 -14.99 -59.85 11.72
CA ALA F 26 -14.28 -60.47 12.82
C ALA F 26 -12.99 -59.72 13.22
N ASN F 27 -12.48 -58.85 12.34
CA ASN F 27 -11.27 -58.08 12.63
C ASN F 27 -11.56 -56.92 13.56
N LEU F 28 -12.84 -56.65 13.71
CA LEU F 28 -13.28 -55.54 14.50
C LEU F 28 -13.39 -55.97 15.94
N LEU F 29 -13.15 -57.25 16.20
CA LEU F 29 -13.33 -57.81 17.52
C LEU F 29 -12.15 -58.70 17.84
N ASP F 30 -10.96 -58.32 17.42
CA ASP F 30 -9.82 -59.22 17.60
C ASP F 30 -8.73 -58.70 18.53
N GLY F 31 -8.96 -57.61 19.25
CA GLY F 31 -7.91 -57.04 20.09
C GLY F 31 -6.86 -56.20 19.33
N ASP F 32 -6.88 -56.23 18.00
CA ASP F 32 -5.85 -55.62 17.15
C ASP F 32 -6.29 -54.35 16.39
N ASP F 33 -5.54 -53.27 16.64
CA ASP F 33 -5.83 -51.95 16.06
C ASP F 33 -5.41 -51.85 14.63
N ASN F 34 -4.66 -52.84 14.16
CA ASN F 34 -4.17 -52.81 12.77
C ASN F 34 -4.97 -53.65 11.75
N THR F 35 -5.91 -54.46 12.23
CA THR F 35 -6.86 -55.10 11.32
C THR F 35 -8.15 -54.29 11.34
N GLY F 36 -8.79 -54.16 10.18
CA GLY F 36 -10.07 -53.48 10.11
C GLY F 36 -11.07 -53.95 9.09
N VAL F 37 -12.05 -53.08 8.85
CA VAL F 37 -13.12 -53.27 7.89
C VAL F 37 -13.36 -51.96 7.16
N TRP F 38 -13.55 -52.03 5.84
CA TRP F 38 -13.83 -50.86 4.99
C TRP F 38 -15.22 -51.06 4.48
N TYR F 39 -16.16 -50.19 4.82
CA TYR F 39 -17.56 -50.34 4.33
C TYR F 39 -17.89 -49.52 3.07
N LYS F 40 -18.61 -50.14 2.14
CA LYS F 40 -19.32 -49.40 1.10
C LYS F 40 -20.74 -49.22 1.63
N ARG F 41 -21.49 -48.27 1.10
CA ARG F 41 -22.92 -48.11 1.42
C ARG F 41 -23.76 -48.45 0.18
N SER F 42 -25.07 -48.61 0.32
CA SER F 42 -25.87 -48.79 -0.89
C SER F 42 -27.09 -47.92 -0.84
N ASN F 43 -27.49 -47.43 -2.00
CA ASN F 43 -28.59 -46.50 -2.10
C ASN F 43 -28.23 -45.11 -1.67
N GLY F 44 -27.01 -44.72 -2.05
CA GLY F 44 -26.47 -43.41 -1.70
C GLY F 44 -25.12 -43.62 -1.09
N GLU F 45 -24.18 -42.72 -1.38
CA GLU F 45 -22.82 -42.90 -0.89
C GLU F 45 -22.69 -42.39 0.55
N ALA F 46 -23.54 -41.44 0.90
CA ALA F 46 -23.41 -40.69 2.12
C ALA F 46 -24.08 -41.42 3.24
N SER F 47 -23.40 -41.45 4.40
CA SER F 47 -23.89 -41.97 5.67
C SER F 47 -24.70 -40.93 6.41
N LEU F 48 -25.84 -41.36 6.92
CA LEU F 48 -26.89 -40.45 7.36
C LEU F 48 -27.11 -40.45 8.87
N ALA F 49 -27.88 -39.45 9.32
CA ALA F 49 -28.26 -39.36 10.73
C ALA F 49 -28.75 -40.72 11.17
N GLY F 50 -28.36 -41.16 12.35
CA GLY F 50 -28.86 -42.41 12.89
C GLY F 50 -28.08 -43.66 12.53
N GLU F 51 -27.27 -43.61 11.48
CA GLU F 51 -26.51 -44.81 11.15
C GLU F 51 -25.47 -45.07 12.21
N PHE F 52 -25.24 -46.34 12.50
CA PHE F 52 -24.52 -46.63 13.70
C PHE F 52 -23.63 -47.86 13.62
N ILE F 53 -22.75 -48.03 14.58
CA ILE F 53 -22.01 -49.29 14.72
C ILE F 53 -21.60 -49.53 16.20
N GLY F 54 -21.75 -50.75 16.70
CA GLY F 54 -21.40 -51.01 18.11
C GLY F 54 -21.44 -52.47 18.49
N LEU F 55 -21.55 -52.74 19.80
CA LEU F 55 -21.55 -54.09 20.34
C LEU F 55 -22.92 -54.49 20.94
N ASP F 56 -23.34 -55.72 20.62
CA ASP F 56 -24.38 -56.50 21.35
C ASP F 56 -23.62 -57.22 22.42
N LEU F 57 -23.87 -56.81 23.65
CA LEU F 57 -23.07 -57.31 24.76
C LEU F 57 -23.46 -58.75 25.11
N GLY F 58 -24.51 -59.25 24.47
CA GLY F 58 -24.98 -60.60 24.73
C GLY F 58 -26.06 -60.45 25.77
N LYS F 59 -25.65 -60.46 27.03
CA LYS F 59 -26.54 -60.12 28.13
C LYS F 59 -26.17 -58.81 28.90
N GLU F 60 -27.20 -58.02 29.23
CA GLU F 60 -27.16 -56.93 30.22
C GLU F 60 -26.00 -56.97 31.29
N ILE F 61 -25.01 -56.05 31.20
CA ILE F 61 -23.81 -56.02 32.11
C ILE F 61 -23.20 -54.62 32.44
N LYS F 62 -22.26 -54.58 33.41
CA LYS F 62 -21.65 -53.32 33.94
C LYS F 62 -20.31 -52.91 33.34
N LEU F 63 -20.20 -51.62 33.01
CA LEU F 63 -19.05 -51.10 32.26
C LEU F 63 -18.35 -49.95 32.95
N ASP F 64 -17.02 -50.02 32.96
CA ASP F 64 -16.15 -48.98 33.53
C ASP F 64 -15.50 -48.08 32.47
N GLY F 65 -15.57 -48.52 31.21
CA GLY F 65 -15.03 -47.82 30.03
C GLY F 65 -15.38 -48.52 28.71
N ILE F 66 -14.97 -47.90 27.59
CA ILE F 66 -14.96 -48.56 26.29
C ILE F 66 -13.74 -48.08 25.53
N ARG F 67 -13.30 -48.89 24.56
CA ARG F 67 -12.25 -48.47 23.65
C ARG F 67 -12.55 -48.94 22.20
N PHE F 68 -12.93 -47.96 21.40
CA PHE F 68 -13.30 -48.11 19.99
C PHE F 68 -12.27 -47.39 19.13
N VAL F 69 -11.66 -48.10 18.21
CA VAL F 69 -10.80 -47.50 17.19
C VAL F 69 -11.63 -47.36 15.90
N ILE F 70 -11.67 -46.15 15.34
CA ILE F 70 -12.47 -45.87 14.16
C ILE F 70 -11.58 -45.32 13.06
N GLY F 71 -11.97 -45.53 11.80
CA GLY F 71 -11.03 -45.39 10.71
C GLY F 71 -10.18 -46.64 10.74
N LYS F 72 -9.28 -46.75 9.79
CA LYS F 72 -8.53 -47.95 9.61
C LYS F 72 -7.17 -47.38 9.38
N ASN F 73 -6.13 -48.21 9.52
CA ASN F 73 -4.76 -47.78 9.22
C ASN F 73 -4.67 -46.95 7.94
N GLY F 74 -3.50 -46.34 7.70
CA GLY F 74 -3.27 -45.62 6.43
C GLY F 74 -3.80 -44.19 6.35
N GLY F 75 -2.97 -43.31 5.76
CA GLY F 75 -3.36 -41.93 5.36
C GLY F 75 -3.98 -41.88 3.94
N GLY F 76 -5.17 -42.53 3.80
CA GLY F 76 -5.92 -42.50 2.54
C GLY F 76 -6.86 -41.30 2.48
N SER F 77 -8.10 -41.58 2.13
CA SER F 77 -9.15 -40.62 2.17
C SER F 77 -9.72 -40.64 3.56
N SER F 78 -10.30 -39.51 3.96
CA SER F 78 -11.06 -39.40 5.19
C SER F 78 -12.02 -40.54 5.43
N ASP F 79 -12.15 -40.99 6.68
CA ASP F 79 -12.88 -42.23 6.93
C ASP F 79 -13.69 -42.29 8.20
N LYS F 80 -13.80 -41.17 8.90
CA LYS F 80 -14.58 -41.20 10.12
C LYS F 80 -15.74 -40.22 10.01
N TRP F 81 -16.78 -40.46 10.80
CA TRP F 81 -17.85 -39.49 10.91
C TRP F 81 -17.32 -38.11 11.29
N ASN F 82 -18.21 -37.13 11.34
CA ASN F 82 -17.81 -35.78 11.76
C ASN F 82 -18.35 -35.42 13.13
N LYS F 83 -19.63 -35.75 13.33
CA LYS F 83 -20.36 -35.47 14.55
C LYS F 83 -21.17 -36.71 14.85
N PHE F 84 -20.94 -37.33 16.00
CA PHE F 84 -21.61 -38.58 16.39
C PHE F 84 -21.66 -38.70 17.91
N LYS F 85 -22.39 -39.69 18.40
CA LYS F 85 -22.73 -39.77 19.83
C LYS F 85 -22.49 -41.17 20.29
N LEU F 86 -22.25 -41.33 21.59
CA LEU F 86 -22.00 -42.65 22.13
C LEU F 86 -23.14 -42.97 23.06
N GLU F 87 -23.89 -44.00 22.73
CA GLU F 87 -25.15 -44.19 23.43
C GLU F 87 -25.35 -45.66 23.77
N TYR F 88 -26.24 -45.92 24.71
CA TYR F 88 -26.46 -47.27 25.16
C TYR F 88 -27.94 -47.57 25.40
N SER F 89 -28.27 -48.85 25.46
CA SER F 89 -29.63 -49.28 25.69
C SER F 89 -29.65 -50.64 26.32
N LEU F 90 -30.72 -50.82 27.10
CA LEU F 90 -31.01 -52.04 27.82
C LEU F 90 -31.94 -52.77 26.89
N ASP F 91 -32.99 -52.07 26.44
CA ASP F 91 -34.07 -52.67 25.66
C ASP F 91 -33.82 -52.63 24.16
N ASN F 92 -32.90 -51.79 23.72
CA ASN F 92 -32.61 -51.66 22.28
C ASN F 92 -33.57 -50.76 21.47
N GLU F 93 -34.74 -50.45 22.01
CA GLU F 93 -35.59 -49.45 21.37
C GLU F 93 -35.18 -48.02 21.73
N SER F 94 -35.06 -47.67 23.02
CA SER F 94 -34.69 -46.27 23.40
C SER F 94 -33.30 -46.17 24.02
N TRP F 95 -32.65 -45.04 23.75
CA TRP F 95 -31.23 -44.88 24.02
C TRP F 95 -30.90 -43.62 24.84
N THR F 96 -29.86 -43.74 25.66
CA THR F 96 -29.35 -42.58 26.42
C THR F 96 -27.91 -42.26 26.00
N THR F 97 -27.68 -40.96 25.74
CA THR F 97 -26.41 -40.41 25.26
C THR F 97 -25.32 -40.33 26.36
N ILE F 98 -24.07 -40.65 26.00
CA ILE F 98 -22.97 -40.45 26.93
C ILE F 98 -22.08 -39.26 26.53
N LYS F 99 -21.25 -39.43 25.52
CA LYS F 99 -20.47 -38.30 25.12
C LYS F 99 -21.02 -38.00 23.77
N GLU F 100 -20.79 -36.78 23.31
CA GLU F 100 -20.97 -36.43 21.89
C GLU F 100 -19.64 -36.07 21.30
N TYR F 101 -19.54 -36.01 19.98
CA TYR F 101 -18.24 -35.76 19.38
C TYR F 101 -18.21 -34.80 18.24
N ASP F 102 -17.05 -34.18 18.08
CA ASP F 102 -16.81 -33.47 16.87
C ASP F 102 -15.41 -33.71 16.40
N LYS F 103 -15.32 -34.55 15.38
CA LYS F 103 -14.06 -34.87 14.78
C LYS F 103 -13.86 -34.19 13.41
N THR F 104 -14.67 -33.17 13.10
CA THR F 104 -14.45 -32.38 11.88
C THR F 104 -12.99 -32.00 11.79
N GLY F 105 -12.38 -32.06 10.61
CA GLY F 105 -10.95 -31.77 10.48
C GLY F 105 -9.98 -32.92 10.73
N ALA F 106 -10.45 -34.00 11.38
CA ALA F 106 -9.63 -35.18 11.73
C ALA F 106 -8.80 -35.73 10.60
N PRO F 107 -7.53 -36.10 10.83
CA PRO F 107 -6.84 -36.90 9.81
C PRO F 107 -7.43 -38.27 9.51
N ALA F 108 -7.12 -38.78 8.33
CA ALA F 108 -7.52 -40.10 7.94
C ALA F 108 -6.69 -41.08 8.75
N GLY F 109 -7.15 -42.30 8.91
CA GLY F 109 -6.44 -43.22 9.78
C GLY F 109 -7.15 -43.65 11.05
N LYS F 110 -6.43 -44.41 11.90
CA LYS F 110 -7.00 -44.86 13.17
C LYS F 110 -7.23 -43.66 14.07
N ASP F 111 -8.39 -43.63 14.71
CA ASP F 111 -8.60 -42.69 15.77
C ASP F 111 -9.19 -43.45 16.92
N VAL F 112 -8.48 -43.44 18.03
CA VAL F 112 -8.86 -44.16 19.24
C VAL F 112 -9.81 -43.35 20.06
N ILE F 113 -10.85 -44.03 20.54
CA ILE F 113 -11.84 -43.45 21.42
C ILE F 113 -11.92 -44.32 22.68
N GLU F 114 -11.04 -43.98 23.63
CA GLU F 114 -10.93 -44.58 24.97
C GLU F 114 -11.70 -43.65 25.93
N GLU F 115 -12.82 -44.15 26.43
CA GLU F 115 -13.57 -43.46 27.50
C GLU F 115 -13.62 -44.31 28.76
N SER F 116 -13.46 -43.67 29.92
CA SER F 116 -13.85 -44.38 31.13
C SER F 116 -14.91 -43.59 31.91
N PHE F 117 -15.83 -44.31 32.50
CA PHE F 117 -16.99 -43.72 33.13
C PHE F 117 -16.82 -43.60 34.65
N GLU F 118 -16.94 -42.39 35.18
CA GLU F 118 -16.87 -42.23 36.65
C GLU F 118 -17.84 -43.18 37.39
N THR F 119 -19.13 -43.18 37.00
CA THR F 119 -20.08 -44.19 37.51
C THR F 119 -20.15 -45.30 36.51
N PRO F 120 -19.99 -46.56 36.95
CA PRO F 120 -20.38 -47.65 36.04
C PRO F 120 -21.81 -47.55 35.48
N ILE F 121 -21.93 -47.94 34.19
CA ILE F 121 -23.17 -47.90 33.45
C ILE F 121 -23.49 -49.32 33.07
N SER F 122 -24.75 -49.70 33.24
CA SER F 122 -25.18 -50.97 32.70
C SER F 122 -26.21 -50.83 31.57
N ALA F 123 -26.08 -51.79 30.63
CA ALA F 123 -26.62 -51.78 29.25
C ALA F 123 -26.57 -53.18 28.60
N LYS F 124 -27.44 -53.45 27.62
CA LYS F 124 -27.31 -54.65 26.76
C LYS F 124 -26.57 -54.19 25.50
N TYR F 125 -26.68 -52.89 25.24
CA TYR F 125 -26.20 -52.33 24.00
C TYR F 125 -25.41 -51.03 24.18
N ILE F 126 -24.45 -50.79 23.30
CA ILE F 126 -23.70 -49.54 23.27
C ILE F 126 -23.08 -49.32 21.85
N ARG F 127 -23.26 -48.14 21.26
CA ARG F 127 -22.82 -47.93 19.89
C ARG F 127 -22.47 -46.47 19.64
N LEU F 128 -21.89 -46.20 18.47
CA LEU F 128 -21.70 -44.85 17.98
C LEU F 128 -22.75 -44.60 16.94
N THR F 129 -23.34 -43.41 16.96
CA THR F 129 -24.45 -43.13 16.08
C THR F 129 -24.20 -41.80 15.42
N ASN F 130 -24.35 -41.75 14.08
CA ASN F 130 -24.09 -40.50 13.34
C ASN F 130 -25.14 -39.41 13.58
N LEU F 131 -24.72 -38.16 13.60
CA LEU F 131 -25.63 -37.06 13.91
C LEU F 131 -25.78 -36.13 12.72
N GLU F 132 -24.89 -36.24 11.74
CA GLU F 132 -24.96 -35.35 10.61
C GLU F 132 -24.32 -35.98 9.35
N PRO F 133 -25.06 -35.90 8.22
CA PRO F 133 -24.71 -36.66 7.02
C PRO F 133 -23.27 -36.44 6.65
N ARG F 134 -22.60 -37.50 6.25
CA ARG F 134 -21.21 -37.40 5.96
C ARG F 134 -20.84 -38.09 4.62
N HIS F 135 -20.32 -37.32 3.66
CA HIS F 135 -19.97 -37.86 2.35
C HIS F 135 -18.62 -38.53 2.35
N VAL F 136 -18.49 -39.59 3.12
CA VAL F 136 -17.22 -40.29 3.14
C VAL F 136 -17.36 -41.82 3.24
N GLN F 137 -16.37 -42.57 2.78
CA GLN F 137 -16.50 -44.02 2.91
C GLN F 137 -15.92 -44.54 4.25
N LEU F 138 -16.81 -45.00 5.14
CA LEU F 138 -16.48 -45.34 6.56
C LEU F 138 -15.57 -46.54 6.78
N THR F 139 -14.46 -46.37 7.50
CA THR F 139 -13.69 -47.53 7.98
C THR F 139 -13.64 -47.64 9.51
N PHE F 140 -13.29 -48.82 10.04
CA PHE F 140 -13.19 -49.03 11.51
C PHE F 140 -12.14 -50.06 11.87
N SER F 141 -11.33 -49.83 12.91
CA SER F 141 -10.36 -50.87 13.28
C SER F 141 -10.72 -51.82 14.45
N GLU F 142 -11.25 -51.33 15.56
CA GLU F 142 -11.49 -52.24 16.73
C GLU F 142 -12.59 -51.78 17.70
N PHE F 143 -13.22 -52.74 18.40
CA PHE F 143 -14.31 -52.51 19.36
C PHE F 143 -14.30 -53.41 20.62
N ALA F 144 -14.16 -52.77 21.78
CA ALA F 144 -13.90 -53.45 23.03
C ALA F 144 -14.58 -52.68 24.17
N ILE F 145 -15.02 -53.39 25.21
CA ILE F 145 -15.56 -52.80 26.45
C ILE F 145 -14.53 -52.99 27.58
N VAL F 146 -14.85 -52.53 28.80
CA VAL F 146 -14.03 -52.78 30.05
C VAL F 146 -14.90 -53.11 31.27
N SER F 147 -14.68 -54.33 31.82
CA SER F 147 -15.41 -54.82 33.01
C SER F 147 -14.55 -55.31 34.18
N ASP F 148 -14.15 -54.40 35.09
CA ASP F 148 -13.46 -54.80 36.35
C ASP F 148 -14.45 -55.00 37.53
N SER F 182 4.02 -52.07 -4.35
CA SER F 182 2.93 -52.16 -3.36
C SER F 182 1.51 -52.07 -4.03
N GLN F 183 1.21 -50.89 -4.62
CA GLN F 183 -0.02 -50.51 -5.41
C GLN F 183 -1.09 -49.76 -4.61
N VAL F 184 -1.67 -48.72 -5.22
CA VAL F 184 -2.83 -47.99 -4.67
C VAL F 184 -4.10 -48.75 -4.98
N GLN F 185 -5.24 -48.29 -4.46
CA GLN F 185 -6.50 -49.06 -4.49
C GLN F 185 -7.72 -48.11 -4.57
N LEU F 186 -8.57 -48.23 -5.58
CA LEU F 186 -9.62 -47.23 -5.78
C LEU F 186 -11.03 -47.78 -5.49
N VAL F 187 -11.89 -47.07 -4.77
CA VAL F 187 -13.16 -47.69 -4.40
C VAL F 187 -14.46 -46.88 -4.64
N GLU F 188 -15.44 -47.56 -5.25
CA GLU F 188 -16.73 -46.90 -5.52
C GLU F 188 -17.73 -47.34 -4.50
N SER F 189 -18.53 -46.40 -4.01
CA SER F 189 -19.57 -46.71 -3.05
C SER F 189 -20.82 -45.94 -3.38
N GLY F 190 -21.93 -46.37 -2.78
CA GLY F 190 -23.25 -45.80 -2.98
C GLY F 190 -23.94 -46.70 -3.96
N GLY F 191 -25.23 -46.49 -4.17
CA GLY F 191 -25.83 -47.24 -5.26
C GLY F 191 -26.01 -48.76 -5.16
N GLY F 192 -27.26 -49.15 -5.45
CA GLY F 192 -27.72 -50.50 -5.66
C GLY F 192 -29.00 -50.29 -6.48
N LEU F 193 -30.17 -50.32 -5.85
CA LEU F 193 -31.44 -50.31 -6.61
C LEU F 193 -32.27 -49.02 -6.45
N VAL F 194 -32.77 -48.46 -7.55
CA VAL F 194 -33.49 -47.19 -7.46
C VAL F 194 -34.64 -47.05 -8.47
N GLN F 195 -35.82 -46.60 -8.02
CA GLN F 195 -36.98 -46.41 -8.92
C GLN F 195 -36.79 -45.29 -9.96
N ALA F 196 -37.05 -45.61 -11.23
CA ALA F 196 -36.85 -44.70 -12.37
C ALA F 196 -37.27 -43.25 -12.12
N GLY F 197 -36.62 -42.32 -12.85
CA GLY F 197 -36.82 -40.88 -12.66
C GLY F 197 -36.44 -40.33 -11.28
N GLY F 198 -35.69 -41.10 -10.49
CA GLY F 198 -35.19 -40.64 -9.17
C GLY F 198 -33.72 -40.25 -9.20
N SER F 199 -33.11 -40.14 -8.01
CA SER F 199 -31.73 -39.65 -7.82
C SER F 199 -30.81 -40.62 -7.08
N LEU F 200 -29.54 -40.61 -7.42
CA LEU F 200 -28.60 -41.40 -6.67
C LEU F 200 -27.18 -40.82 -6.73
N ARG F 201 -26.47 -40.90 -5.59
CA ARG F 201 -25.16 -40.33 -5.46
C ARG F 201 -24.03 -41.37 -5.27
N LEU F 202 -22.94 -41.26 -6.00
CA LEU F 202 -21.84 -42.19 -5.83
C LEU F 202 -20.57 -41.48 -5.38
N SER F 203 -19.69 -42.22 -4.72
CA SER F 203 -18.44 -41.62 -4.33
C SER F 203 -17.36 -42.61 -4.60
N CYS F 204 -16.17 -42.08 -4.81
CA CYS F 204 -15.03 -42.93 -4.95
C CYS F 204 -13.89 -42.42 -4.08
N ALA F 205 -13.45 -43.31 -3.18
CA ALA F 205 -12.34 -43.12 -2.26
C ALA F 205 -11.03 -43.68 -2.79
N ALA F 206 -9.92 -43.36 -2.15
CA ALA F 206 -8.67 -44.04 -2.49
C ALA F 206 -7.91 -44.42 -1.22
N SER F 207 -7.06 -45.44 -1.33
CA SER F 207 -6.45 -46.08 -0.20
C SER F 207 -5.13 -45.42 0.12
N ARG F 208 -4.30 -45.16 -0.87
CA ARG F 208 -3.11 -44.30 -0.72
C ARG F 208 -3.49 -42.93 -1.28
N ARG F 209 -2.65 -41.93 -1.11
CA ARG F 209 -2.98 -40.59 -1.60
C ARG F 209 -1.73 -40.16 -2.38
N SER F 210 -1.86 -39.32 -3.41
CA SER F 210 -0.70 -39.07 -4.29
C SER F 210 -0.16 -37.69 -4.16
N SER F 211 1.15 -37.63 -4.33
CA SER F 211 1.91 -36.39 -4.46
C SER F 211 1.42 -35.61 -5.66
N ARG F 212 1.11 -36.35 -6.72
CA ARG F 212 0.71 -35.82 -8.03
C ARG F 212 -0.79 -35.53 -8.10
N SER F 213 -1.16 -34.77 -9.12
CA SER F 213 -2.56 -34.52 -9.37
C SER F 213 -3.14 -35.42 -10.49
N TRP F 214 -4.36 -35.90 -10.30
CA TRP F 214 -4.92 -36.85 -11.22
C TRP F 214 -6.30 -36.42 -11.70
N ALA F 215 -6.49 -36.48 -13.03
CA ALA F 215 -7.84 -36.41 -13.59
C ALA F 215 -8.62 -37.67 -13.19
N MET F 216 -9.86 -37.47 -12.80
CA MET F 216 -10.68 -38.57 -12.36
C MET F 216 -11.95 -38.71 -13.23
N ALA F 217 -12.29 -39.93 -13.63
CA ALA F 217 -13.41 -40.13 -14.53
C ALA F 217 -14.31 -41.22 -14.09
N TRP F 218 -15.60 -41.06 -14.41
CA TRP F 218 -16.58 -42.16 -14.30
C TRP F 218 -16.94 -42.78 -15.65
N PHE F 219 -16.99 -44.12 -15.69
CA PHE F 219 -17.34 -44.92 -16.85
C PHE F 219 -18.41 -45.91 -16.38
N ARG F 220 -19.34 -46.26 -17.23
CA ARG F 220 -20.25 -47.38 -16.92
C ARG F 220 -20.15 -48.51 -17.93
N GLN F 221 -20.48 -49.71 -17.48
CA GLN F 221 -20.51 -50.87 -18.34
C GLN F 221 -21.62 -51.86 -18.00
N ALA F 222 -22.60 -51.89 -18.91
CA ALA F 222 -23.70 -52.86 -18.86
C ALA F 222 -23.16 -54.21 -19.28
N PRO F 223 -23.71 -55.31 -18.76
CA PRO F 223 -23.12 -56.57 -19.19
C PRO F 223 -23.34 -56.77 -20.70
N GLY F 224 -22.29 -57.20 -21.39
CA GLY F 224 -22.43 -57.44 -22.81
C GLY F 224 -21.83 -56.35 -23.66
N LYS F 225 -21.99 -55.12 -23.22
CA LYS F 225 -21.55 -54.00 -23.99
C LYS F 225 -20.18 -53.47 -23.52
N GLU F 226 -19.88 -52.25 -23.95
CA GLU F 226 -18.64 -51.48 -23.77
C GLU F 226 -18.59 -50.77 -22.42
N ARG F 227 -17.43 -50.18 -22.19
CA ARG F 227 -17.24 -49.29 -21.07
C ARG F 227 -17.50 -47.82 -21.50
N GLU F 228 -18.68 -47.31 -21.23
CA GLU F 228 -19.04 -46.01 -21.81
C GLU F 228 -18.57 -44.89 -20.90
N PHE F 229 -17.86 -43.94 -21.50
CA PHE F 229 -17.43 -42.78 -20.73
C PHE F 229 -18.65 -41.99 -20.18
N VAL F 230 -18.59 -41.63 -18.90
CA VAL F 230 -19.71 -40.93 -18.26
C VAL F 230 -19.36 -39.48 -17.96
N ALA F 231 -18.23 -39.26 -17.30
CA ALA F 231 -17.83 -37.92 -16.90
C ALA F 231 -16.38 -37.99 -16.49
N LYS F 232 -15.61 -36.95 -16.82
CA LYS F 232 -14.31 -36.72 -16.24
C LYS F 232 -14.23 -35.34 -15.51
N ILE F 233 -13.21 -35.15 -14.66
CA ILE F 233 -12.92 -33.88 -14.01
C ILE F 233 -11.38 -33.71 -13.84
N SER F 234 -10.87 -32.49 -13.98
CA SER F 234 -9.42 -32.27 -14.03
C SER F 234 -8.92 -32.34 -12.61
N GLY F 235 -7.60 -32.44 -12.44
CA GLY F 235 -7.05 -32.51 -11.08
C GLY F 235 -7.60 -31.46 -10.11
N ASP F 236 -7.59 -30.19 -10.54
CA ASP F 236 -8.07 -29.03 -9.76
C ASP F 236 -9.56 -28.95 -9.67
N GLY F 237 -10.26 -29.70 -10.50
CA GLY F 237 -11.71 -29.65 -10.47
C GLY F 237 -12.29 -28.50 -11.28
N ARG F 238 -11.45 -27.86 -12.09
CA ARG F 238 -11.92 -26.78 -12.95
C ARG F 238 -12.61 -27.25 -14.24
N LEU F 239 -12.13 -28.33 -14.85
CA LEU F 239 -12.63 -28.82 -16.14
C LEU F 239 -13.51 -30.04 -16.05
N THR F 240 -14.72 -29.97 -16.62
CA THR F 240 -15.49 -31.21 -16.73
C THR F 240 -16.14 -31.46 -18.12
N THR F 241 -16.19 -32.73 -18.54
CA THR F 241 -17.00 -33.16 -19.71
C THR F 241 -17.84 -34.41 -19.38
N TYR F 242 -18.90 -34.61 -20.15
CA TYR F 242 -19.89 -35.66 -19.92
C TYR F 242 -20.28 -36.45 -21.21
N GLY F 243 -20.77 -37.67 -21.09
CA GLY F 243 -21.33 -38.38 -22.26
C GLY F 243 -22.67 -37.79 -22.67
N ASP F 244 -22.99 -37.79 -23.97
CA ASP F 244 -24.20 -37.07 -24.37
C ASP F 244 -25.42 -37.69 -23.73
N SER F 245 -25.29 -38.99 -23.50
CA SER F 245 -26.31 -39.81 -22.85
C SER F 245 -26.64 -39.30 -21.46
N VAL F 246 -25.72 -38.60 -20.82
CA VAL F 246 -25.97 -38.12 -19.47
C VAL F 246 -25.96 -36.59 -19.30
N LYS F 247 -25.34 -35.85 -20.23
CA LYS F 247 -25.15 -34.40 -20.06
C LYS F 247 -26.43 -33.75 -19.60
N GLY F 248 -26.35 -32.89 -18.59
CA GLY F 248 -27.54 -32.28 -17.99
C GLY F 248 -28.34 -33.10 -16.95
N ARG F 249 -27.99 -34.36 -16.74
CA ARG F 249 -28.68 -35.16 -15.71
C ARG F 249 -27.73 -35.54 -14.59
N PHE F 250 -26.43 -35.51 -14.92
CA PHE F 250 -25.34 -36.04 -14.10
C PHE F 250 -24.26 -34.99 -13.80
N THR F 251 -23.79 -34.94 -12.54
CA THR F 251 -22.64 -34.08 -12.13
C THR F 251 -21.44 -34.74 -11.45
N ILE F 252 -20.27 -34.54 -12.03
CA ILE F 252 -19.07 -34.94 -11.37
C ILE F 252 -18.53 -33.74 -10.56
N SER F 253 -17.95 -34.02 -9.38
CA SER F 253 -17.37 -33.03 -8.47
C SER F 253 -16.34 -33.74 -7.64
N ARG F 254 -15.38 -33.02 -7.08
CA ARG F 254 -14.34 -33.64 -6.26
C ARG F 254 -13.93 -32.86 -5.01
N ASP F 255 -13.59 -33.57 -3.94
CA ASP F 255 -13.17 -32.95 -2.68
C ASP F 255 -11.71 -33.21 -2.35
N ASN F 256 -10.83 -32.38 -2.89
CA ASN F 256 -9.44 -32.72 -2.86
C ASN F 256 -8.85 -32.79 -1.49
N ALA F 257 -9.46 -32.12 -0.51
CA ALA F 257 -9.13 -32.28 0.93
C ALA F 257 -9.44 -33.72 1.44
N GLU F 258 -10.71 -34.00 1.63
CA GLU F 258 -11.19 -35.31 1.99
C GLU F 258 -10.65 -36.45 1.10
N TYR F 259 -10.20 -36.12 -0.12
CA TYR F 259 -9.82 -37.11 -1.20
C TYR F 259 -10.96 -38.01 -1.70
N LEU F 260 -12.00 -37.45 -2.29
CA LEU F 260 -13.08 -38.26 -2.86
C LEU F 260 -13.60 -37.58 -4.11
N VAL F 261 -14.03 -38.39 -5.11
CA VAL F 261 -14.79 -37.91 -6.28
C VAL F 261 -16.23 -38.39 -6.20
N TYR F 262 -17.16 -37.56 -6.65
CA TYR F 262 -18.58 -37.92 -6.55
C TYR F 262 -19.25 -37.84 -7.93
N LEU F 263 -20.26 -38.69 -8.13
CA LEU F 263 -21.10 -38.56 -9.27
C LEU F 263 -22.53 -38.38 -8.80
N GLN F 264 -23.08 -37.20 -8.99
CA GLN F 264 -24.46 -37.02 -8.61
C GLN F 264 -25.25 -37.34 -9.84
N MET F 265 -26.22 -38.27 -9.76
CA MET F 265 -27.09 -38.65 -10.89
C MET F 265 -28.58 -38.35 -10.63
N ASP F 266 -29.20 -37.53 -11.49
CA ASP F 266 -30.59 -37.11 -11.30
C ASP F 266 -31.51 -37.67 -12.38
N SER F 267 -32.81 -37.83 -12.07
CA SER F 267 -33.77 -38.42 -13.03
C SER F 267 -33.13 -39.49 -13.95
N LEU F 268 -32.91 -40.66 -13.37
CA LEU F 268 -32.29 -41.76 -14.06
C LEU F 268 -33.29 -42.59 -14.84
N LYS F 269 -32.85 -43.14 -15.97
CA LYS F 269 -33.66 -44.03 -16.82
C LYS F 269 -33.18 -45.47 -16.65
N PRO F 270 -34.03 -46.45 -17.00
CA PRO F 270 -33.64 -47.84 -16.89
C PRO F 270 -32.42 -48.18 -17.72
N GLU F 271 -32.20 -47.46 -18.81
CA GLU F 271 -30.95 -47.71 -19.51
C GLU F 271 -29.74 -47.05 -18.85
N ASP F 272 -29.93 -46.36 -17.73
CA ASP F 272 -28.75 -45.96 -16.98
C ASP F 272 -28.17 -47.15 -16.23
N THR F 273 -28.90 -48.27 -16.12
CA THR F 273 -28.41 -49.49 -15.45
C THR F 273 -27.05 -49.94 -15.93
N ALA F 274 -26.15 -50.26 -14.99
CA ALA F 274 -24.76 -50.69 -15.28
C ALA F 274 -23.85 -50.73 -14.03
N VAL F 275 -22.64 -51.23 -14.28
CA VAL F 275 -21.62 -51.18 -13.28
C VAL F 275 -20.92 -49.85 -13.54
N TYR F 276 -21.01 -48.94 -12.56
CA TYR F 276 -20.31 -47.66 -12.62
C TYR F 276 -18.95 -47.73 -11.97
N TYR F 277 -17.94 -47.24 -12.68
CA TYR F 277 -16.55 -47.33 -12.25
C TYR F 277 -15.87 -45.97 -12.18
N CYS F 278 -14.85 -45.89 -11.33
CA CYS F 278 -14.10 -44.68 -11.26
C CYS F 278 -12.66 -44.97 -11.64
N ALA F 279 -12.01 -43.99 -12.30
CA ALA F 279 -10.64 -44.18 -12.71
C ALA F 279 -9.82 -42.89 -12.62
N ALA F 280 -8.49 -43.05 -12.75
CA ALA F 280 -7.59 -41.94 -12.63
C ALA F 280 -6.67 -41.97 -13.76
N ASP F 281 -6.44 -40.79 -14.32
CA ASP F 281 -5.60 -40.64 -15.49
C ASP F 281 -4.71 -39.48 -15.20
N ASP F 282 -3.46 -39.67 -15.53
CA ASP F 282 -2.48 -38.70 -15.23
C ASP F 282 -2.58 -37.60 -16.20
N ASN F 283 -3.51 -37.71 -17.15
CA ASN F 283 -3.72 -36.71 -18.21
C ASN F 283 -5.21 -36.58 -18.47
N TYR F 284 -5.77 -35.44 -18.10
CA TYR F 284 -7.19 -35.16 -18.32
C TYR F 284 -7.67 -35.34 -19.78
N VAL F 285 -6.80 -34.98 -20.71
CA VAL F 285 -7.13 -35.05 -22.11
C VAL F 285 -7.50 -36.49 -22.45
N THR F 286 -6.63 -37.44 -22.08
CA THR F 286 -6.92 -38.84 -22.34
C THR F 286 -7.92 -39.48 -21.39
N ALA F 287 -8.60 -38.72 -20.54
CA ALA F 287 -9.35 -39.35 -19.42
C ALA F 287 -10.76 -39.83 -19.79
N SER F 288 -11.22 -39.45 -20.97
CA SER F 288 -12.52 -39.89 -21.45
C SER F 288 -12.35 -41.08 -22.40
N TRP F 289 -11.13 -41.48 -22.72
CA TRP F 289 -10.92 -42.70 -23.48
C TRP F 289 -10.60 -43.90 -22.59
N ARG F 290 -10.94 -45.12 -23.03
CA ARG F 290 -10.92 -46.32 -22.17
C ARG F 290 -9.48 -46.68 -21.80
N SER F 291 -8.58 -46.49 -22.75
CA SER F 291 -7.17 -46.80 -22.56
C SER F 291 -6.40 -45.57 -22.06
N GLY F 292 -7.10 -44.69 -21.35
CA GLY F 292 -6.49 -43.48 -20.84
C GLY F 292 -6.17 -43.60 -19.36
N PRO F 293 -7.18 -43.93 -18.54
CA PRO F 293 -7.02 -44.08 -17.09
C PRO F 293 -5.93 -45.09 -16.74
N ASP F 294 -5.13 -44.79 -15.72
CA ASP F 294 -4.06 -45.67 -15.29
C ASP F 294 -4.50 -46.53 -14.11
N TYR F 295 -5.52 -46.07 -13.40
CA TYR F 295 -6.05 -46.79 -12.24
C TYR F 295 -7.55 -46.92 -12.35
N TRP F 296 -8.06 -48.10 -12.05
CA TRP F 296 -9.45 -48.39 -12.22
C TRP F 296 -10.04 -48.99 -10.97
N GLY F 297 -11.17 -48.49 -10.50
CA GLY F 297 -11.87 -49.11 -9.38
C GLY F 297 -12.42 -50.43 -9.86
N GLN F 298 -13.20 -51.14 -9.04
CA GLN F 298 -13.77 -52.42 -9.46
C GLN F 298 -15.25 -52.35 -9.54
N GLY F 299 -15.76 -51.14 -9.50
CA GLY F 299 -17.10 -50.86 -9.99
C GLY F 299 -18.17 -51.08 -8.97
N THR F 300 -19.27 -50.33 -9.07
CA THR F 300 -20.43 -50.57 -8.23
C THR F 300 -21.74 -50.67 -9.06
N GLN F 301 -22.55 -51.69 -8.77
CA GLN F 301 -23.82 -51.92 -9.46
C GLN F 301 -24.89 -50.84 -9.27
N VAL F 302 -25.40 -50.28 -10.35
CA VAL F 302 -26.55 -49.41 -10.24
C VAL F 302 -27.61 -50.01 -11.10
N THR F 303 -28.85 -50.02 -10.60
CA THR F 303 -29.95 -50.67 -11.31
C THR F 303 -31.20 -49.81 -11.23
N VAL F 304 -31.68 -49.31 -12.38
CA VAL F 304 -32.90 -48.47 -12.41
C VAL F 304 -34.14 -49.21 -12.92
N SER F 305 -35.01 -49.68 -12.03
CA SER F 305 -36.23 -50.36 -12.46
C SER F 305 -37.23 -49.32 -12.96
N SER F 306 -38.22 -49.80 -13.74
CA SER F 306 -39.30 -48.98 -14.33
C SER F 306 -40.17 -48.26 -13.30
N ASN G 9 -31.35 15.25 -26.15
CA ASN G 9 -31.73 15.55 -24.73
C ASN G 9 -30.62 16.21 -23.85
N PRO G 10 -29.34 15.76 -23.97
CA PRO G 10 -28.21 16.33 -23.22
C PRO G 10 -27.67 17.65 -23.77
N SER G 11 -27.31 18.57 -22.87
CA SER G 11 -26.74 19.88 -23.22
C SER G 11 -25.22 19.88 -23.08
N LEU G 12 -24.54 20.76 -23.79
CA LEU G 12 -23.08 20.84 -23.65
C LEU G 12 -22.69 21.76 -22.49
N ILE G 13 -21.46 21.63 -22.01
CA ILE G 13 -20.94 22.52 -20.97
C ILE G 13 -19.41 22.59 -20.92
N ARG G 14 -18.88 23.80 -21.06
CA ARG G 14 -17.43 23.97 -21.15
C ARG G 14 -16.93 25.15 -20.36
N SER G 15 -15.62 25.28 -20.23
CA SER G 15 -15.04 26.42 -19.52
C SER G 15 -15.57 27.74 -20.10
N GLU G 16 -15.74 28.74 -19.23
CA GLU G 16 -16.38 30.01 -19.64
C GLU G 16 -15.41 30.92 -20.41
N SER G 17 -14.14 30.86 -20.03
CA SER G 17 -13.07 31.58 -20.71
C SER G 17 -12.88 31.23 -22.20
N TRP G 18 -13.85 30.58 -22.85
CA TRP G 18 -13.70 30.14 -24.24
C TRP G 18 -14.69 30.86 -25.15
N HIS G 19 -14.37 30.92 -26.44
CA HIS G 19 -15.36 31.37 -27.45
C HIS G 19 -15.15 30.72 -28.81
N VAL G 20 -16.28 30.44 -29.46
CA VAL G 20 -16.35 29.76 -30.73
C VAL G 20 -15.64 30.55 -31.79
N TYR G 21 -14.62 30.00 -32.43
CA TYR G 21 -14.07 30.66 -33.62
C TYR G 21 -14.71 30.14 -34.91
N ASP G 22 -14.97 28.84 -34.98
CA ASP G 22 -15.57 28.27 -36.16
C ASP G 22 -16.45 27.08 -35.77
N GLY G 23 -17.45 26.77 -36.59
CA GLY G 23 -18.50 25.77 -36.25
C GLY G 23 -19.37 26.28 -35.11
N ASN G 24 -20.43 25.53 -34.74
CA ASN G 24 -21.07 25.79 -33.43
C ASN G 24 -21.40 24.58 -32.58
N GLU G 25 -21.68 24.87 -31.33
CA GLU G 25 -21.78 23.86 -30.31
C GLU G 25 -22.94 22.89 -30.57
N ALA G 26 -23.58 22.99 -31.73
CA ALA G 26 -24.52 21.97 -32.12
C ALA G 26 -23.77 20.79 -32.75
N ASN G 27 -22.57 21.06 -33.27
CA ASN G 27 -21.92 20.07 -34.11
C ASN G 27 -21.27 19.11 -33.19
N LEU G 28 -21.22 19.47 -31.92
CA LEU G 28 -20.64 18.60 -30.90
C LEU G 28 -21.70 17.79 -30.27
N LEU G 29 -22.89 17.73 -30.84
CA LEU G 29 -24.02 17.06 -30.20
C LEU G 29 -24.82 16.40 -31.29
N ASP G 30 -24.36 16.61 -32.51
CA ASP G 30 -25.11 16.29 -33.68
C ASP G 30 -25.05 14.81 -34.04
N GLY G 31 -24.21 14.05 -33.36
CA GLY G 31 -23.93 12.69 -33.81
C GLY G 31 -23.05 12.55 -35.07
N ASP G 32 -22.37 13.63 -35.50
CA ASP G 32 -21.44 13.53 -36.63
C ASP G 32 -19.99 13.83 -36.25
N ASP G 33 -19.16 12.81 -36.33
CA ASP G 33 -17.71 12.90 -36.09
C ASP G 33 -17.04 13.95 -36.98
N ASN G 34 -17.75 14.39 -38.01
CA ASN G 34 -17.11 15.18 -39.05
C ASN G 34 -17.39 16.65 -39.03
N THR G 35 -18.48 16.99 -38.34
CA THR G 35 -18.73 18.36 -37.89
C THR G 35 -17.97 18.62 -36.58
N GLY G 36 -17.73 19.89 -36.31
CA GLY G 36 -16.93 20.23 -35.16
C GLY G 36 -16.79 21.71 -34.92
N VAL G 37 -15.99 22.02 -33.91
CA VAL G 37 -15.88 23.34 -33.35
C VAL G 37 -14.43 23.66 -33.03
N TRP G 38 -14.06 24.92 -33.21
CA TRP G 38 -12.73 25.37 -32.89
C TRP G 38 -12.89 26.55 -31.94
N TYR G 39 -12.09 26.60 -30.89
CA TYR G 39 -12.29 27.56 -29.82
C TYR G 39 -11.05 28.34 -29.59
N LYS G 40 -11.19 29.65 -29.42
CA LYS G 40 -10.11 30.44 -28.83
C LYS G 40 -10.49 30.59 -27.37
N ARG G 41 -9.57 31.16 -26.57
CA ARG G 41 -9.82 31.49 -25.15
C ARG G 41 -9.38 32.93 -24.83
N SER G 42 -10.01 33.59 -23.85
CA SER G 42 -9.67 34.97 -23.47
C SER G 42 -8.59 35.07 -22.41
N ASN G 43 -8.11 36.28 -22.19
CA ASN G 43 -7.07 36.52 -21.20
C ASN G 43 -5.96 35.41 -21.08
N GLY G 44 -5.34 35.05 -22.20
CA GLY G 44 -4.20 34.11 -22.22
C GLY G 44 -4.48 33.00 -23.22
N GLU G 45 -3.51 32.70 -24.06
CA GLU G 45 -3.70 31.71 -25.12
C GLU G 45 -3.88 30.29 -24.60
N ALA G 46 -3.13 30.00 -23.52
CA ALA G 46 -2.83 28.66 -23.01
C ALA G 46 -3.95 28.13 -22.19
N SER G 47 -4.05 26.81 -22.13
CA SER G 47 -5.18 26.23 -21.39
C SER G 47 -4.82 25.72 -20.05
N LEU G 48 -5.47 26.32 -19.07
CA LEU G 48 -5.18 26.05 -17.68
C LEU G 48 -5.84 24.79 -17.15
N ALA G 49 -5.08 24.12 -16.28
CA ALA G 49 -5.52 22.98 -15.52
C ALA G 49 -6.91 23.21 -14.93
N GLY G 50 -7.77 22.19 -15.01
CA GLY G 50 -9.12 22.35 -14.52
C GLY G 50 -10.11 22.91 -15.52
N GLU G 51 -9.63 23.34 -16.69
CA GLU G 51 -10.54 23.62 -17.79
C GLU G 51 -11.17 22.35 -18.35
N PHE G 52 -12.36 22.50 -18.88
CA PHE G 52 -13.11 21.32 -19.17
C PHE G 52 -14.14 21.47 -20.29
N ILE G 53 -14.65 20.33 -20.75
CA ILE G 53 -15.78 20.29 -21.68
C ILE G 53 -16.54 18.97 -21.52
N GLY G 54 -17.86 19.02 -21.53
CA GLY G 54 -18.64 17.81 -21.40
C GLY G 54 -20.13 18.01 -21.42
N LEU G 55 -20.84 17.24 -20.59
CA LEU G 55 -22.27 17.10 -20.76
C LEU G 55 -23.10 17.25 -19.48
N ASP G 56 -24.21 18.00 -19.57
CA ASP G 56 -25.26 18.05 -18.54
C ASP G 56 -26.46 17.32 -19.11
N LEU G 57 -26.83 16.25 -18.42
CA LEU G 57 -27.90 15.38 -18.88
C LEU G 57 -29.27 15.58 -18.19
N GLY G 58 -29.45 16.71 -17.48
CA GLY G 58 -30.76 17.02 -16.87
C GLY G 58 -31.02 16.18 -15.64
N LYS G 59 -31.46 14.93 -15.83
CA LYS G 59 -31.60 13.96 -14.70
C LYS G 59 -30.28 13.24 -14.43
N GLU G 60 -30.17 12.56 -13.30
CA GLU G 60 -28.99 11.69 -13.12
C GLU G 60 -29.31 10.37 -13.82
N ILE G 61 -28.38 9.85 -14.63
CA ILE G 61 -28.62 8.55 -15.26
C ILE G 61 -27.49 7.54 -15.30
N LYS G 62 -27.91 6.31 -15.61
CA LYS G 62 -27.13 5.11 -15.51
C LYS G 62 -26.32 5.04 -16.81
N LEU G 63 -25.05 5.41 -16.80
CA LEU G 63 -24.27 5.43 -18.05
C LEU G 63 -23.58 4.13 -18.27
N ASP G 64 -23.46 3.74 -19.53
CA ASP G 64 -22.85 2.46 -19.88
C ASP G 64 -21.55 2.66 -20.63
N GLY G 65 -21.21 3.91 -20.90
CA GLY G 65 -20.00 4.18 -21.63
C GLY G 65 -20.12 5.60 -22.10
N ILE G 66 -19.15 6.06 -22.88
CA ILE G 66 -19.20 7.42 -23.38
C ILE G 66 -18.39 7.35 -24.62
N ARG G 67 -18.62 8.28 -25.53
CA ARG G 67 -17.86 8.34 -26.74
C ARG G 67 -17.63 9.81 -27.05
N PHE G 68 -16.39 10.26 -26.87
CA PHE G 68 -16.07 11.67 -27.05
C PHE G 68 -14.99 11.81 -28.09
N VAL G 69 -15.24 12.64 -29.09
CA VAL G 69 -14.21 12.85 -30.12
C VAL G 69 -13.59 14.22 -29.90
N ILE G 70 -12.29 14.22 -29.64
CA ILE G 70 -11.62 15.44 -29.30
C ILE G 70 -10.62 15.71 -30.37
N GLY G 71 -10.31 17.00 -30.57
CA GLY G 71 -9.71 17.49 -31.82
C GLY G 71 -10.81 17.59 -32.86
N LYS G 72 -10.47 18.16 -34.01
CA LYS G 72 -11.16 17.85 -35.27
C LYS G 72 -10.20 17.86 -36.43
N ASN G 73 -10.72 17.26 -37.48
CA ASN G 73 -10.00 17.05 -38.69
C ASN G 73 -8.94 18.06 -38.93
N GLY G 74 -8.32 17.89 -40.08
CA GLY G 74 -7.24 18.73 -40.51
C GLY G 74 -5.92 18.17 -40.08
N GLY G 75 -4.89 18.58 -40.79
CA GLY G 75 -3.55 18.21 -40.45
C GLY G 75 -2.95 19.55 -40.15
N GLY G 76 -3.60 20.28 -39.26
CA GLY G 76 -3.19 21.60 -38.89
C GLY G 76 -2.33 21.56 -37.66
N SER G 77 -2.60 22.47 -36.76
CA SER G 77 -1.79 22.58 -35.55
C SER G 77 -2.31 21.67 -34.44
N SER G 78 -1.51 21.40 -33.40
CA SER G 78 -1.89 20.44 -32.36
C SER G 78 -3.19 20.88 -31.73
N ASP G 79 -4.11 19.98 -31.47
CA ASP G 79 -5.42 20.46 -31.09
C ASP G 79 -6.00 19.82 -29.85
N LYS G 80 -5.19 19.03 -29.14
CA LYS G 80 -5.70 18.33 -27.97
C LYS G 80 -4.88 18.65 -26.72
N TRP G 81 -5.47 18.41 -25.54
CA TRP G 81 -4.78 18.47 -24.26
C TRP G 81 -3.75 17.37 -24.22
N ASN G 82 -2.73 17.44 -23.36
CA ASN G 82 -1.83 16.29 -23.23
C ASN G 82 -2.13 15.35 -22.10
N LYS G 83 -2.56 15.96 -20.98
CA LYS G 83 -2.86 15.22 -19.76
C LYS G 83 -4.22 15.69 -19.32
N PHE G 84 -5.16 14.77 -19.16
CA PHE G 84 -6.51 15.20 -18.75
C PHE G 84 -7.27 14.03 -18.18
N LYS G 85 -8.46 14.30 -17.70
CA LYS G 85 -9.16 13.27 -16.97
C LYS G 85 -10.64 13.23 -17.29
N LEU G 86 -11.19 12.02 -17.34
CA LEU G 86 -12.63 11.87 -17.46
C LEU G 86 -13.20 11.75 -16.07
N GLU G 87 -14.21 12.56 -15.74
CA GLU G 87 -14.79 12.62 -14.39
C GLU G 87 -16.29 12.86 -14.33
N TYR G 88 -16.95 12.37 -13.28
CA TYR G 88 -18.37 12.58 -13.18
C TYR G 88 -18.83 13.13 -11.84
N SER G 89 -20.03 13.73 -11.85
CA SER G 89 -20.66 14.28 -10.66
C SER G 89 -22.18 14.14 -10.69
N LEU G 90 -22.81 14.27 -9.52
CA LEU G 90 -24.27 14.22 -9.42
C LEU G 90 -24.80 15.59 -9.06
N ASP G 91 -23.91 16.39 -8.46
CA ASP G 91 -24.28 17.67 -7.86
C ASP G 91 -23.79 18.84 -8.66
N ASN G 92 -22.76 18.59 -9.48
CA ASN G 92 -21.89 19.62 -10.06
C ASN G 92 -20.99 20.27 -9.00
N GLU G 93 -20.60 19.51 -8.00
CA GLU G 93 -19.63 20.07 -7.09
C GLU G 93 -18.46 19.14 -6.81
N SER G 94 -18.71 17.88 -6.54
CA SER G 94 -17.56 16.99 -6.44
C SER G 94 -17.55 15.90 -7.49
N TRP G 95 -16.33 15.52 -7.83
CA TRP G 95 -16.07 14.88 -9.07
C TRP G 95 -15.21 13.68 -8.75
N THR G 96 -15.55 12.59 -9.42
CA THR G 96 -14.88 11.35 -9.26
C THR G 96 -14.20 11.02 -10.58
N THR G 97 -12.91 10.74 -10.50
CA THR G 97 -12.14 10.48 -11.71
C THR G 97 -12.43 9.07 -12.21
N ILE G 98 -12.62 8.91 -13.53
CA ILE G 98 -12.68 7.57 -14.12
C ILE G 98 -11.40 7.18 -14.83
N LYS G 99 -10.82 8.06 -15.60
CA LYS G 99 -9.63 7.62 -16.19
C LYS G 99 -8.92 8.85 -16.40
N GLU G 100 -7.68 8.65 -16.78
CA GLU G 100 -6.76 9.73 -16.95
C GLU G 100 -5.95 9.41 -18.16
N TYR G 101 -5.74 10.40 -19.00
CA TYR G 101 -5.12 10.13 -20.27
C TYR G 101 -3.87 10.95 -20.36
N ASP G 102 -2.86 10.36 -20.99
CA ASP G 102 -1.69 11.08 -21.42
C ASP G 102 -1.56 10.89 -22.95
N LYS G 103 -1.92 11.94 -23.67
CA LYS G 103 -1.90 11.95 -25.12
C LYS G 103 -0.71 12.72 -25.65
N THR G 104 0.38 12.74 -24.90
CA THR G 104 1.49 13.65 -25.22
C THR G 104 2.03 13.23 -26.57
N GLY G 105 2.01 14.21 -27.47
CA GLY G 105 2.60 14.00 -28.76
C GLY G 105 1.76 13.26 -29.78
N ALA G 106 0.44 13.29 -29.61
CA ALA G 106 -0.52 12.80 -30.60
C ALA G 106 -0.48 13.66 -31.82
N PRO G 107 -0.77 13.09 -33.02
CA PRO G 107 -0.75 13.96 -34.19
C PRO G 107 -1.94 14.88 -34.11
N ALA G 108 -1.91 16.00 -34.82
CA ALA G 108 -3.14 16.79 -34.82
C ALA G 108 -4.17 15.94 -35.54
N GLY G 109 -5.43 16.10 -35.13
CA GLY G 109 -6.50 15.37 -35.76
C GLY G 109 -7.49 14.94 -34.74
N LYS G 110 -8.46 14.14 -35.11
CA LYS G 110 -9.46 13.79 -34.14
C LYS G 110 -8.97 12.55 -33.44
N ASP G 111 -9.57 12.25 -32.31
CA ASP G 111 -9.16 11.14 -31.47
C ASP G 111 -10.41 10.72 -30.70
N VAL G 112 -10.70 9.43 -30.77
CA VAL G 112 -11.96 8.88 -30.26
C VAL G 112 -11.78 8.37 -28.84
N ILE G 113 -12.31 9.08 -27.87
CA ILE G 113 -12.20 8.53 -26.55
C ILE G 113 -13.43 7.69 -26.26
N GLU G 114 -13.31 6.38 -26.49
CA GLU G 114 -14.46 5.51 -26.23
C GLU G 114 -14.23 4.68 -24.97
N GLU G 115 -15.15 4.81 -24.02
CA GLU G 115 -15.00 4.02 -22.83
C GLU G 115 -16.22 3.20 -22.56
N SER G 116 -15.97 1.94 -22.24
CA SER G 116 -17.05 1.07 -21.90
C SER G 116 -17.14 0.76 -20.39
N PHE G 117 -18.27 1.17 -19.78
CA PHE G 117 -18.51 1.04 -18.34
C PHE G 117 -19.19 -0.28 -17.92
N GLU G 118 -18.46 -1.39 -17.99
CA GLU G 118 -18.97 -2.68 -17.58
C GLU G 118 -19.88 -2.77 -16.32
N THR G 119 -19.72 -1.90 -15.35
CA THR G 119 -20.74 -1.83 -14.32
C THR G 119 -21.14 -0.39 -14.35
N PRO G 120 -22.42 -0.11 -14.59
CA PRO G 120 -22.82 1.24 -14.98
C PRO G 120 -22.57 2.28 -13.90
N ILE G 121 -22.43 3.52 -14.31
CA ILE G 121 -22.18 4.64 -13.42
C ILE G 121 -23.35 5.60 -13.52
N SER G 122 -23.80 6.13 -12.38
CA SER G 122 -24.85 7.15 -12.46
C SER G 122 -24.37 8.54 -12.11
N ALA G 123 -24.52 9.44 -13.07
CA ALA G 123 -24.00 10.77 -12.97
C ALA G 123 -25.04 11.65 -13.59
N LYS G 124 -24.99 12.93 -13.20
CA LYS G 124 -25.82 13.97 -13.78
C LYS G 124 -24.92 14.79 -14.73
N TYR G 125 -23.60 14.60 -14.56
CA TYR G 125 -22.56 15.28 -15.34
C TYR G 125 -21.40 14.36 -15.63
N ILE G 126 -20.68 14.65 -16.70
CA ILE G 126 -19.51 13.88 -17.07
C ILE G 126 -18.73 14.73 -18.07
N ARG G 127 -17.42 14.86 -17.92
CA ARG G 127 -16.68 15.83 -18.72
C ARG G 127 -15.23 15.42 -18.80
N LEU G 128 -14.50 16.00 -19.72
CA LEU G 128 -13.07 15.85 -19.69
C LEU G 128 -12.52 17.11 -19.10
N THR G 129 -11.50 16.95 -18.26
CA THR G 129 -10.89 18.07 -17.58
C THR G 129 -9.38 17.99 -17.70
N ASN G 130 -8.79 19.14 -18.09
CA ASN G 130 -7.34 19.29 -18.31
C ASN G 130 -6.52 19.17 -17.01
N LEU G 131 -5.36 18.52 -17.10
CA LEU G 131 -4.52 18.39 -15.91
C LEU G 131 -3.43 19.42 -15.93
N GLU G 132 -2.48 19.28 -16.84
CA GLU G 132 -1.39 20.25 -16.94
C GLU G 132 -1.72 21.33 -18.00
N PRO G 133 -1.12 22.57 -17.90
CA PRO G 133 -1.37 23.64 -18.90
C PRO G 133 -0.91 23.23 -20.33
N ARG G 134 -1.57 23.84 -21.32
CA ARG G 134 -1.49 23.33 -22.69
C ARG G 134 -1.52 24.46 -23.68
N HIS G 135 -0.39 24.73 -24.33
CA HIS G 135 -0.28 25.93 -25.18
C HIS G 135 -0.75 25.71 -26.60
N VAL G 136 -2.04 25.50 -26.72
CA VAL G 136 -2.59 25.07 -27.96
C VAL G 136 -3.92 25.77 -28.21
N GLN G 137 -4.61 25.42 -29.28
CA GLN G 137 -5.93 25.95 -29.49
C GLN G 137 -6.87 24.79 -29.67
N LEU G 138 -7.75 24.57 -28.69
CA LEU G 138 -8.57 23.33 -28.61
C LEU G 138 -9.70 23.29 -29.61
N THR G 139 -9.79 22.15 -30.31
CA THR G 139 -10.91 21.84 -31.17
C THR G 139 -11.52 20.54 -30.66
N PHE G 140 -12.78 20.31 -31.00
CA PHE G 140 -13.57 19.14 -30.54
C PHE G 140 -14.61 18.69 -31.56
N SER G 141 -15.12 17.48 -31.45
CA SER G 141 -16.00 16.94 -32.49
C SER G 141 -17.32 16.37 -32.07
N GLU G 142 -17.35 15.43 -31.13
CA GLU G 142 -18.61 14.81 -30.77
C GLU G 142 -18.61 14.47 -29.27
N PHE G 143 -19.78 14.51 -28.65
CA PHE G 143 -19.94 14.11 -27.25
C PHE G 143 -21.20 13.28 -27.05
N ALA G 144 -21.05 11.99 -26.84
CA ALA G 144 -22.21 11.10 -26.70
C ALA G 144 -22.06 10.16 -25.52
N ILE G 145 -23.17 9.91 -24.83
CA ILE G 145 -23.20 8.92 -23.79
C ILE G 145 -23.72 7.67 -24.42
N VAL G 146 -23.64 6.57 -23.69
CA VAL G 146 -24.30 5.33 -24.08
C VAL G 146 -25.20 4.88 -22.95
N SER G 147 -26.35 4.33 -23.33
CA SER G 147 -27.43 3.95 -22.41
C SER G 147 -28.24 2.69 -22.85
N ASP G 148 -28.28 2.49 -24.19
CA ASP G 148 -28.91 1.35 -24.99
C ASP G 148 -30.31 0.75 -24.65
N SER G 182 -10.73 24.91 -49.80
CA SER G 182 -10.49 26.07 -48.94
C SER G 182 -8.99 26.28 -48.56
N GLN G 183 -8.46 27.45 -48.99
CA GLN G 183 -7.16 27.97 -48.58
C GLN G 183 -7.09 28.00 -47.01
N VAL G 184 -5.89 28.12 -46.48
CA VAL G 184 -5.65 28.16 -45.04
C VAL G 184 -6.37 29.26 -44.31
N GLN G 185 -6.52 29.06 -43.00
CA GLN G 185 -6.93 30.10 -42.10
C GLN G 185 -5.82 30.21 -41.11
N LEU G 186 -5.43 31.43 -40.74
CA LEU G 186 -4.54 31.60 -39.61
C LEU G 186 -5.34 32.18 -38.46
N VAL G 187 -5.27 31.56 -37.28
CA VAL G 187 -6.10 32.00 -36.15
C VAL G 187 -5.29 32.49 -34.94
N GLU G 188 -5.66 33.67 -34.42
CA GLU G 188 -5.02 34.22 -33.23
C GLU G 188 -5.90 34.00 -32.01
N SER G 189 -5.25 33.71 -30.87
CA SER G 189 -5.94 33.42 -29.61
C SER G 189 -5.12 33.99 -28.46
N GLY G 190 -5.83 34.33 -27.37
CA GLY G 190 -5.28 35.10 -26.24
C GLY G 190 -6.29 36.18 -26.01
N GLY G 191 -6.02 37.40 -26.48
CA GLY G 191 -7.02 38.44 -26.60
C GLY G 191 -8.00 38.65 -25.48
N GLY G 192 -8.01 39.84 -24.93
CA GLY G 192 -9.01 40.23 -23.92
C GLY G 192 -8.82 41.63 -23.39
N LEU G 193 -8.69 41.72 -22.06
CA LEU G 193 -8.66 42.98 -21.38
C LEU G 193 -7.88 42.72 -20.11
N VAL G 194 -6.63 43.19 -20.05
CA VAL G 194 -5.85 43.03 -18.85
C VAL G 194 -5.52 44.43 -18.30
N GLN G 195 -5.01 44.51 -17.08
CA GLN G 195 -4.74 45.82 -16.51
C GLN G 195 -3.26 46.17 -16.50
N ALA G 196 -2.99 47.48 -16.61
CA ALA G 196 -1.63 48.05 -16.63
C ALA G 196 -0.63 47.27 -15.79
N GLY G 197 0.65 47.38 -16.12
CA GLY G 197 1.69 46.64 -15.39
C GLY G 197 1.72 45.11 -15.48
N GLY G 198 0.68 44.48 -16.03
CA GLY G 198 0.62 43.00 -16.14
C GLY G 198 1.36 42.20 -17.24
N SER G 199 0.66 41.18 -17.74
CA SER G 199 1.27 40.09 -18.52
C SER G 199 0.18 39.27 -19.22
N LEU G 200 0.30 39.08 -20.53
CA LEU G 200 -0.66 38.34 -21.35
C LEU G 200 0.07 37.64 -22.53
N ARG G 201 -0.32 36.41 -22.86
CA ARG G 201 0.31 35.60 -23.94
C ARG G 201 -0.67 35.24 -25.07
N LEU G 202 -0.16 35.12 -26.30
CA LEU G 202 -0.99 34.89 -27.48
C LEU G 202 -0.50 33.73 -28.37
N SER G 203 -1.43 33.06 -29.04
CA SER G 203 -1.00 31.97 -29.90
C SER G 203 -1.59 32.19 -31.22
N CYS G 204 -0.80 31.82 -32.21
CA CYS G 204 -1.27 31.67 -33.56
C CYS G 204 -1.18 30.22 -33.98
N ALA G 205 -2.30 29.66 -34.44
CA ALA G 205 -2.29 28.33 -35.07
C ALA G 205 -2.80 28.43 -36.49
N ALA G 206 -2.87 27.30 -37.21
CA ALA G 206 -3.18 27.28 -38.63
C ALA G 206 -3.95 26.01 -39.04
N SER G 207 -4.85 26.09 -40.00
CA SER G 207 -5.72 24.93 -40.35
C SER G 207 -5.06 23.82 -41.20
N ARG G 208 -3.96 24.16 -41.86
CA ARG G 208 -3.17 23.16 -42.58
C ARG G 208 -1.71 23.54 -42.40
N ARG G 209 -0.80 22.67 -42.83
CA ARG G 209 0.58 22.87 -42.53
C ARG G 209 1.36 22.66 -43.79
N SER G 210 2.14 23.67 -44.10
CA SER G 210 2.76 23.84 -45.42
C SER G 210 4.07 23.14 -45.36
N SER G 211 4.56 22.75 -46.51
CA SER G 211 5.81 22.08 -46.62
C SER G 211 6.88 23.12 -46.81
N ARG G 212 6.47 24.35 -47.00
CA ARG G 212 7.39 25.44 -47.11
C ARG G 212 7.62 25.94 -45.71
N SER G 213 8.79 26.51 -45.48
CA SER G 213 9.18 26.99 -44.17
C SER G 213 8.93 28.52 -44.01
N TRP G 214 8.03 28.97 -43.14
CA TRP G 214 7.66 30.41 -43.09
C TRP G 214 8.25 31.23 -41.92
N ALA G 215 8.69 32.45 -42.22
CA ALA G 215 8.95 33.44 -41.15
C ALA G 215 7.57 33.88 -40.68
N MET G 216 7.43 34.09 -39.38
CA MET G 216 6.15 34.55 -38.82
C MET G 216 6.33 35.85 -38.07
N ALA G 217 5.25 36.60 -37.98
CA ALA G 217 5.32 37.90 -37.36
C ALA G 217 3.99 38.36 -36.71
N TRP G 218 4.11 39.31 -35.77
CA TRP G 218 2.98 39.91 -35.11
C TRP G 218 3.01 41.38 -35.41
N PHE G 219 1.80 41.96 -35.51
CA PHE G 219 1.55 43.33 -35.95
C PHE G 219 0.35 43.76 -35.13
N ARG G 220 0.26 45.04 -34.74
CA ARG G 220 -0.95 45.58 -34.06
C ARG G 220 -1.50 46.90 -34.65
N GLN G 221 -2.80 47.17 -34.49
CA GLN G 221 -3.31 48.51 -34.83
C GLN G 221 -4.51 48.95 -33.99
N ALA G 222 -4.36 50.16 -33.42
CA ALA G 222 -5.45 50.87 -32.76
C ALA G 222 -6.39 51.44 -33.84
N PRO G 223 -7.72 51.47 -33.56
CA PRO G 223 -8.66 52.21 -34.41
C PRO G 223 -8.16 53.64 -34.73
N GLY G 224 -8.63 54.20 -35.85
CA GLY G 224 -8.17 55.51 -36.36
C GLY G 224 -6.72 55.58 -36.87
N LYS G 225 -5.94 54.54 -36.59
CA LYS G 225 -4.47 54.60 -36.64
C LYS G 225 -3.81 53.63 -37.61
N GLU G 226 -2.47 53.71 -37.68
CA GLU G 226 -1.64 52.87 -38.56
C GLU G 226 -1.32 51.48 -38.00
N ARG G 227 -1.14 50.54 -38.92
CA ARG G 227 -0.84 49.16 -38.58
C ARG G 227 0.65 48.96 -38.47
N GLU G 228 1.09 48.54 -37.31
CA GLU G 228 2.47 48.67 -36.89
C GLU G 228 3.09 47.30 -36.65
N PHE G 229 4.33 47.14 -37.08
CA PHE G 229 5.11 45.95 -36.86
C PHE G 229 5.35 45.84 -35.39
N VAL G 230 5.15 44.62 -34.87
CA VAL G 230 5.43 44.27 -33.46
C VAL G 230 6.65 43.37 -33.28
N ALA G 231 6.66 42.18 -33.87
CA ALA G 231 7.90 41.37 -33.92
C ALA G 231 7.84 40.23 -34.88
N LYS G 232 9.01 39.67 -35.20
CA LYS G 232 9.13 38.70 -36.30
C LYS G 232 10.18 37.62 -36.03
N ILE G 233 9.97 36.41 -36.54
CA ILE G 233 10.89 35.30 -36.22
C ILE G 233 11.13 34.41 -37.41
N SER G 234 12.38 33.97 -37.60
CA SER G 234 12.68 33.08 -38.71
C SER G 234 11.99 31.73 -38.56
N GLY G 235 11.87 31.01 -39.67
CA GLY G 235 11.11 29.77 -39.71
C GLY G 235 11.64 28.80 -38.69
N ASP G 236 12.98 28.74 -38.60
CA ASP G 236 13.60 27.87 -37.62
C ASP G 236 13.75 28.52 -36.25
N GLY G 237 13.29 29.76 -36.09
CA GLY G 237 13.28 30.39 -34.78
C GLY G 237 14.58 30.94 -34.23
N ARG G 238 15.69 30.61 -34.88
CA ARG G 238 17.00 31.13 -34.47
C ARG G 238 17.13 32.63 -34.60
N LEU G 239 16.08 33.33 -35.02
CA LEU G 239 16.23 34.74 -35.37
C LEU G 239 15.04 35.58 -35.10
N THR G 240 15.25 36.60 -34.28
CA THR G 240 14.19 37.50 -33.87
C THR G 240 14.65 38.94 -34.03
N THR G 241 13.68 39.82 -34.19
CA THR G 241 13.85 41.26 -34.03
C THR G 241 12.48 41.84 -33.63
N TYR G 242 12.52 42.77 -32.69
CA TYR G 242 11.32 43.23 -32.01
C TYR G 242 11.11 44.67 -32.46
N GLY G 243 9.86 45.16 -32.44
CA GLY G 243 9.54 46.61 -32.62
C GLY G 243 10.18 47.54 -31.57
N ASP G 244 10.10 48.85 -31.73
CA ASP G 244 10.89 49.71 -30.85
C ASP G 244 10.25 50.04 -29.55
N SER G 245 8.95 50.29 -29.65
CA SER G 245 8.12 50.54 -28.47
C SER G 245 8.08 49.30 -27.58
N VAL G 246 8.67 48.20 -28.06
CA VAL G 246 8.58 46.94 -27.32
C VAL G 246 9.88 46.20 -26.93
N LYS G 247 11.01 46.48 -27.59
CA LYS G 247 12.25 45.67 -27.33
C LYS G 247 12.53 45.54 -25.82
N GLY G 248 12.87 44.32 -25.38
CA GLY G 248 13.07 44.05 -23.95
C GLY G 248 11.83 43.55 -23.21
N ARG G 249 10.64 44.08 -23.54
CA ARG G 249 9.39 43.72 -22.87
C ARG G 249 8.74 42.43 -23.37
N PHE G 250 8.43 42.40 -24.68
CA PHE G 250 7.77 41.24 -25.35
C PHE G 250 8.74 40.14 -25.81
N THR G 251 8.20 38.93 -25.93
CA THR G 251 8.88 37.82 -26.59
C THR G 251 8.03 37.05 -27.62
N ILE G 252 8.63 36.82 -28.78
CA ILE G 252 8.09 35.96 -29.81
C ILE G 252 8.83 34.60 -29.77
N SER G 253 8.06 33.53 -29.85
CA SER G 253 8.68 32.20 -29.93
C SER G 253 7.79 31.33 -30.83
N ARG G 254 8.31 30.19 -31.28
CA ARG G 254 7.43 29.31 -32.02
C ARG G 254 7.79 27.88 -31.76
N ASP G 255 6.75 27.07 -31.74
CA ASP G 255 6.94 25.66 -31.63
C ASP G 255 6.55 25.04 -32.94
N ASN G 256 7.58 24.63 -33.64
CA ASN G 256 7.39 24.13 -34.97
C ASN G 256 6.70 22.80 -34.97
N ALA G 257 7.15 21.90 -34.10
CA ALA G 257 6.59 20.57 -34.00
C ALA G 257 5.08 20.61 -33.74
N GLU G 258 4.64 21.67 -33.08
CA GLU G 258 3.27 21.76 -32.64
C GLU G 258 2.51 22.59 -33.62
N TYR G 259 3.30 23.44 -34.31
CA TYR G 259 2.86 24.43 -35.30
C TYR G 259 2.17 25.56 -34.63
N LEU G 260 2.78 26.14 -33.60
CA LEU G 260 2.20 27.38 -33.10
C LEU G 260 3.21 28.50 -32.93
N VAL G 261 2.74 29.74 -33.02
CA VAL G 261 3.63 30.87 -32.69
C VAL G 261 2.98 31.53 -31.52
N TYR G 262 3.82 32.03 -30.60
CA TYR G 262 3.38 32.74 -29.39
C TYR G 262 4.00 34.12 -29.23
N LEU G 263 3.22 34.99 -28.60
CA LEU G 263 3.62 36.32 -28.17
C LEU G 263 3.48 36.55 -26.67
N GLN G 264 4.60 36.59 -25.95
CA GLN G 264 4.60 36.86 -24.50
C GLN G 264 4.75 38.36 -24.19
N MET G 265 3.73 38.96 -23.60
CA MET G 265 3.76 40.39 -23.29
C MET G 265 3.94 40.72 -21.78
N ASP G 266 4.94 41.55 -21.47
CA ASP G 266 5.12 41.95 -20.07
C ASP G 266 5.05 43.48 -19.87
N SER G 267 4.66 43.90 -18.67
CA SER G 267 4.51 45.33 -18.35
C SER G 267 3.70 46.05 -19.42
N LEU G 268 2.43 45.70 -19.54
CA LEU G 268 1.63 46.27 -20.60
C LEU G 268 1.17 47.66 -20.24
N LYS G 269 1.02 48.47 -21.27
CA LYS G 269 0.71 49.86 -21.12
C LYS G 269 -0.59 50.09 -21.87
N PRO G 270 -1.31 51.16 -21.57
CA PRO G 270 -2.50 51.42 -22.39
C PRO G 270 -2.15 51.60 -23.88
N GLU G 271 -0.93 52.09 -24.16
CA GLU G 271 -0.45 52.31 -25.53
C GLU G 271 -0.67 51.05 -26.36
N ASP G 272 -0.54 49.90 -25.68
CA ASP G 272 -0.56 48.57 -26.27
C ASP G 272 -1.92 48.10 -26.80
N THR G 273 -3.01 48.76 -26.38
CA THR G 273 -4.35 48.46 -26.90
C THR G 273 -4.38 48.45 -28.43
N ALA G 274 -4.89 47.35 -29.01
CA ALA G 274 -5.01 47.24 -30.45
C ALA G 274 -5.54 45.87 -30.74
N VAL G 275 -5.93 45.66 -31.98
CA VAL G 275 -6.19 44.32 -32.46
C VAL G 275 -4.79 43.80 -32.77
N TYR G 276 -4.51 42.54 -32.42
CA TYR G 276 -3.21 41.94 -32.79
C TYR G 276 -3.30 40.87 -33.88
N TYR G 277 -2.35 40.90 -34.81
CA TYR G 277 -2.44 40.10 -36.02
C TYR G 277 -1.23 39.20 -36.16
N CYS G 278 -1.45 37.97 -36.55
CA CYS G 278 -0.29 37.14 -36.78
C CYS G 278 -0.31 36.93 -38.23
N ALA G 279 0.87 36.75 -38.82
CA ALA G 279 1.01 36.75 -40.26
C ALA G 279 2.26 35.95 -40.66
N ALA G 280 2.22 35.37 -41.86
CA ALA G 280 3.29 34.55 -42.28
C ALA G 280 3.83 35.18 -43.54
N ASP G 281 5.13 35.03 -43.73
CA ASP G 281 5.90 35.64 -44.83
C ASP G 281 6.99 34.65 -45.19
N ASP G 282 7.20 34.45 -46.48
CA ASP G 282 8.19 33.52 -46.96
C ASP G 282 9.63 34.01 -46.85
N ASN G 283 9.83 35.32 -46.69
CA ASN G 283 11.17 35.88 -46.52
C ASN G 283 11.22 36.61 -45.22
N TYR G 284 12.12 36.19 -44.32
CA TYR G 284 12.24 36.80 -43.01
C TYR G 284 12.39 38.33 -43.10
N VAL G 285 12.98 38.79 -44.19
CA VAL G 285 13.31 40.19 -44.29
C VAL G 285 12.10 41.08 -44.55
N THR G 286 11.22 40.67 -45.44
CA THR G 286 10.05 41.45 -45.80
C THR G 286 8.99 41.28 -44.71
N ALA G 287 9.26 40.39 -43.77
CA ALA G 287 8.27 40.04 -42.76
C ALA G 287 8.00 41.17 -41.76
N SER G 288 8.91 42.13 -41.62
CA SER G 288 8.58 43.26 -40.74
C SER G 288 7.82 44.39 -41.46
N TRP G 289 7.46 44.16 -42.73
CA TRP G 289 6.81 45.20 -43.56
C TRP G 289 5.42 44.87 -43.94
N ARG G 290 4.53 45.77 -43.56
CA ARG G 290 3.14 45.73 -43.95
C ARG G 290 2.86 44.99 -45.30
N SER G 291 3.77 45.07 -46.27
CA SER G 291 3.56 44.53 -47.65
C SER G 291 4.06 43.09 -47.92
N GLY G 292 4.89 42.59 -47.01
CA GLY G 292 5.69 41.40 -47.24
C GLY G 292 4.87 40.15 -47.15
N PRO G 293 4.36 39.86 -45.94
CA PRO G 293 3.58 38.69 -45.59
C PRO G 293 2.57 38.27 -46.65
N ASP G 294 2.36 36.97 -46.78
CA ASP G 294 1.54 36.40 -47.81
C ASP G 294 0.23 35.86 -47.30
N TYR G 295 0.01 35.92 -45.98
CA TYR G 295 -1.15 35.32 -45.27
C TYR G 295 -1.34 36.05 -43.93
N TRP G 296 -2.59 36.40 -43.58
CA TRP G 296 -2.89 37.16 -42.34
C TRP G 296 -3.95 36.51 -41.42
N GLY G 297 -3.87 36.83 -40.13
CA GLY G 297 -4.88 36.39 -39.18
C GLY G 297 -6.13 37.21 -39.38
N GLN G 298 -6.90 37.34 -38.31
CA GLN G 298 -8.00 38.25 -38.35
C GLN G 298 -7.99 39.02 -37.09
N GLY G 299 -6.99 38.72 -36.29
CA GLY G 299 -6.72 39.52 -35.15
C GLY G 299 -7.49 39.08 -33.95
N THR G 300 -6.84 39.30 -32.82
CA THR G 300 -7.47 39.18 -31.57
C THR G 300 -7.28 40.53 -30.86
N GLN G 301 -8.39 41.00 -30.29
CA GLN G 301 -8.43 42.25 -29.58
C GLN G 301 -7.75 42.16 -28.20
N VAL G 302 -6.63 42.87 -28.05
CA VAL G 302 -6.02 43.16 -26.76
C VAL G 302 -6.38 44.60 -26.30
N THR G 303 -6.59 44.78 -24.98
CA THR G 303 -7.05 46.01 -24.33
C THR G 303 -6.43 46.11 -22.94
N VAL G 304 -5.43 46.97 -22.76
CA VAL G 304 -4.87 47.23 -21.43
C VAL G 304 -5.62 48.41 -20.80
N SER G 305 -5.96 48.34 -19.49
CA SER G 305 -6.56 49.52 -18.81
C SER G 305 -5.76 50.03 -17.60
N SER G 306 -6.12 51.21 -17.09
CA SER G 306 -5.45 51.84 -15.93
C SER G 306 -6.22 51.59 -14.65
N1 MTX H . 3.16 2.69 10.36
C2 MTX H . 3.61 3.77 9.65
NA2 MTX H . 2.79 4.50 8.89
N3 MTX H . 4.89 4.18 9.72
C4 MTX H . 5.78 3.51 10.50
NA4 MTX H . 7.08 3.83 10.64
C4A MTX H . 5.37 2.38 11.21
N5 MTX H . 6.29 1.74 11.94
C6 MTX H . 5.95 0.66 12.64
C7 MTX H . 4.61 0.25 12.60
N8 MTX H . 3.63 0.92 11.82
C8A MTX H . 4.01 1.99 11.12
C9 MTX H . 7.05 -0.04 13.44
N10 MTX H . 6.46 -1.10 14.28
CM MTX H . 6.03 -0.61 15.61
C11 MTX H . 8.35 -4.79 14.49
C12 MTX H . 8.51 -4.04 13.31
C13 MTX H . 7.90 -2.76 13.29
C14 MTX H . 7.11 -2.26 14.36
C15 MTX H . 6.91 -3.03 15.49
C16 MTX H . 7.54 -4.26 15.53
C MTX H . 8.83 -6.06 14.81
O MTX H . 9.92 -6.68 14.23
N MTX H . 8.00 -6.48 15.76
CA MTX H . 8.06 -7.63 16.63
CT MTX H . 9.25 -8.48 16.27
O1 MTX H . 9.25 -9.09 15.21
O2 MTX H . 10.18 -8.38 17.11
CB MTX H . 6.76 -8.40 16.80
CG MTX H . 6.98 -9.64 15.95
CD MTX H . 7.59 -10.83 16.71
OE1 MTX H . 6.83 -11.48 17.55
OE2 MTX H . 8.79 -11.10 16.33
NA NA I . 27.33 -1.90 -0.74
NA NA J . 1.44 -0.46 25.43
N1 MTX K . -3.66 -5.35 0.01
C2 MTX K . -4.18 -6.36 0.77
NA2 MTX K . -4.91 -6.05 1.89
N3 MTX K . -3.99 -7.64 0.42
C4 MTX K . -3.30 -7.93 -0.67
NA4 MTX K . -3.10 -9.18 -1.05
C4A MTX K . -2.73 -6.95 -1.46
N5 MTX K . -1.98 -7.28 -2.55
C6 MTX K . -1.44 -6.31 -3.33
C7 MTX K . -1.67 -4.94 -2.98
N8 MTX K . -2.44 -4.61 -1.81
C8A MTX K . -2.95 -5.62 -1.08
C9 MTX K . -0.61 -6.63 -4.60
N10 MTX K . -0.13 -5.39 -5.24
CM MTX K . -1.08 -5.06 -6.29
C11 MTX K . 3.81 -5.18 -6.66
C12 MTX K . 3.48 -5.96 -5.54
C13 MTX K . 2.18 -6.04 -5.05
C14 MTX K . 1.15 -5.35 -5.70
C15 MTX K . 1.47 -4.55 -6.84
C16 MTX K . 2.78 -4.47 -7.32
C MTX K . 5.10 -5.15 -7.19
O MTX K . 6.12 -5.75 -6.55
N MTX K . 5.17 -4.77 -8.45
CA MTX K . 6.39 -4.65 -9.27
CT MTX K . 6.83 -3.44 -8.59
O1 MTX K . 5.90 -2.69 -8.14
O2 MTX K . 8.06 -3.27 -8.63
CB MTX K . 6.23 -4.22 -10.77
CG MTX K . 6.42 -2.60 -10.98
CD MTX K . 7.08 -1.48 -9.89
OE1 MTX K . 6.30 -0.62 -9.34
OE2 MTX K . 8.34 -1.45 -9.70
NA NA L . 14.33 -25.94 2.65
NA NA M . -6.90 -6.37 -16.72
N1 MTX N . 35.66 31.82 32.94
C2 MTX N . 35.00 32.69 32.16
NA2 MTX N . 35.64 33.80 31.74
N3 MTX N . 33.73 32.43 31.79
C4 MTX N . 33.11 31.32 32.21
NA4 MTX N . 31.88 30.99 31.87
C4A MTX N . 33.75 30.44 33.03
N5 MTX N . 33.13 29.33 33.46
C6 MTX N . 33.76 28.46 34.23
C7 MTX N . 35.06 28.73 34.58
N8 MTX N . 35.72 29.86 34.14
C8A MTX N . 35.07 30.71 33.37
C9 MTX N . 33.08 27.22 34.76
N10 MTX N . 34.08 26.41 35.45
CM MTX N . 34.46 25.36 34.50
C11 MTX N . 32.87 24.51 38.90
C12 MTX N . 32.25 25.68 38.45
C13 MTX N . 32.67 26.35 37.30
C14 MTX N . 33.67 25.82 36.55
C15 MTX N . 34.28 24.64 36.96
C16 MTX N . 33.89 23.98 38.12
C MTX N . 32.37 23.82 40.00
O MTX N . 31.38 24.40 40.75
N MTX N . 32.67 22.49 39.98
CA MTX N . 32.06 21.48 40.91
CT MTX N . 32.36 22.17 42.17
O1 MTX N . 33.48 22.82 42.18
O2 MTX N . 31.43 22.11 43.04
CB MTX N . 32.62 20.01 40.92
CG MTX N . 33.95 19.91 41.82
CD MTX N . 34.33 20.98 42.99
OE1 MTX N . 35.24 21.83 42.73
OE2 MTX N . 33.81 20.91 44.15
NA NA O . 9.95 33.07 41.64
NA NA P . 41.43 17.77 31.42
N1 MTX Q . -12.10 -28.71 48.61
C2 MTX Q . -12.52 -28.12 47.48
NA2 MTX Q . -12.17 -28.61 46.28
N3 MTX Q . -13.33 -27.05 47.50
C4 MTX Q . -13.73 -26.54 48.66
NA4 MTX Q . -14.52 -25.49 48.71
C4A MTX Q . -13.31 -27.09 49.86
N5 MTX Q . -13.69 -26.56 51.05
C6 MTX Q . -13.30 -27.09 52.18
C7 MTX Q . -12.49 -28.20 52.13
N8 MTX Q . -12.07 -28.77 50.93
C8A MTX Q . -12.48 -28.21 49.80
C9 MTX Q . -13.71 -26.50 53.52
N10 MTX Q . -12.98 -27.16 54.61
CM MTX Q . -13.87 -28.22 55.06
C11 MTX Q . -11.49 -25.07 57.93
C12 MTX Q . -11.56 -24.45 56.68
C13 MTX Q . -12.05 -25.14 55.56
C14 MTX Q . -12.52 -26.44 55.65
C15 MTX Q . -12.46 -27.03 56.89
C16 MTX Q . -11.97 -26.37 58.00
C MTX Q . -11.06 -24.43 59.11
O MTX Q . -10.59 -23.15 59.00
N MTX Q . -11.39 -25.09 60.25
CA MTX Q . -11.34 -24.68 61.70
CT MTX Q . -10.17 -23.73 61.98
O1 MTX Q . -9.31 -24.02 62.89
O2 MTX Q . -10.15 -22.71 61.22
CB MTX Q . -11.33 -25.90 62.67
CG MTX Q . -10.37 -27.05 62.15
CD MTX Q . -8.89 -26.81 62.56
OE1 MTX Q . -8.33 -27.67 63.31
OE2 MTX Q . -8.35 -25.77 62.13
NA NA R . -13.59 -1.70 51.54
NA NA S . -18.10 -36.95 60.61
N1 MTX T . 11.20 14.39 -38.49
C2 MTX T . 11.74 14.39 -39.72
NA2 MTX T . 12.42 15.47 -40.08
N3 MTX T . 11.60 13.33 -40.54
C4 MTX T . 10.91 12.27 -40.14
NA4 MTX T . 10.73 11.18 -40.90
C4A MTX T . 10.35 12.26 -38.88
N5 MTX T . 9.67 11.21 -38.50
C6 MTX T . 9.14 11.20 -37.30
C7 MTX T . 9.28 12.26 -36.41
N8 MTX T . 10.00 13.41 -36.79
C8A MTX T . 10.51 13.35 -38.03
C9 MTX T . 8.34 9.97 -36.98
N10 MTX T . 8.01 9.93 -35.62
CM MTX T . 8.90 8.90 -35.10
C11 MTX T . 4.16 9.30 -34.33
C12 MTX T . 4.38 10.06 -35.47
C13 MTX T . 5.67 10.29 -35.94
C14 MTX T . 6.75 9.72 -35.27
C15 MTX T . 6.54 8.96 -34.11
C16 MTX T . 5.25 8.76 -33.66
C MTX T . 2.93 9.01 -33.74
O MTX T . 1.81 8.95 -34.48
N MTX T . 3.04 9.01 -32.39
CA MTX T . 2.16 8.57 -31.26
CT MTX T . 0.88 7.94 -31.70
O1 MTX T . 0.66 6.83 -31.22
O2 MTX T . 0.19 8.57 -32.50
CB MTX T . 2.00 9.57 -30.09
CG MTX T . 0.55 10.00 -30.06
CD MTX T . -0.34 9.20 -29.12
OE1 MTX T . 0.03 9.00 -27.91
OE2 MTX T . -1.44 8.84 -29.65
NA NA U . -7.88 5.14 -56.19
NA NA V . 13.43 5.83 -25.87
N1 MTX W . -8.60 -37.16 -5.68
C2 MTX W . -9.86 -37.12 -5.17
NA2 MTX W . -10.47 -35.91 -5.00
N3 MTX W . -10.47 -38.28 -4.83
C4 MTX W . -9.82 -39.46 -4.98
NA4 MTX W . -10.43 -40.63 -4.66
C4A MTX W . -8.52 -39.55 -5.50
N5 MTX W . -7.82 -40.72 -5.64
C6 MTX W . -6.56 -40.74 -6.15
C7 MTX W . -5.97 -39.54 -6.51
N8 MTX W . -6.68 -38.33 -6.34
C8A MTX W . -7.93 -38.33 -5.85
C9 MTX W . -5.74 -42.01 -6.37
N10 MTX W . -4.48 -41.67 -7.06
CM MTX W . -4.59 -41.98 -8.50
C11 MTX W . -0.65 -43.04 -6.02
C12 MTX W . -1.05 -42.79 -7.33
C13 MTX W . -2.32 -42.34 -7.63
C14 MTX W . -3.26 -42.14 -6.64
C15 MTX W . -2.85 -42.36 -5.30
C16 MTX W . -1.56 -42.80 -4.99
C MTX W . 0.68 -43.45 -5.88
O MTX W . 0.92 -44.74 -5.46
N MTX W . 1.57 -42.42 -6.25
CA MTX W . 3.08 -42.32 -6.31
CT MTX W . 3.85 -43.72 -6.47
O1 MTX W . 4.55 -43.90 -7.52
O2 MTX W . 3.69 -44.60 -5.58
CB MTX W . 3.60 -41.40 -5.17
CG MTX W . 2.85 -41.64 -3.83
CD MTX W . 2.96 -43.13 -3.24
OE1 MTX W . 1.93 -43.67 -2.71
OE2 MTX W . 4.08 -43.71 -3.30
NA NA X . -8.95 -55.13 14.51
NA NA Y . -2.45 -41.92 -19.08
N1 MTX Z . 4.92 27.59 -37.97
C2 MTX Z . 4.57 27.64 -36.68
NA2 MTX Z . 5.48 27.37 -35.77
N3 MTX Z . 3.34 27.97 -36.28
C4 MTX Z . 2.41 28.25 -37.20
NA4 MTX Z . 1.15 28.58 -36.89
C4A MTX Z . 2.74 28.21 -38.57
N5 MTX Z . 1.79 28.48 -39.50
C6 MTX Z . 2.09 28.43 -40.78
C7 MTX Z . 3.40 28.08 -41.17
N8 MTX Z . 4.41 27.78 -40.25
C8A MTX Z . 4.05 27.86 -38.95
C9 MTX Z . 0.94 28.75 -41.76
N10 MTX Z . 1.41 28.73 -43.17
CM MTX Z . 1.70 30.12 -43.59
C11 MTX Z . -0.42 26.71 -46.22
C12 MTX Z . -0.37 26.08 -44.98
C13 MTX Z . 0.24 26.76 -43.94
C14 MTX Z . 0.75 28.06 -44.12
C15 MTX Z . 0.67 28.67 -45.34
C16 MTX Z . 0.07 27.99 -46.37
C MTX Z . -1.05 26.24 -47.35
O MTX Z . -2.10 25.37 -47.19
N MTX Z . -0.69 26.91 -48.48
CA MTX Z . -1.41 26.92 -49.79
CT MTX Z . -1.87 25.53 -50.19
O1 MTX Z . -1.76 25.10 -51.38
O2 MTX Z . -2.41 24.93 -49.23
CB MTX Z . -0.64 27.70 -50.85
CG MTX Z . 0.85 27.29 -50.84
CD MTX Z . 0.87 25.92 -51.55
OE1 MTX Z . 0.43 24.97 -50.85
OE2 MTX Z . 1.22 25.87 -52.79
NA NA AA . -19.82 16.57 -34.85
NA NA BA . 6.40 38.09 -49.39
#